data_1ML8
# 
_entry.id   1ML8 
# 
_audit_conform.dict_name       mmcif_pdbx.dic 
_audit_conform.dict_version    5.397 
_audit_conform.dict_location   http://mmcif.pdb.org/dictionaries/ascii/mmcif_pdbx.dic 
# 
loop_
_database_2.database_id 
_database_2.database_code 
_database_2.pdbx_database_accession 
_database_2.pdbx_DOI 
PDB   1ML8         pdb_00001ml8 10.2210/pdb1ml8/pdb 
RCSB  RCSB017000   ?            ?                   
WWPDB D_1000017000 ?            ?                   
# 
loop_
_pdbx_audit_revision_history.ordinal 
_pdbx_audit_revision_history.data_content_type 
_pdbx_audit_revision_history.major_revision 
_pdbx_audit_revision_history.minor_revision 
_pdbx_audit_revision_history.revision_date 
1 'Structure model' 1 0 2003-04-22 
2 'Structure model' 1 1 2008-04-28 
3 'Structure model' 1 2 2011-07-13 
4 'Structure model' 1 3 2017-10-11 
5 'Structure model' 1 4 2024-10-30 
# 
_pdbx_audit_revision_details.ordinal             1 
_pdbx_audit_revision_details.revision_ordinal    1 
_pdbx_audit_revision_details.data_content_type   'Structure model' 
_pdbx_audit_revision_details.provider            repository 
_pdbx_audit_revision_details.type                'Initial release' 
_pdbx_audit_revision_details.description         ? 
_pdbx_audit_revision_details.details             ? 
# 
loop_
_pdbx_audit_revision_group.ordinal 
_pdbx_audit_revision_group.revision_ordinal 
_pdbx_audit_revision_group.data_content_type 
_pdbx_audit_revision_group.group 
1 2 'Structure model' 'Version format compliance' 
2 3 'Structure model' Advisory                    
3 3 'Structure model' 'Version format compliance' 
4 4 'Structure model' 'Refinement description'    
5 5 'Structure model' 'Data collection'           
6 5 'Structure model' 'Database references'       
7 5 'Structure model' 'Structure summary'         
# 
loop_
_pdbx_audit_revision_category.ordinal 
_pdbx_audit_revision_category.revision_ordinal 
_pdbx_audit_revision_category.data_content_type 
_pdbx_audit_revision_category.category 
1 4 'Structure model' software                  
2 5 'Structure model' chem_comp_atom            
3 5 'Structure model' chem_comp_bond            
4 5 'Structure model' database_2                
5 5 'Structure model' pdbx_entry_details        
6 5 'Structure model' pdbx_modification_feature 
# 
loop_
_pdbx_audit_revision_item.ordinal 
_pdbx_audit_revision_item.revision_ordinal 
_pdbx_audit_revision_item.data_content_type 
_pdbx_audit_revision_item.item 
1 4 'Structure model' '_software.classification'            
2 4 'Structure model' '_software.name'                      
3 5 'Structure model' '_database_2.pdbx_DOI'                
4 5 'Structure model' '_database_2.pdbx_database_accession' 
# 
_pdbx_database_status.status_code                     REL 
_pdbx_database_status.entry_id                        1ML8 
_pdbx_database_status.recvd_initial_deposition_date   2002-08-30 
_pdbx_database_status.deposit_site                    RCSB 
_pdbx_database_status.process_site                    RCSB 
_pdbx_database_status.SG_entry                        Y 
_pdbx_database_status.status_code_sf                  REL 
_pdbx_database_status.pdb_format_compatible           Y 
_pdbx_database_status.status_code_mr                  ? 
_pdbx_database_status.status_code_cs                  ? 
_pdbx_database_status.methods_development_category    ? 
_pdbx_database_status.status_code_nmr_data            ? 
# 
_pdbx_database_related.db_name        TargetDB 
_pdbx_database_related.db_id          APC5006 
_pdbx_database_related.details        . 
_pdbx_database_related.content_type   unspecified 
# 
loop_
_audit_author.name 
_audit_author.pdbx_ordinal 
'Korolev, S.'                                   1 
'Skarina, T.'                                   2 
'Joachimiak, A.'                                3 
'Edwards, A.'                                   4 
'Savchenko, A.'                                 5 
'Midwest Center for Structural Genomics (MCSG)' 6 
# 
_citation.id                        primary 
_citation.title                     'Structural genomics' 
_citation.journal_abbrev            'To be Published' 
_citation.journal_volume            ? 
_citation.page_first                ? 
_citation.page_last                 ? 
_citation.year                      ? 
_citation.journal_id_ASTM           ? 
_citation.country                   ? 
_citation.journal_id_ISSN           ? 
_citation.journal_id_CSD            0353 
_citation.book_publisher            ? 
_citation.pdbx_database_id_PubMed   ? 
_citation.pdbx_database_id_DOI      ? 
# 
loop_
_citation_author.citation_id 
_citation_author.name 
_citation_author.ordinal 
_citation_author.identifier_ORCID 
primary 'Korolev, S.'    1 ? 
primary 'Skarina, T.'    2 ? 
primary 'Joachimiak, A.' 3 ? 
primary 'Edwards, A.'    4 ? 
primary 'Savchenko, A.'  5 ? 
# 
_entity.id                         1 
_entity.type                       polymer 
_entity.src_method                 man 
_entity.pdbx_description           'hypothetical protein (crp region)' 
_entity.formula_weight             14524.684 
_entity.pdbx_number_of_molecules   1 
_entity.pdbx_ec                    ? 
_entity.pdbx_mutation              ? 
_entity.pdbx_fragment              ? 
_entity.details                    ? 
# 
_entity_poly.entity_id                      1 
_entity_poly.type                           'polypeptide(L)' 
_entity_poly.nstd_linkage                   no 
_entity_poly.nstd_monomer                   no 
_entity_poly.pdbx_seq_one_letter_code       
;MQARVKWVEGLTFLGESASGHQILMDGNSGDKAPSPMEMVLMAAGGCSAIDVVSILQKGRQDVVDCEVKLTSERREADTR
LFTHINLHFIVTGRDLKDAAVARAVDLSAEKYCSVALMLEKAVNITHSYEVVAA
;
_entity_poly.pdbx_seq_one_letter_code_can   
;MQARVKWVEGLTFLGESASGHQILMDGNSGDKAPSPMEMVLMAAGGCSAIDVVSILQKGRQDVVDCEVKLTSERREADTR
LFTHINLHFIVTGRDLKDAAVARAVDLSAEKYCSVALMLEKAVNITHSYEVVAA
;
_entity_poly.pdbx_strand_id                 A 
_entity_poly.pdbx_target_identifier         APC5006 
# 
loop_
_entity_poly_seq.entity_id 
_entity_poly_seq.num 
_entity_poly_seq.mon_id 
_entity_poly_seq.hetero 
1 1   MET n 
1 2   GLN n 
1 3   ALA n 
1 4   ARG n 
1 5   VAL n 
1 6   LYS n 
1 7   TRP n 
1 8   VAL n 
1 9   GLU n 
1 10  GLY n 
1 11  LEU n 
1 12  THR n 
1 13  PHE n 
1 14  LEU n 
1 15  GLY n 
1 16  GLU n 
1 17  SER n 
1 18  ALA n 
1 19  SER n 
1 20  GLY n 
1 21  HIS n 
1 22  GLN n 
1 23  ILE n 
1 24  LEU n 
1 25  MET n 
1 26  ASP n 
1 27  GLY n 
1 28  ASN n 
1 29  SER n 
1 30  GLY n 
1 31  ASP n 
1 32  LYS n 
1 33  ALA n 
1 34  PRO n 
1 35  SER n 
1 36  PRO n 
1 37  MET n 
1 38  GLU n 
1 39  MET n 
1 40  VAL n 
1 41  LEU n 
1 42  MET n 
1 43  ALA n 
1 44  ALA n 
1 45  GLY n 
1 46  GLY n 
1 47  CYS n 
1 48  SER n 
1 49  ALA n 
1 50  ILE n 
1 51  ASP n 
1 52  VAL n 
1 53  VAL n 
1 54  SER n 
1 55  ILE n 
1 56  LEU n 
1 57  GLN n 
1 58  LYS n 
1 59  GLY n 
1 60  ARG n 
1 61  GLN n 
1 62  ASP n 
1 63  VAL n 
1 64  VAL n 
1 65  ASP n 
1 66  CYS n 
1 67  GLU n 
1 68  VAL n 
1 69  LYS n 
1 70  LEU n 
1 71  THR n 
1 72  SER n 
1 73  GLU n 
1 74  ARG n 
1 75  ARG n 
1 76  GLU n 
1 77  ALA n 
1 78  ASP n 
1 79  THR n 
1 80  ARG n 
1 81  LEU n 
1 82  PHE n 
1 83  THR n 
1 84  HIS n 
1 85  ILE n 
1 86  ASN n 
1 87  LEU n 
1 88  HIS n 
1 89  PHE n 
1 90  ILE n 
1 91  VAL n 
1 92  THR n 
1 93  GLY n 
1 94  ARG n 
1 95  ASP n 
1 96  LEU n 
1 97  LYS n 
1 98  ASP n 
1 99  ALA n 
1 100 ALA n 
1 101 VAL n 
1 102 ALA n 
1 103 ARG n 
1 104 ALA n 
1 105 VAL n 
1 106 ASP n 
1 107 LEU n 
1 108 SER n 
1 109 ALA n 
1 110 GLU n 
1 111 LYS n 
1 112 TYR n 
1 113 CYS n 
1 114 SER n 
1 115 VAL n 
1 116 ALA n 
1 117 LEU n 
1 118 MET n 
1 119 LEU n 
1 120 GLU n 
1 121 LYS n 
1 122 ALA n 
1 123 VAL n 
1 124 ASN n 
1 125 ILE n 
1 126 THR n 
1 127 HIS n 
1 128 SER n 
1 129 TYR n 
1 130 GLU n 
1 131 VAL n 
1 132 VAL n 
1 133 ALA n 
1 134 ALA n 
# 
_entity_src_gen.entity_id                          1 
_entity_src_gen.pdbx_src_id                        1 
_entity_src_gen.pdbx_alt_source_flag               sample 
_entity_src_gen.pdbx_seq_type                      ? 
_entity_src_gen.pdbx_beg_seq_num                   ? 
_entity_src_gen.pdbx_end_seq_num                   ? 
_entity_src_gen.gene_src_common_name               ? 
_entity_src_gen.gene_src_genus                     Escherichia 
_entity_src_gen.pdbx_gene_src_gene                 ? 
_entity_src_gen.gene_src_species                   ? 
_entity_src_gen.gene_src_strain                    ? 
_entity_src_gen.gene_src_tissue                    ? 
_entity_src_gen.gene_src_tissue_fraction           ? 
_entity_src_gen.gene_src_details                   ? 
_entity_src_gen.pdbx_gene_src_fragment             ? 
_entity_src_gen.pdbx_gene_src_scientific_name      'Escherichia coli' 
_entity_src_gen.pdbx_gene_src_ncbi_taxonomy_id     562 
_entity_src_gen.pdbx_gene_src_variant              ? 
_entity_src_gen.pdbx_gene_src_cell_line            ? 
_entity_src_gen.pdbx_gene_src_atcc                 ? 
_entity_src_gen.pdbx_gene_src_organ                ? 
_entity_src_gen.pdbx_gene_src_organelle            ? 
_entity_src_gen.pdbx_gene_src_cell                 ? 
_entity_src_gen.pdbx_gene_src_cellular_location    ? 
_entity_src_gen.host_org_common_name               ? 
_entity_src_gen.pdbx_host_org_scientific_name      'Escherichia coli' 
_entity_src_gen.pdbx_host_org_ncbi_taxonomy_id     562 
_entity_src_gen.host_org_genus                     Escherichia 
_entity_src_gen.pdbx_host_org_gene                 ? 
_entity_src_gen.pdbx_host_org_organ                ? 
_entity_src_gen.host_org_species                   ? 
_entity_src_gen.pdbx_host_org_tissue               ? 
_entity_src_gen.pdbx_host_org_tissue_fraction      ? 
_entity_src_gen.pdbx_host_org_strain               ? 
_entity_src_gen.pdbx_host_org_variant              ? 
_entity_src_gen.pdbx_host_org_cell_line            ? 
_entity_src_gen.pdbx_host_org_atcc                 ? 
_entity_src_gen.pdbx_host_org_culture_collection   ? 
_entity_src_gen.pdbx_host_org_cell                 ? 
_entity_src_gen.pdbx_host_org_organelle            ? 
_entity_src_gen.pdbx_host_org_cellular_location    ? 
_entity_src_gen.pdbx_host_org_vector_type          plasmid 
_entity_src_gen.pdbx_host_org_vector               ? 
_entity_src_gen.host_org_details                   ? 
_entity_src_gen.expression_system_id               ? 
_entity_src_gen.plasmid_name                       pET15B 
_entity_src_gen.plasmid_details                    ? 
_entity_src_gen.pdbx_description                   ? 
# 
loop_
_chem_comp.id 
_chem_comp.type 
_chem_comp.mon_nstd_flag 
_chem_comp.name 
_chem_comp.pdbx_synonyms 
_chem_comp.formula 
_chem_comp.formula_weight 
ALA 'L-peptide linking' y ALANINE         ? 'C3 H7 N O2'     89.093  
ARG 'L-peptide linking' y ARGININE        ? 'C6 H15 N4 O2 1' 175.209 
ASN 'L-peptide linking' y ASPARAGINE      ? 'C4 H8 N2 O3'    132.118 
ASP 'L-peptide linking' y 'ASPARTIC ACID' ? 'C4 H7 N O4'     133.103 
CYS 'L-peptide linking' y CYSTEINE        ? 'C3 H7 N O2 S'   121.158 
GLN 'L-peptide linking' y GLUTAMINE       ? 'C5 H10 N2 O3'   146.144 
GLU 'L-peptide linking' y 'GLUTAMIC ACID' ? 'C5 H9 N O4'     147.129 
GLY 'peptide linking'   y GLYCINE         ? 'C2 H5 N O2'     75.067  
HIS 'L-peptide linking' y HISTIDINE       ? 'C6 H10 N3 O2 1' 156.162 
ILE 'L-peptide linking' y ISOLEUCINE      ? 'C6 H13 N O2'    131.173 
LEU 'L-peptide linking' y LEUCINE         ? 'C6 H13 N O2'    131.173 
LYS 'L-peptide linking' y LYSINE          ? 'C6 H15 N2 O2 1' 147.195 
MET 'L-peptide linking' y METHIONINE      ? 'C5 H11 N O2 S'  149.211 
PHE 'L-peptide linking' y PHENYLALANINE   ? 'C9 H11 N O2'    165.189 
PRO 'L-peptide linking' y PROLINE         ? 'C5 H9 N O2'     115.130 
SER 'L-peptide linking' y SERINE          ? 'C3 H7 N O3'     105.093 
THR 'L-peptide linking' y THREONINE       ? 'C4 H9 N O3'     119.119 
TRP 'L-peptide linking' y TRYPTOPHAN      ? 'C11 H12 N2 O2'  204.225 
TYR 'L-peptide linking' y TYROSINE        ? 'C9 H11 N O3'    181.189 
VAL 'L-peptide linking' y VALINE          ? 'C5 H11 N O2'    117.146 
# 
loop_
_pdbx_poly_seq_scheme.asym_id 
_pdbx_poly_seq_scheme.entity_id 
_pdbx_poly_seq_scheme.seq_id 
_pdbx_poly_seq_scheme.mon_id 
_pdbx_poly_seq_scheme.ndb_seq_num 
_pdbx_poly_seq_scheme.pdb_seq_num 
_pdbx_poly_seq_scheme.auth_seq_num 
_pdbx_poly_seq_scheme.pdb_mon_id 
_pdbx_poly_seq_scheme.auth_mon_id 
_pdbx_poly_seq_scheme.pdb_strand_id 
_pdbx_poly_seq_scheme.pdb_ins_code 
_pdbx_poly_seq_scheme.hetero 
A 1 1   MET 1   1   1   MET MET A . n 
A 1 2   GLN 2   2   2   GLN GLN A . n 
A 1 3   ALA 3   3   3   ALA ALA A . n 
A 1 4   ARG 4   4   4   ARG ARG A . n 
A 1 5   VAL 5   5   5   VAL VAL A . n 
A 1 6   LYS 6   6   6   LYS LYS A . n 
A 1 7   TRP 7   7   7   TRP TRP A . n 
A 1 8   VAL 8   8   8   VAL VAL A . n 
A 1 9   GLU 9   9   9   GLU GLU A . n 
A 1 10  GLY 10  10  10  GLY GLY A . n 
A 1 11  LEU 11  11  11  LEU LEU A . n 
A 1 12  THR 12  12  12  THR THR A . n 
A 1 13  PHE 13  13  13  PHE PHE A . n 
A 1 14  LEU 14  14  14  LEU LEU A . n 
A 1 15  GLY 15  15  15  GLY GLY A . n 
A 1 16  GLU 16  16  16  GLU GLU A . n 
A 1 17  SER 17  17  17  SER SER A . n 
A 1 18  ALA 18  18  18  ALA ALA A . n 
A 1 19  SER 19  19  19  SER SER A . n 
A 1 20  GLY 20  20  20  GLY GLY A . n 
A 1 21  HIS 21  21  21  HIS HIS A . n 
A 1 22  GLN 22  22  22  GLN GLN A . n 
A 1 23  ILE 23  23  23  ILE ILE A . n 
A 1 24  LEU 24  24  24  LEU LEU A . n 
A 1 25  MET 25  25  25  MET MET A . n 
A 1 26  ASP 26  26  26  ASP ASP A . n 
A 1 27  GLY 27  27  27  GLY GLY A . n 
A 1 28  ASN 28  28  28  ASN ASN A . n 
A 1 29  SER 29  29  29  SER SER A . n 
A 1 30  GLY 30  30  30  GLY GLY A . n 
A 1 31  ASP 31  31  31  ASP ASP A . n 
A 1 32  LYS 32  32  32  LYS LYS A . n 
A 1 33  ALA 33  33  33  ALA ALA A . n 
A 1 34  PRO 34  34  34  PRO PRO A . n 
A 1 35  SER 35  35  35  SER SER A . n 
A 1 36  PRO 36  36  36  PRO PRO A . n 
A 1 37  MET 37  37  37  MET MET A . n 
A 1 38  GLU 38  38  38  GLU GLU A . n 
A 1 39  MET 39  39  39  MET MET A . n 
A 1 40  VAL 40  40  40  VAL VAL A . n 
A 1 41  LEU 41  41  41  LEU LEU A . n 
A 1 42  MET 42  42  42  MET MET A . n 
A 1 43  ALA 43  43  43  ALA ALA A . n 
A 1 44  ALA 44  44  44  ALA ALA A . n 
A 1 45  GLY 45  45  45  GLY GLY A . n 
A 1 46  GLY 46  46  46  GLY GLY A . n 
A 1 47  CYS 47  47  47  CYS CYS A . n 
A 1 48  SER 48  48  48  SER SER A . n 
A 1 49  ALA 49  49  49  ALA ALA A . n 
A 1 50  ILE 50  50  50  ILE ILE A . n 
A 1 51  ASP 51  51  51  ASP ASP A . n 
A 1 52  VAL 52  52  52  VAL VAL A . n 
A 1 53  VAL 53  53  53  VAL VAL A . n 
A 1 54  SER 54  54  54  SER SER A . n 
A 1 55  ILE 55  55  55  ILE ILE A . n 
A 1 56  LEU 56  56  56  LEU LEU A . n 
A 1 57  GLN 57  57  57  GLN GLN A . n 
A 1 58  LYS 58  58  58  LYS LYS A . n 
A 1 59  GLY 59  59  59  GLY GLY A . n 
A 1 60  ARG 60  60  60  ARG ARG A . n 
A 1 61  GLN 61  61  61  GLN GLN A . n 
A 1 62  ASP 62  62  62  ASP ASP A . n 
A 1 63  VAL 63  63  63  VAL VAL A . n 
A 1 64  VAL 64  64  64  VAL VAL A . n 
A 1 65  ASP 65  65  65  ASP ASP A . n 
A 1 66  CYS 66  66  66  CYS CYS A . n 
A 1 67  GLU 67  67  67  GLU GLU A . n 
A 1 68  VAL 68  68  68  VAL VAL A . n 
A 1 69  LYS 69  69  69  LYS LYS A . n 
A 1 70  LEU 70  70  70  LEU LEU A . n 
A 1 71  THR 71  71  71  THR THR A . n 
A 1 72  SER 72  72  72  SER SER A . n 
A 1 73  GLU 73  73  73  GLU GLU A . n 
A 1 74  ARG 74  74  74  ARG ARG A . n 
A 1 75  ARG 75  75  75  ARG ARG A . n 
A 1 76  GLU 76  76  76  GLU GLU A . n 
A 1 77  ALA 77  77  ?   ?   ?   A . n 
A 1 78  ASP 78  78  ?   ?   ?   A . n 
A 1 79  THR 79  79  ?   ?   ?   A . n 
A 1 80  ARG 80  80  80  ARG ARG A . n 
A 1 81  LEU 81  81  81  LEU LEU A . n 
A 1 82  PHE 82  82  82  PHE PHE A . n 
A 1 83  THR 83  83  83  THR THR A . n 
A 1 84  HIS 84  84  84  HIS HIS A . n 
A 1 85  ILE 85  85  85  ILE ILE A . n 
A 1 86  ASN 86  86  86  ASN ASN A . n 
A 1 87  LEU 87  87  87  LEU LEU A . n 
A 1 88  HIS 88  88  88  HIS HIS A . n 
A 1 89  PHE 89  89  89  PHE PHE A . n 
A 1 90  ILE 90  90  90  ILE ILE A . n 
A 1 91  VAL 91  91  91  VAL VAL A . n 
A 1 92  THR 92  92  92  THR THR A . n 
A 1 93  GLY 93  93  93  GLY GLY A . n 
A 1 94  ARG 94  94  94  ARG ARG A . n 
A 1 95  ASP 95  95  95  ASP ASP A . n 
A 1 96  LEU 96  96  96  LEU LEU A . n 
A 1 97  LYS 97  97  97  LYS LYS A . n 
A 1 98  ASP 98  98  98  ASP ASP A . n 
A 1 99  ALA 99  99  99  ALA ALA A . n 
A 1 100 ALA 100 100 100 ALA ALA A . n 
A 1 101 VAL 101 101 101 VAL VAL A . n 
A 1 102 ALA 102 102 102 ALA ALA A . n 
A 1 103 ARG 103 103 103 ARG ARG A . n 
A 1 104 ALA 104 104 104 ALA ALA A . n 
A 1 105 VAL 105 105 105 VAL VAL A . n 
A 1 106 ASP 106 106 106 ASP ASP A . n 
A 1 107 LEU 107 107 107 LEU LEU A . n 
A 1 108 SER 108 108 108 SER SER A . n 
A 1 109 ALA 109 109 109 ALA ALA A . n 
A 1 110 GLU 110 110 110 GLU GLU A . n 
A 1 111 LYS 111 111 111 LYS LYS A . n 
A 1 112 TYR 112 112 112 TYR TYR A . n 
A 1 113 CYS 113 113 113 CYS CYS A . n 
A 1 114 SER 114 114 114 SER SER A . n 
A 1 115 VAL 115 115 115 VAL VAL A . n 
A 1 116 ALA 116 116 116 ALA ALA A . n 
A 1 117 LEU 117 117 117 LEU LEU A . n 
A 1 118 MET 118 118 118 MET MET A . n 
A 1 119 LEU 119 119 119 LEU LEU A . n 
A 1 120 GLU 120 120 120 GLU GLU A . n 
A 1 121 LYS 121 121 121 LYS LYS A . n 
A 1 122 ALA 122 122 122 ALA ALA A . n 
A 1 123 VAL 123 123 123 VAL VAL A . n 
A 1 124 ASN 124 124 124 ASN ASN A . n 
A 1 125 ILE 125 125 125 ILE ILE A . n 
A 1 126 THR 126 126 126 THR THR A . n 
A 1 127 HIS 127 127 127 HIS HIS A . n 
A 1 128 SER 128 128 128 SER SER A . n 
A 1 129 TYR 129 129 129 TYR TYR A . n 
A 1 130 GLU 130 130 130 GLU GLU A . n 
A 1 131 VAL 131 131 131 VAL VAL A . n 
A 1 132 VAL 132 132 132 VAL VAL A . n 
A 1 133 ALA 133 133 133 ALA ALA A . n 
A 1 134 ALA 134 134 134 ALA ALA A . n 
# 
loop_
_pdbx_unobs_or_zero_occ_atoms.id 
_pdbx_unobs_or_zero_occ_atoms.PDB_model_num 
_pdbx_unobs_or_zero_occ_atoms.polymer_flag 
_pdbx_unobs_or_zero_occ_atoms.occupancy_flag 
_pdbx_unobs_or_zero_occ_atoms.auth_asym_id 
_pdbx_unobs_or_zero_occ_atoms.auth_comp_id 
_pdbx_unobs_or_zero_occ_atoms.auth_seq_id 
_pdbx_unobs_or_zero_occ_atoms.PDB_ins_code 
_pdbx_unobs_or_zero_occ_atoms.auth_atom_id 
_pdbx_unobs_or_zero_occ_atoms.label_alt_id 
_pdbx_unobs_or_zero_occ_atoms.label_asym_id 
_pdbx_unobs_or_zero_occ_atoms.label_comp_id 
_pdbx_unobs_or_zero_occ_atoms.label_seq_id 
_pdbx_unobs_or_zero_occ_atoms.label_atom_id 
1  1 Y 1 A MET 1   ? CG  ? A MET 1   CG  
2  1 Y 1 A MET 1   ? SD  ? A MET 1   SD  
3  1 Y 1 A MET 1   ? CE  ? A MET 1   CE  
4  1 Y 1 A GLN 2   ? CG  ? A GLN 2   CG  
5  1 Y 1 A GLN 2   ? CD  ? A GLN 2   CD  
6  1 Y 1 A GLN 2   ? OE1 ? A GLN 2   OE1 
7  1 Y 1 A GLN 2   ? NE2 ? A GLN 2   NE2 
8  1 Y 1 A ARG 60  ? CG  ? A ARG 60  CG  
9  1 Y 1 A ARG 60  ? CD  ? A ARG 60  CD  
10 1 Y 1 A ARG 60  ? NE  ? A ARG 60  NE  
11 1 Y 1 A ARG 60  ? CZ  ? A ARG 60  CZ  
12 1 Y 1 A ARG 60  ? NH1 ? A ARG 60  NH1 
13 1 Y 1 A ARG 60  ? NH2 ? A ARG 60  NH2 
14 1 Y 1 A ARG 94  ? CG  ? A ARG 94  CG  
15 1 Y 1 A ARG 94  ? CD  ? A ARG 94  CD  
16 1 Y 1 A ARG 94  ? NE  ? A ARG 94  NE  
17 1 Y 1 A ARG 94  ? CZ  ? A ARG 94  CZ  
18 1 Y 1 A ARG 94  ? NH1 ? A ARG 94  NH1 
19 1 Y 1 A ARG 94  ? NH2 ? A ARG 94  NH2 
20 1 Y 1 A LYS 97  ? CG  ? A LYS 97  CG  
21 1 Y 1 A LYS 97  ? CD  ? A LYS 97  CD  
22 1 Y 1 A LYS 97  ? CE  ? A LYS 97  CE  
23 1 Y 1 A LYS 97  ? NZ  ? A LYS 97  NZ  
24 1 Y 1 A LYS 121 ? CG  ? A LYS 121 CG  
25 1 Y 1 A LYS 121 ? CD  ? A LYS 121 CD  
26 1 Y 1 A LYS 121 ? CE  ? A LYS 121 CE  
27 1 Y 1 A LYS 121 ? NZ  ? A LYS 121 NZ  
# 
loop_
_software.name 
_software.classification 
_software.version 
_software.citation_id 
_software.pdbx_ordinal 
d*TREK    'data scaling'    .      ? 1 
HKL-2000  'data collection' .      ? 2 
SCALEPACK 'data scaling'    .      ? 3 
SOLVE     phasing           .      ? 4 
REFMAC    refinement        5.1.05 ? 5 
d*TREK    'data reduction'  .      ? 6 
HKL-2000  'data reduction'  .      ? 7 
# 
_cell.entry_id           1ML8 
_cell.length_a           76.352 
_cell.length_b           76.352 
_cell.length_c           107.400 
_cell.angle_alpha        90.00 
_cell.angle_beta         90.00 
_cell.angle_gamma        120.00 
_cell.Z_PDB              12 
_cell.pdbx_unique_axis   ? 
# 
_symmetry.entry_id                         1ML8 
_symmetry.space_group_name_H-M             'P 64 2 2' 
_symmetry.pdbx_full_space_group_name_H-M   ? 
_symmetry.cell_setting                     ? 
_symmetry.Int_Tables_number                181 
# 
_exptl.entry_id          1ML8 
_exptl.method            'X-RAY DIFFRACTION' 
_exptl.crystals_number   1 
# 
_exptl_crystal.id                    1 
_exptl_crystal.density_meas          ? 
_exptl_crystal.density_percent_sol   60.46 
_exptl_crystal.density_Matthews      3.11 
_exptl_crystal.description           ? 
# 
_exptl_crystal_grow.crystal_id      1 
_exptl_crystal_grow.method          'VAPOR DIFFUSION, HANGING DROP' 
_exptl_crystal_grow.temp            298 
_exptl_crystal_grow.temp_details    ? 
_exptl_crystal_grow.pH              4.6 
_exptl_crystal_grow.pdbx_details    '25% PEG4K;0.2M Ammon. Sulph., pH 4.6, VAPOR DIFFUSION, HANGING DROP, temperature 298K' 
_exptl_crystal_grow.pdbx_pH_range   ? 
# 
_diffrn.id                     1 
_diffrn.ambient_temp           100. 
_diffrn.ambient_temp_details   ? 
_diffrn.crystal_id             1 
# 
_diffrn_detector.diffrn_id              1 
_diffrn_detector.detector               CCD 
_diffrn_detector.type                   SBC-2 
_diffrn_detector.pdbx_collection_date   2002-04-21 
_diffrn_detector.details                ? 
# 
_diffrn_radiation.diffrn_id                        1 
_diffrn_radiation.wavelength_id                    1 
_diffrn_radiation.pdbx_monochromatic_or_laue_m_l   M 
_diffrn_radiation.monochromator                    'SAGITALLY FOCUSED Si(111)' 
_diffrn_radiation.pdbx_diffrn_protocol             MAD 
_diffrn_radiation.pdbx_scattering_type             x-ray 
# 
loop_
_diffrn_radiation_wavelength.id 
_diffrn_radiation_wavelength.wavelength 
_diffrn_radiation_wavelength.wt 
1 0.97945 1.0 
2 0.97934 1.0 
# 
_diffrn_source.diffrn_id                   1 
_diffrn_source.source                      SYNCHROTRON 
_diffrn_source.type                        'APS BEAMLINE 19-ID' 
_diffrn_source.pdbx_synchrotron_site       APS 
_diffrn_source.pdbx_synchrotron_beamline   19-ID 
_diffrn_source.pdbx_wavelength             ? 
_diffrn_source.pdbx_wavelength_list        '0.97945; 0.97934' 
# 
_reflns.entry_id                     1ML8 
_reflns.observed_criterion_sigma_F   ? 
_reflns.observed_criterion_sigma_I   -3.0 
_reflns.d_resolution_high            2.6 
_reflns.d_resolution_low             50. 
_reflns.number_all                   ? 
_reflns.number_obs                   10742 
_reflns.percent_possible_obs         99. 
_reflns.pdbx_Rmerge_I_obs            0.071 
_reflns.pdbx_Rsym_value              ? 
_reflns.pdbx_netI_over_sigmaI        27 
_reflns.B_iso_Wilson_estimate        ? 
_reflns.pdbx_redundancy              5 
_reflns.R_free_details               ? 
_reflns.limit_h_max                  ? 
_reflns.limit_h_min                  ? 
_reflns.limit_k_max                  ? 
_reflns.limit_k_min                  ? 
_reflns.limit_l_max                  ? 
_reflns.limit_l_min                  ? 
_reflns.observed_criterion_F_max     ? 
_reflns.observed_criterion_F_min     ? 
_reflns.pdbx_ordinal                 1 
_reflns.pdbx_diffrn_id               1 
# 
_reflns_shell.d_res_high             2.6 
_reflns_shell.d_res_low              2.69 
_reflns_shell.percent_possible_all   95.8 
_reflns_shell.Rmerge_I_obs           0.53 
_reflns_shell.pdbx_Rsym_value        ? 
_reflns_shell.meanI_over_sigI_obs    2.8 
_reflns_shell.pdbx_redundancy        3 
_reflns_shell.percent_possible_obs   ? 
_reflns_shell.number_unique_all      ? 
_reflns_shell.pdbx_ordinal           1 
_reflns_shell.pdbx_diffrn_id         1 
# 
_refine.entry_id                                 1ML8 
_refine.ls_number_reflns_obs                     5798 
_refine.ls_number_reflns_all                     ? 
_refine.pdbx_ls_sigma_I                          ? 
_refine.pdbx_ls_sigma_F                          0.0 
_refine.pdbx_data_cutoff_high_absF               ? 
_refine.pdbx_data_cutoff_low_absF                ? 
_refine.ls_d_res_low                             38.07 
_refine.ls_d_res_high                            2.60 
_refine.ls_percent_reflns_obs                    99.10 
_refine.ls_R_factor_obs                          0.22976 
_refine.ls_R_factor_all                          ? 
_refine.ls_R_factor_R_work                       0.22798 
_refine.ls_R_factor_R_free                       0.2679 
_refine.ls_R_factor_R_free_error                 ? 
_refine.ls_R_factor_R_free_error_details         ? 
_refine.ls_percent_reflns_R_free                 4.6 
_refine.ls_number_reflns_R_free                  280 
_refine.ls_number_parameters                     ? 
_refine.ls_number_restraints                     ? 
_refine.occupancy_min                            ? 
_refine.occupancy_max                            ? 
_refine.correlation_coeff_Fo_to_Fc               0.926 
_refine.correlation_coeff_Fo_to_Fc_free          0.893 
_refine.B_iso_mean                               31.957 
_refine.aniso_B[1][1]                            2.37 
_refine.aniso_B[2][2]                            2.37 
_refine.aniso_B[3][3]                            -3.55 
_refine.aniso_B[1][2]                            1.18 
_refine.aniso_B[1][3]                            0.00 
_refine.aniso_B[2][3]                            0.00 
_refine.solvent_model_details                    'BABINET MODEL WITH MASK' 
_refine.solvent_model_param_ksol                 ? 
_refine.solvent_model_param_bsol                 ? 
_refine.pdbx_solvent_vdw_probe_radii             ? 
_refine.pdbx_solvent_ion_probe_radii             ? 
_refine.pdbx_solvent_shrinkage_radii             0.80 
_refine.pdbx_ls_cross_valid_method               THROUGHOUT 
_refine.details                                  'HYDROGENS HAVE BEEN ADDED IN THE RIDING POSITIONS' 
_refine.pdbx_starting_model                      ? 
_refine.pdbx_method_to_determine_struct          MAD 
_refine.pdbx_isotropic_thermal_model             ? 
_refine.pdbx_stereochemistry_target_values       'MAXIMUM LIKELIHOOD WITH PHASES' 
_refine.pdbx_stereochem_target_val_spec_case     ? 
_refine.pdbx_R_Free_selection_details            RANDOM 
_refine.pdbx_overall_ESU_R_Free                  ? 
_refine.overall_SU_B                             ? 
_refine.ls_redundancy_reflns_obs                 ? 
_refine.B_iso_min                                ? 
_refine.B_iso_max                                ? 
_refine.overall_SU_R_Cruickshank_DPI             ? 
_refine.overall_SU_R_free                        ? 
_refine.overall_SU_ML                            ? 
_refine.pdbx_overall_ESU_R                       ? 
_refine.pdbx_data_cutoff_high_rms_absF           ? 
_refine.pdbx_refine_id                           'X-RAY DIFFRACTION' 
_refine.pdbx_TLS_residual_ADP_flag               'LIKELY RESIDUAL' 
_refine.pdbx_diffrn_id                           1 
_refine.pdbx_overall_phase_error                 ? 
_refine.pdbx_overall_SU_R_free_Cruickshank_DPI   ? 
_refine.pdbx_overall_SU_R_Blow_DPI               ? 
_refine.pdbx_overall_SU_R_free_Blow_DPI          ? 
# 
_refine_hist.pdbx_refine_id                   'X-RAY DIFFRACTION' 
_refine_hist.cycle_id                         LAST 
_refine_hist.pdbx_number_atoms_protein        964 
_refine_hist.pdbx_number_atoms_nucleic_acid   0 
_refine_hist.pdbx_number_atoms_ligand         0 
_refine_hist.number_atoms_solvent             0 
_refine_hist.number_atoms_total               964 
_refine_hist.d_res_high                       2.60 
_refine_hist.d_res_low                        38.07 
# 
loop_
_refine_ls_restr.type 
_refine_ls_restr.dev_ideal 
_refine_ls_restr.dev_ideal_target 
_refine_ls_restr.weight 
_refine_ls_restr.number 
_refine_ls_restr.pdbx_refine_id 
_refine_ls_restr.pdbx_restraint_function 
r_bond_refined_d         0.011  0.021  ? 976  'X-RAY DIFFRACTION' ? 
r_bond_other_d           ?      ?      ? ?    'X-RAY DIFFRACTION' ? 
r_angle_refined_deg      1.693  1.953  ? 1321 'X-RAY DIFFRACTION' ? 
r_angle_other_deg        ?      ?      ? ?    'X-RAY DIFFRACTION' ? 
r_dihedral_angle_1_deg   6.369  5.000  ? 129  'X-RAY DIFFRACTION' ? 
r_dihedral_angle_3_deg   18.079 15.000 ? 165  'X-RAY DIFFRACTION' ? 
r_chiral_restr           0.119  0.200  ? 160  'X-RAY DIFFRACTION' ? 
r_gen_planes_refined     0.010  0.020  ? 712  'X-RAY DIFFRACTION' ? 
r_gen_planes_other       ?      ?      ? ?    'X-RAY DIFFRACTION' ? 
r_nbd_refined            0.251  0.200  ? 372  'X-RAY DIFFRACTION' ? 
r_nbd_other              ?      ?      ? ?    'X-RAY DIFFRACTION' ? 
r_nbtor_other            ?      ?      ? ?    'X-RAY DIFFRACTION' ? 
r_xyhbond_nbd_refined    0.128  0.200  ? 32   'X-RAY DIFFRACTION' ? 
r_xyhbond_nbd_other      ?      ?      ? ?    'X-RAY DIFFRACTION' ? 
r_symmetry_vdw_refined   0.242  0.200  ? 56   'X-RAY DIFFRACTION' ? 
r_symmetry_vdw_other     ?      ?      ? ?    'X-RAY DIFFRACTION' ? 
r_symmetry_hbond_refined 0.090  0.200  ? 4    'X-RAY DIFFRACTION' ? 
r_symmetry_hbond_other   ?      ?      ? ?    'X-RAY DIFFRACTION' ? 
r_mcbond_it              1.275  1.500  ? 646  'X-RAY DIFFRACTION' ? 
r_mcangle_it             2.397  2.000  ? 1026 'X-RAY DIFFRACTION' ? 
r_scbond_it              3.879  3.000  ? 330  'X-RAY DIFFRACTION' ? 
r_scangle_it             6.475  4.500  ? 295  'X-RAY DIFFRACTION' ? 
r_rigid_bond_restr       ?      ?      ? ?    'X-RAY DIFFRACTION' ? 
r_sphericity_free        ?      ?      ? ?    'X-RAY DIFFRACTION' ? 
r_sphericity_bonded      ?      ?      ? ?    'X-RAY DIFFRACTION' ? 
# 
_refine_ls_shell.pdbx_total_number_of_bins_used   20 
_refine_ls_shell.d_res_high                       2.600 
_refine_ls_shell.d_res_low                        2.667 
_refine_ls_shell.number_reflns_R_work             393 
_refine_ls_shell.R_factor_R_work                  0.246 
_refine_ls_shell.percent_reflns_obs               ? 
_refine_ls_shell.R_factor_R_free                  0.326 
_refine_ls_shell.R_factor_R_free_error            ? 
_refine_ls_shell.percent_reflns_R_free            ? 
_refine_ls_shell.number_reflns_R_free             29 
_refine_ls_shell.number_reflns_obs                ? 
_refine_ls_shell.redundancy_reflns_obs            ? 
_refine_ls_shell.number_reflns_all                ? 
_refine_ls_shell.pdbx_refine_id                   'X-RAY DIFFRACTION' 
_refine_ls_shell.R_factor_all                     ? 
# 
_struct.entry_id                  1ML8 
_struct.title                     'structural genomics' 
_struct.pdbx_model_details        ? 
_struct.pdbx_CASP_flag            ? 
_struct.pdbx_model_type_details   ? 
# 
_struct_keywords.entry_id        1ML8 
_struct_keywords.pdbx_keywords   'STRUCTURAL GENOMICS, UNKNOWN FUNCTION' 
_struct_keywords.text            
'structural genomics, PSI, Protein Structure Initiative, Midwest Center for Structural Genomics, MCSG, UNKNOWN FUNCTION' 
# 
_struct_asym.id                            A 
_struct_asym.pdbx_blank_PDB_chainid_flag   N 
_struct_asym.pdbx_modified                 N 
_struct_asym.entity_id                     1 
_struct_asym.details                       ? 
# 
_struct_ref.id                         1 
_struct_ref.db_name                    UNP 
_struct_ref.db_code                    YHFA_ECOLI 
_struct_ref.entity_id                  1 
_struct_ref.pdbx_seq_one_letter_code   
;MQARVKWVEGLTFLGESASGHQILMDGNSGDKAPSPMEMVLMAAGGCSAIDVVSILQKGRQDVVDCEVKLTSERREADTR
LFTHINLHFIVTGRDLKDAAVARAVDLSAEKYCSVALMLEKAVNITHSYEVVAA
;
_struct_ref.pdbx_align_begin           1 
_struct_ref.pdbx_db_accession          P24246 
_struct_ref.pdbx_db_isoform            ? 
# 
_struct_ref_seq.align_id                      1 
_struct_ref_seq.ref_id                        1 
_struct_ref_seq.pdbx_PDB_id_code              1ML8 
_struct_ref_seq.pdbx_strand_id                A 
_struct_ref_seq.seq_align_beg                 1 
_struct_ref_seq.pdbx_seq_align_beg_ins_code   ? 
_struct_ref_seq.seq_align_end                 134 
_struct_ref_seq.pdbx_seq_align_end_ins_code   ? 
_struct_ref_seq.pdbx_db_accession             P24246 
_struct_ref_seq.db_align_beg                  1 
_struct_ref_seq.pdbx_db_align_beg_ins_code    ? 
_struct_ref_seq.db_align_end                  134 
_struct_ref_seq.pdbx_db_align_end_ins_code    ? 
_struct_ref_seq.pdbx_auth_seq_align_beg       1 
_struct_ref_seq.pdbx_auth_seq_align_end       134 
# 
_pdbx_struct_assembly.id                   1 
_pdbx_struct_assembly.details              author_defined_assembly 
_pdbx_struct_assembly.method_details       ? 
_pdbx_struct_assembly.oligomeric_details   dimeric 
_pdbx_struct_assembly.oligomeric_count     2 
# 
_pdbx_struct_assembly_gen.assembly_id       1 
_pdbx_struct_assembly_gen.oper_expression   1,2 
_pdbx_struct_assembly_gen.asym_id_list      A 
# 
loop_
_pdbx_struct_oper_list.id 
_pdbx_struct_oper_list.type 
_pdbx_struct_oper_list.name 
_pdbx_struct_oper_list.symmetry_operation 
_pdbx_struct_oper_list.matrix[1][1] 
_pdbx_struct_oper_list.matrix[1][2] 
_pdbx_struct_oper_list.matrix[1][3] 
_pdbx_struct_oper_list.vector[1] 
_pdbx_struct_oper_list.matrix[2][1] 
_pdbx_struct_oper_list.matrix[2][2] 
_pdbx_struct_oper_list.matrix[2][3] 
_pdbx_struct_oper_list.vector[2] 
_pdbx_struct_oper_list.matrix[3][1] 
_pdbx_struct_oper_list.matrix[3][2] 
_pdbx_struct_oper_list.matrix[3][3] 
_pdbx_struct_oper_list.vector[3] 
1 'identity operation'         1_555 x,y,z      1.0000000000  0.0000000000  0.0000000000  0.0000000000  0.0000000000  1.0000000000 0.0000000000 0.0000000000  0.0000000000  0.0000000000 1.0000000000  0.0000000000  
2 'crystal symmetry operation' 7_556 y,x,-z+4/3 -0.9872642217 -0.1574211930 -0.0229766094 -5.2740150079 -0.1574211930 0.9458121356 0.2840034721 -2.7779337000 -0.0229766094 0.2840034721 -0.9585479139 16.1092937945 
# 
_struct_biol.id                    1 
_struct_biol.pdbx_parent_biol_id   ? 
_struct_biol.details               ? 
# 
loop_
_struct_conf.conf_type_id 
_struct_conf.id 
_struct_conf.pdbx_PDB_helix_id 
_struct_conf.beg_label_comp_id 
_struct_conf.beg_label_asym_id 
_struct_conf.beg_label_seq_id 
_struct_conf.pdbx_beg_PDB_ins_code 
_struct_conf.end_label_comp_id 
_struct_conf.end_label_asym_id 
_struct_conf.end_label_seq_id 
_struct_conf.pdbx_end_PDB_ins_code 
_struct_conf.beg_auth_comp_id 
_struct_conf.beg_auth_asym_id 
_struct_conf.beg_auth_seq_id 
_struct_conf.end_auth_comp_id 
_struct_conf.end_auth_asym_id 
_struct_conf.end_auth_seq_id 
_struct_conf.pdbx_PDB_helix_class 
_struct_conf.details 
_struct_conf.pdbx_PDB_helix_length 
HELX_P HELX_P1 1 SER A 35  ? GLY A 59  ? SER A 35  GLY A 59  1 ? 25 
HELX_P HELX_P2 2 LYS A 97  ? LYS A 111 ? LYS A 97  LYS A 111 1 ? 15 
HELX_P HELX_P3 3 CYS A 113 ? GLU A 120 ? CYS A 113 GLU A 120 1 ? 8  
# 
_struct_conf_type.id          HELX_P 
_struct_conf_type.criteria    ? 
_struct_conf_type.reference   ? 
# 
_struct_conn.id                            disulf1 
_struct_conn.conn_type_id                  disulf 
_struct_conn.pdbx_leaving_atom_flag        ? 
_struct_conn.pdbx_PDB_id                   ? 
_struct_conn.ptnr1_label_asym_id           A 
_struct_conn.ptnr1_label_comp_id           CYS 
_struct_conn.ptnr1_label_seq_id            47 
_struct_conn.ptnr1_label_atom_id           SG 
_struct_conn.pdbx_ptnr1_label_alt_id       ? 
_struct_conn.pdbx_ptnr1_PDB_ins_code       ? 
_struct_conn.pdbx_ptnr1_standard_comp_id   ? 
_struct_conn.ptnr1_symmetry                1_555 
_struct_conn.ptnr2_label_asym_id           A 
_struct_conn.ptnr2_label_comp_id           CYS 
_struct_conn.ptnr2_label_seq_id            113 
_struct_conn.ptnr2_label_atom_id           SG 
_struct_conn.pdbx_ptnr2_label_alt_id       ? 
_struct_conn.pdbx_ptnr2_PDB_ins_code       ? 
_struct_conn.ptnr1_auth_asym_id            A 
_struct_conn.ptnr1_auth_comp_id            CYS 
_struct_conn.ptnr1_auth_seq_id             47 
_struct_conn.ptnr2_auth_asym_id            A 
_struct_conn.ptnr2_auth_comp_id            CYS 
_struct_conn.ptnr2_auth_seq_id             113 
_struct_conn.ptnr2_symmetry                1_555 
_struct_conn.pdbx_ptnr3_label_atom_id      ? 
_struct_conn.pdbx_ptnr3_label_seq_id       ? 
_struct_conn.pdbx_ptnr3_label_comp_id      ? 
_struct_conn.pdbx_ptnr3_label_asym_id      ? 
_struct_conn.pdbx_ptnr3_label_alt_id       ? 
_struct_conn.pdbx_ptnr3_PDB_ins_code       ? 
_struct_conn.details                       ? 
_struct_conn.pdbx_dist_value               2.052 
_struct_conn.pdbx_value_order              ? 
_struct_conn.pdbx_role                     ? 
# 
_struct_conn_type.id          disulf 
_struct_conn_type.criteria    ? 
_struct_conn_type.reference   ? 
# 
_pdbx_modification_feature.ordinal                            1 
_pdbx_modification_feature.label_comp_id                      CYS 
_pdbx_modification_feature.label_asym_id                      A 
_pdbx_modification_feature.label_seq_id                       47 
_pdbx_modification_feature.label_alt_id                       ? 
_pdbx_modification_feature.modified_residue_label_comp_id     CYS 
_pdbx_modification_feature.modified_residue_label_asym_id     A 
_pdbx_modification_feature.modified_residue_label_seq_id      113 
_pdbx_modification_feature.modified_residue_label_alt_id      ? 
_pdbx_modification_feature.auth_comp_id                       CYS 
_pdbx_modification_feature.auth_asym_id                       A 
_pdbx_modification_feature.auth_seq_id                        47 
_pdbx_modification_feature.PDB_ins_code                       ? 
_pdbx_modification_feature.symmetry                           1_555 
_pdbx_modification_feature.modified_residue_auth_comp_id      CYS 
_pdbx_modification_feature.modified_residue_auth_asym_id      A 
_pdbx_modification_feature.modified_residue_auth_seq_id       113 
_pdbx_modification_feature.modified_residue_PDB_ins_code      ? 
_pdbx_modification_feature.modified_residue_symmetry          1_555 
_pdbx_modification_feature.comp_id_linking_atom               SG 
_pdbx_modification_feature.modified_residue_id_linking_atom   SG 
_pdbx_modification_feature.modified_residue_id                . 
_pdbx_modification_feature.ref_pcm_id                         . 
_pdbx_modification_feature.ref_comp_id                        . 
_pdbx_modification_feature.type                               None 
_pdbx_modification_feature.category                           'Disulfide bridge' 
# 
loop_
_struct_sheet.id 
_struct_sheet.type 
_struct_sheet.number_strands 
_struct_sheet.details 
A ? 3 ? 
B ? 3 ? 
# 
loop_
_struct_sheet_order.sheet_id 
_struct_sheet_order.range_id_1 
_struct_sheet_order.range_id_2 
_struct_sheet_order.offset 
_struct_sheet_order.sense 
A 1 2 ? anti-parallel 
A 2 3 ? anti-parallel 
B 1 2 ? anti-parallel 
B 2 3 ? parallel      
# 
loop_
_struct_sheet_range.sheet_id 
_struct_sheet_range.id 
_struct_sheet_range.beg_label_comp_id 
_struct_sheet_range.beg_label_asym_id 
_struct_sheet_range.beg_label_seq_id 
_struct_sheet_range.pdbx_beg_PDB_ins_code 
_struct_sheet_range.end_label_comp_id 
_struct_sheet_range.end_label_asym_id 
_struct_sheet_range.end_label_seq_id 
_struct_sheet_range.pdbx_end_PDB_ins_code 
_struct_sheet_range.beg_auth_comp_id 
_struct_sheet_range.beg_auth_asym_id 
_struct_sheet_range.beg_auth_seq_id 
_struct_sheet_range.end_auth_comp_id 
_struct_sheet_range.end_auth_asym_id 
_struct_sheet_range.end_auth_seq_id 
A 1 ARG A 4   ? GLU A 9   ? ARG A 4   GLU A 9   
A 2 THR A 12  ? GLU A 16  ? THR A 12  GLU A 16  
A 3 GLN A 22  ? ASP A 26  ? GLN A 22  ASP A 26  
B 1 VAL A 63  ? ARG A 74  ? VAL A 63  ARG A 74  
B 2 PHE A 82  ? GLY A 93  ? PHE A 82  GLY A 93  
B 3 ASN A 124 ? ALA A 133 ? ASN A 124 ALA A 133 
# 
loop_
_pdbx_struct_sheet_hbond.sheet_id 
_pdbx_struct_sheet_hbond.range_id_1 
_pdbx_struct_sheet_hbond.range_id_2 
_pdbx_struct_sheet_hbond.range_1_label_atom_id 
_pdbx_struct_sheet_hbond.range_1_label_comp_id 
_pdbx_struct_sheet_hbond.range_1_label_asym_id 
_pdbx_struct_sheet_hbond.range_1_label_seq_id 
_pdbx_struct_sheet_hbond.range_1_PDB_ins_code 
_pdbx_struct_sheet_hbond.range_1_auth_atom_id 
_pdbx_struct_sheet_hbond.range_1_auth_comp_id 
_pdbx_struct_sheet_hbond.range_1_auth_asym_id 
_pdbx_struct_sheet_hbond.range_1_auth_seq_id 
_pdbx_struct_sheet_hbond.range_2_label_atom_id 
_pdbx_struct_sheet_hbond.range_2_label_comp_id 
_pdbx_struct_sheet_hbond.range_2_label_asym_id 
_pdbx_struct_sheet_hbond.range_2_label_seq_id 
_pdbx_struct_sheet_hbond.range_2_PDB_ins_code 
_pdbx_struct_sheet_hbond.range_2_auth_atom_id 
_pdbx_struct_sheet_hbond.range_2_auth_comp_id 
_pdbx_struct_sheet_hbond.range_2_auth_asym_id 
_pdbx_struct_sheet_hbond.range_2_auth_seq_id 
A 1 2 N GLU A 9  ? N GLU A 9  O THR A 12  ? O THR A 12  
A 2 3 N PHE A 13 ? N PHE A 13 O MET A 25  ? O MET A 25  
B 1 2 N GLU A 67 ? N GLU A 67 O ILE A 90  ? O ILE A 90  
B 2 3 N PHE A 89 ? N PHE A 89 O SER A 128 ? O SER A 128 
# 
_pdbx_entry_details.entry_id                   1ML8 
_pdbx_entry_details.compound_details           ? 
_pdbx_entry_details.source_details             ? 
_pdbx_entry_details.nonpolymer_details         ? 
_pdbx_entry_details.sequence_details           ? 
_pdbx_entry_details.has_ligand_of_interest     ? 
_pdbx_entry_details.has_protein_modification   Y 
# 
_pdbx_validate_rmsd_angle.id                         1 
_pdbx_validate_rmsd_angle.PDB_model_num              1 
_pdbx_validate_rmsd_angle.auth_atom_id_1             CB 
_pdbx_validate_rmsd_angle.auth_asym_id_1             A 
_pdbx_validate_rmsd_angle.auth_comp_id_1             ASP 
_pdbx_validate_rmsd_angle.auth_seq_id_1              31 
_pdbx_validate_rmsd_angle.PDB_ins_code_1             ? 
_pdbx_validate_rmsd_angle.label_alt_id_1             ? 
_pdbx_validate_rmsd_angle.auth_atom_id_2             CG 
_pdbx_validate_rmsd_angle.auth_asym_id_2             A 
_pdbx_validate_rmsd_angle.auth_comp_id_2             ASP 
_pdbx_validate_rmsd_angle.auth_seq_id_2              31 
_pdbx_validate_rmsd_angle.PDB_ins_code_2             ? 
_pdbx_validate_rmsd_angle.label_alt_id_2             ? 
_pdbx_validate_rmsd_angle.auth_atom_id_3             OD2 
_pdbx_validate_rmsd_angle.auth_asym_id_3             A 
_pdbx_validate_rmsd_angle.auth_comp_id_3             ASP 
_pdbx_validate_rmsd_angle.auth_seq_id_3              31 
_pdbx_validate_rmsd_angle.PDB_ins_code_3             ? 
_pdbx_validate_rmsd_angle.label_alt_id_3             ? 
_pdbx_validate_rmsd_angle.angle_value                123.90 
_pdbx_validate_rmsd_angle.angle_target_value         118.30 
_pdbx_validate_rmsd_angle.angle_deviation            5.60 
_pdbx_validate_rmsd_angle.angle_standard_deviation   0.90 
_pdbx_validate_rmsd_angle.linker_flag                N 
# 
loop_
_pdbx_validate_torsion.id 
_pdbx_validate_torsion.PDB_model_num 
_pdbx_validate_torsion.auth_comp_id 
_pdbx_validate_torsion.auth_asym_id 
_pdbx_validate_torsion.auth_seq_id 
_pdbx_validate_torsion.PDB_ins_code 
_pdbx_validate_torsion.label_alt_id 
_pdbx_validate_torsion.phi 
_pdbx_validate_torsion.psi 
1 1 ARG A 60  ? ? 59.07   17.04  
2 1 ARG A 94  ? ? -101.18 -70.58 
3 1 LYS A 111 ? ? -130.29 -33.58 
# 
_pdbx_SG_project.id                    1 
_pdbx_SG_project.project_name          'PSI, Protein Structure Initiative' 
_pdbx_SG_project.full_name_of_center   'Midwest Center for Structural Genomics' 
_pdbx_SG_project.initial_of_center     MCSG 
# 
loop_
_pdbx_refine_tls.id 
_pdbx_refine_tls.details 
_pdbx_refine_tls.method 
_pdbx_refine_tls.origin_x 
_pdbx_refine_tls.origin_y 
_pdbx_refine_tls.origin_z 
_pdbx_refine_tls.T[1][1] 
_pdbx_refine_tls.T[2][2] 
_pdbx_refine_tls.T[3][3] 
_pdbx_refine_tls.T[1][2] 
_pdbx_refine_tls.T[1][3] 
_pdbx_refine_tls.T[2][3] 
_pdbx_refine_tls.L[1][1] 
_pdbx_refine_tls.L[2][2] 
_pdbx_refine_tls.L[3][3] 
_pdbx_refine_tls.L[1][2] 
_pdbx_refine_tls.L[1][3] 
_pdbx_refine_tls.L[2][3] 
_pdbx_refine_tls.S[1][1] 
_pdbx_refine_tls.S[1][2] 
_pdbx_refine_tls.S[1][3] 
_pdbx_refine_tls.S[2][1] 
_pdbx_refine_tls.S[2][2] 
_pdbx_refine_tls.S[2][3] 
_pdbx_refine_tls.S[3][1] 
_pdbx_refine_tls.S[3][2] 
_pdbx_refine_tls.S[3][3] 
_pdbx_refine_tls.pdbx_refine_id 
1 ? refined -2.9596 -11.2221 15.1015 0.0068 0.1727 0.1565 0.0285  -0.0196 -0.0089 4.2065 1.6807 4.7891 1.1815 -0.8676 1.0838  -0.2315 -0.1758 0.1484 0.0609  0.2032 0.1124 -0.1724 -0.0980 0.0283  'X-RAY DIFFRACTION' 
2 ? refined 1.5712  4.0130   -4.6196 0.0912 0.2164 0.1961 -0.0884 -0.0192 0.0305  3.1162 2.0421 4.4004 0.3098 -1.9825 -0.7564 0.0739  0.3217  0.3989 -0.0508 0.1571 0.1883 -0.3900 -0.2217 -0.2310 'X-RAY DIFFRACTION' 
# 
loop_
_pdbx_refine_tls_group.id 
_pdbx_refine_tls_group.refine_tls_id 
_pdbx_refine_tls_group.beg_label_asym_id 
_pdbx_refine_tls_group.beg_label_seq_id 
_pdbx_refine_tls_group.beg_auth_seq_id 
_pdbx_refine_tls_group.end_label_asym_id 
_pdbx_refine_tls_group.end_label_seq_id 
_pdbx_refine_tls_group.end_auth_seq_id 
_pdbx_refine_tls_group.selection 
_pdbx_refine_tls_group.beg_auth_asym_id 
_pdbx_refine_tls_group.end_auth_asym_id 
_pdbx_refine_tls_group.pdbx_refine_id 
_pdbx_refine_tls_group.selection_details 
1 1 A 1  1  A 35  35  ? A A 'X-RAY DIFFRACTION' ? 
2 2 A 36 36 A 134 134 ? A A 'X-RAY DIFFRACTION' ? 
# 
loop_
_pdbx_unobs_or_zero_occ_residues.id 
_pdbx_unobs_or_zero_occ_residues.PDB_model_num 
_pdbx_unobs_or_zero_occ_residues.polymer_flag 
_pdbx_unobs_or_zero_occ_residues.occupancy_flag 
_pdbx_unobs_or_zero_occ_residues.auth_asym_id 
_pdbx_unobs_or_zero_occ_residues.auth_comp_id 
_pdbx_unobs_or_zero_occ_residues.auth_seq_id 
_pdbx_unobs_or_zero_occ_residues.PDB_ins_code 
_pdbx_unobs_or_zero_occ_residues.label_asym_id 
_pdbx_unobs_or_zero_occ_residues.label_comp_id 
_pdbx_unobs_or_zero_occ_residues.label_seq_id 
1 1 Y 1 A ALA 77 ? A ALA 77 
2 1 Y 1 A ASP 78 ? A ASP 78 
3 1 Y 1 A THR 79 ? A THR 79 
# 
loop_
_chem_comp_atom.comp_id 
_chem_comp_atom.atom_id 
_chem_comp_atom.type_symbol 
_chem_comp_atom.pdbx_aromatic_flag 
_chem_comp_atom.pdbx_stereo_config 
_chem_comp_atom.pdbx_ordinal 
ALA N    N N N 1   
ALA CA   C N S 2   
ALA C    C N N 3   
ALA O    O N N 4   
ALA CB   C N N 5   
ALA OXT  O N N 6   
ALA H    H N N 7   
ALA H2   H N N 8   
ALA HA   H N N 9   
ALA HB1  H N N 10  
ALA HB2  H N N 11  
ALA HB3  H N N 12  
ALA HXT  H N N 13  
ARG N    N N N 14  
ARG CA   C N S 15  
ARG C    C N N 16  
ARG O    O N N 17  
ARG CB   C N N 18  
ARG CG   C N N 19  
ARG CD   C N N 20  
ARG NE   N N N 21  
ARG CZ   C N N 22  
ARG NH1  N N N 23  
ARG NH2  N N N 24  
ARG OXT  O N N 25  
ARG H    H N N 26  
ARG H2   H N N 27  
ARG HA   H N N 28  
ARG HB2  H N N 29  
ARG HB3  H N N 30  
ARG HG2  H N N 31  
ARG HG3  H N N 32  
ARG HD2  H N N 33  
ARG HD3  H N N 34  
ARG HE   H N N 35  
ARG HH11 H N N 36  
ARG HH12 H N N 37  
ARG HH21 H N N 38  
ARG HH22 H N N 39  
ARG HXT  H N N 40  
ASN N    N N N 41  
ASN CA   C N S 42  
ASN C    C N N 43  
ASN O    O N N 44  
ASN CB   C N N 45  
ASN CG   C N N 46  
ASN OD1  O N N 47  
ASN ND2  N N N 48  
ASN OXT  O N N 49  
ASN H    H N N 50  
ASN H2   H N N 51  
ASN HA   H N N 52  
ASN HB2  H N N 53  
ASN HB3  H N N 54  
ASN HD21 H N N 55  
ASN HD22 H N N 56  
ASN HXT  H N N 57  
ASP N    N N N 58  
ASP CA   C N S 59  
ASP C    C N N 60  
ASP O    O N N 61  
ASP CB   C N N 62  
ASP CG   C N N 63  
ASP OD1  O N N 64  
ASP OD2  O N N 65  
ASP OXT  O N N 66  
ASP H    H N N 67  
ASP H2   H N N 68  
ASP HA   H N N 69  
ASP HB2  H N N 70  
ASP HB3  H N N 71  
ASP HD2  H N N 72  
ASP HXT  H N N 73  
CYS N    N N N 74  
CYS CA   C N R 75  
CYS C    C N N 76  
CYS O    O N N 77  
CYS CB   C N N 78  
CYS SG   S N N 79  
CYS OXT  O N N 80  
CYS H    H N N 81  
CYS H2   H N N 82  
CYS HA   H N N 83  
CYS HB2  H N N 84  
CYS HB3  H N N 85  
CYS HG   H N N 86  
CYS HXT  H N N 87  
GLN N    N N N 88  
GLN CA   C N S 89  
GLN C    C N N 90  
GLN O    O N N 91  
GLN CB   C N N 92  
GLN CG   C N N 93  
GLN CD   C N N 94  
GLN OE1  O N N 95  
GLN NE2  N N N 96  
GLN OXT  O N N 97  
GLN H    H N N 98  
GLN H2   H N N 99  
GLN HA   H N N 100 
GLN HB2  H N N 101 
GLN HB3  H N N 102 
GLN HG2  H N N 103 
GLN HG3  H N N 104 
GLN HE21 H N N 105 
GLN HE22 H N N 106 
GLN HXT  H N N 107 
GLU N    N N N 108 
GLU CA   C N S 109 
GLU C    C N N 110 
GLU O    O N N 111 
GLU CB   C N N 112 
GLU CG   C N N 113 
GLU CD   C N N 114 
GLU OE1  O N N 115 
GLU OE2  O N N 116 
GLU OXT  O N N 117 
GLU H    H N N 118 
GLU H2   H N N 119 
GLU HA   H N N 120 
GLU HB2  H N N 121 
GLU HB3  H N N 122 
GLU HG2  H N N 123 
GLU HG3  H N N 124 
GLU HE2  H N N 125 
GLU HXT  H N N 126 
GLY N    N N N 127 
GLY CA   C N N 128 
GLY C    C N N 129 
GLY O    O N N 130 
GLY OXT  O N N 131 
GLY H    H N N 132 
GLY H2   H N N 133 
GLY HA2  H N N 134 
GLY HA3  H N N 135 
GLY HXT  H N N 136 
HIS N    N N N 137 
HIS CA   C N S 138 
HIS C    C N N 139 
HIS O    O N N 140 
HIS CB   C N N 141 
HIS CG   C Y N 142 
HIS ND1  N Y N 143 
HIS CD2  C Y N 144 
HIS CE1  C Y N 145 
HIS NE2  N Y N 146 
HIS OXT  O N N 147 
HIS H    H N N 148 
HIS H2   H N N 149 
HIS HA   H N N 150 
HIS HB2  H N N 151 
HIS HB3  H N N 152 
HIS HD1  H N N 153 
HIS HD2  H N N 154 
HIS HE1  H N N 155 
HIS HE2  H N N 156 
HIS HXT  H N N 157 
ILE N    N N N 158 
ILE CA   C N S 159 
ILE C    C N N 160 
ILE O    O N N 161 
ILE CB   C N S 162 
ILE CG1  C N N 163 
ILE CG2  C N N 164 
ILE CD1  C N N 165 
ILE OXT  O N N 166 
ILE H    H N N 167 
ILE H2   H N N 168 
ILE HA   H N N 169 
ILE HB   H N N 170 
ILE HG12 H N N 171 
ILE HG13 H N N 172 
ILE HG21 H N N 173 
ILE HG22 H N N 174 
ILE HG23 H N N 175 
ILE HD11 H N N 176 
ILE HD12 H N N 177 
ILE HD13 H N N 178 
ILE HXT  H N N 179 
LEU N    N N N 180 
LEU CA   C N S 181 
LEU C    C N N 182 
LEU O    O N N 183 
LEU CB   C N N 184 
LEU CG   C N N 185 
LEU CD1  C N N 186 
LEU CD2  C N N 187 
LEU OXT  O N N 188 
LEU H    H N N 189 
LEU H2   H N N 190 
LEU HA   H N N 191 
LEU HB2  H N N 192 
LEU HB3  H N N 193 
LEU HG   H N N 194 
LEU HD11 H N N 195 
LEU HD12 H N N 196 
LEU HD13 H N N 197 
LEU HD21 H N N 198 
LEU HD22 H N N 199 
LEU HD23 H N N 200 
LEU HXT  H N N 201 
LYS N    N N N 202 
LYS CA   C N S 203 
LYS C    C N N 204 
LYS O    O N N 205 
LYS CB   C N N 206 
LYS CG   C N N 207 
LYS CD   C N N 208 
LYS CE   C N N 209 
LYS NZ   N N N 210 
LYS OXT  O N N 211 
LYS H    H N N 212 
LYS H2   H N N 213 
LYS HA   H N N 214 
LYS HB2  H N N 215 
LYS HB3  H N N 216 
LYS HG2  H N N 217 
LYS HG3  H N N 218 
LYS HD2  H N N 219 
LYS HD3  H N N 220 
LYS HE2  H N N 221 
LYS HE3  H N N 222 
LYS HZ1  H N N 223 
LYS HZ2  H N N 224 
LYS HZ3  H N N 225 
LYS HXT  H N N 226 
MET N    N N N 227 
MET CA   C N S 228 
MET C    C N N 229 
MET O    O N N 230 
MET CB   C N N 231 
MET CG   C N N 232 
MET SD   S N N 233 
MET CE   C N N 234 
MET OXT  O N N 235 
MET H    H N N 236 
MET H2   H N N 237 
MET HA   H N N 238 
MET HB2  H N N 239 
MET HB3  H N N 240 
MET HG2  H N N 241 
MET HG3  H N N 242 
MET HE1  H N N 243 
MET HE2  H N N 244 
MET HE3  H N N 245 
MET HXT  H N N 246 
PHE N    N N N 247 
PHE CA   C N S 248 
PHE C    C N N 249 
PHE O    O N N 250 
PHE CB   C N N 251 
PHE CG   C Y N 252 
PHE CD1  C Y N 253 
PHE CD2  C Y N 254 
PHE CE1  C Y N 255 
PHE CE2  C Y N 256 
PHE CZ   C Y N 257 
PHE OXT  O N N 258 
PHE H    H N N 259 
PHE H2   H N N 260 
PHE HA   H N N 261 
PHE HB2  H N N 262 
PHE HB3  H N N 263 
PHE HD1  H N N 264 
PHE HD2  H N N 265 
PHE HE1  H N N 266 
PHE HE2  H N N 267 
PHE HZ   H N N 268 
PHE HXT  H N N 269 
PRO N    N N N 270 
PRO CA   C N S 271 
PRO C    C N N 272 
PRO O    O N N 273 
PRO CB   C N N 274 
PRO CG   C N N 275 
PRO CD   C N N 276 
PRO OXT  O N N 277 
PRO H    H N N 278 
PRO HA   H N N 279 
PRO HB2  H N N 280 
PRO HB3  H N N 281 
PRO HG2  H N N 282 
PRO HG3  H N N 283 
PRO HD2  H N N 284 
PRO HD3  H N N 285 
PRO HXT  H N N 286 
SER N    N N N 287 
SER CA   C N S 288 
SER C    C N N 289 
SER O    O N N 290 
SER CB   C N N 291 
SER OG   O N N 292 
SER OXT  O N N 293 
SER H    H N N 294 
SER H2   H N N 295 
SER HA   H N N 296 
SER HB2  H N N 297 
SER HB3  H N N 298 
SER HG   H N N 299 
SER HXT  H N N 300 
THR N    N N N 301 
THR CA   C N S 302 
THR C    C N N 303 
THR O    O N N 304 
THR CB   C N R 305 
THR OG1  O N N 306 
THR CG2  C N N 307 
THR OXT  O N N 308 
THR H    H N N 309 
THR H2   H N N 310 
THR HA   H N N 311 
THR HB   H N N 312 
THR HG1  H N N 313 
THR HG21 H N N 314 
THR HG22 H N N 315 
THR HG23 H N N 316 
THR HXT  H N N 317 
TRP N    N N N 318 
TRP CA   C N S 319 
TRP C    C N N 320 
TRP O    O N N 321 
TRP CB   C N N 322 
TRP CG   C Y N 323 
TRP CD1  C Y N 324 
TRP CD2  C Y N 325 
TRP NE1  N Y N 326 
TRP CE2  C Y N 327 
TRP CE3  C Y N 328 
TRP CZ2  C Y N 329 
TRP CZ3  C Y N 330 
TRP CH2  C Y N 331 
TRP OXT  O N N 332 
TRP H    H N N 333 
TRP H2   H N N 334 
TRP HA   H N N 335 
TRP HB2  H N N 336 
TRP HB3  H N N 337 
TRP HD1  H N N 338 
TRP HE1  H N N 339 
TRP HE3  H N N 340 
TRP HZ2  H N N 341 
TRP HZ3  H N N 342 
TRP HH2  H N N 343 
TRP HXT  H N N 344 
TYR N    N N N 345 
TYR CA   C N S 346 
TYR C    C N N 347 
TYR O    O N N 348 
TYR CB   C N N 349 
TYR CG   C Y N 350 
TYR CD1  C Y N 351 
TYR CD2  C Y N 352 
TYR CE1  C Y N 353 
TYR CE2  C Y N 354 
TYR CZ   C Y N 355 
TYR OH   O N N 356 
TYR OXT  O N N 357 
TYR H    H N N 358 
TYR H2   H N N 359 
TYR HA   H N N 360 
TYR HB2  H N N 361 
TYR HB3  H N N 362 
TYR HD1  H N N 363 
TYR HD2  H N N 364 
TYR HE1  H N N 365 
TYR HE2  H N N 366 
TYR HH   H N N 367 
TYR HXT  H N N 368 
VAL N    N N N 369 
VAL CA   C N S 370 
VAL C    C N N 371 
VAL O    O N N 372 
VAL CB   C N N 373 
VAL CG1  C N N 374 
VAL CG2  C N N 375 
VAL OXT  O N N 376 
VAL H    H N N 377 
VAL H2   H N N 378 
VAL HA   H N N 379 
VAL HB   H N N 380 
VAL HG11 H N N 381 
VAL HG12 H N N 382 
VAL HG13 H N N 383 
VAL HG21 H N N 384 
VAL HG22 H N N 385 
VAL HG23 H N N 386 
VAL HXT  H N N 387 
# 
loop_
_chem_comp_bond.comp_id 
_chem_comp_bond.atom_id_1 
_chem_comp_bond.atom_id_2 
_chem_comp_bond.value_order 
_chem_comp_bond.pdbx_aromatic_flag 
_chem_comp_bond.pdbx_stereo_config 
_chem_comp_bond.pdbx_ordinal 
ALA N   CA   sing N N 1   
ALA N   H    sing N N 2   
ALA N   H2   sing N N 3   
ALA CA  C    sing N N 4   
ALA CA  CB   sing N N 5   
ALA CA  HA   sing N N 6   
ALA C   O    doub N N 7   
ALA C   OXT  sing N N 8   
ALA CB  HB1  sing N N 9   
ALA CB  HB2  sing N N 10  
ALA CB  HB3  sing N N 11  
ALA OXT HXT  sing N N 12  
ARG N   CA   sing N N 13  
ARG N   H    sing N N 14  
ARG N   H2   sing N N 15  
ARG CA  C    sing N N 16  
ARG CA  CB   sing N N 17  
ARG CA  HA   sing N N 18  
ARG C   O    doub N N 19  
ARG C   OXT  sing N N 20  
ARG CB  CG   sing N N 21  
ARG CB  HB2  sing N N 22  
ARG CB  HB3  sing N N 23  
ARG CG  CD   sing N N 24  
ARG CG  HG2  sing N N 25  
ARG CG  HG3  sing N N 26  
ARG CD  NE   sing N N 27  
ARG CD  HD2  sing N N 28  
ARG CD  HD3  sing N N 29  
ARG NE  CZ   sing N N 30  
ARG NE  HE   sing N N 31  
ARG CZ  NH1  sing N N 32  
ARG CZ  NH2  doub N N 33  
ARG NH1 HH11 sing N N 34  
ARG NH1 HH12 sing N N 35  
ARG NH2 HH21 sing N N 36  
ARG NH2 HH22 sing N N 37  
ARG OXT HXT  sing N N 38  
ASN N   CA   sing N N 39  
ASN N   H    sing N N 40  
ASN N   H2   sing N N 41  
ASN CA  C    sing N N 42  
ASN CA  CB   sing N N 43  
ASN CA  HA   sing N N 44  
ASN C   O    doub N N 45  
ASN C   OXT  sing N N 46  
ASN CB  CG   sing N N 47  
ASN CB  HB2  sing N N 48  
ASN CB  HB3  sing N N 49  
ASN CG  OD1  doub N N 50  
ASN CG  ND2  sing N N 51  
ASN ND2 HD21 sing N N 52  
ASN ND2 HD22 sing N N 53  
ASN OXT HXT  sing N N 54  
ASP N   CA   sing N N 55  
ASP N   H    sing N N 56  
ASP N   H2   sing N N 57  
ASP CA  C    sing N N 58  
ASP CA  CB   sing N N 59  
ASP CA  HA   sing N N 60  
ASP C   O    doub N N 61  
ASP C   OXT  sing N N 62  
ASP CB  CG   sing N N 63  
ASP CB  HB2  sing N N 64  
ASP CB  HB3  sing N N 65  
ASP CG  OD1  doub N N 66  
ASP CG  OD2  sing N N 67  
ASP OD2 HD2  sing N N 68  
ASP OXT HXT  sing N N 69  
CYS N   CA   sing N N 70  
CYS N   H    sing N N 71  
CYS N   H2   sing N N 72  
CYS CA  C    sing N N 73  
CYS CA  CB   sing N N 74  
CYS CA  HA   sing N N 75  
CYS C   O    doub N N 76  
CYS C   OXT  sing N N 77  
CYS CB  SG   sing N N 78  
CYS CB  HB2  sing N N 79  
CYS CB  HB3  sing N N 80  
CYS SG  HG   sing N N 81  
CYS OXT HXT  sing N N 82  
GLN N   CA   sing N N 83  
GLN N   H    sing N N 84  
GLN N   H2   sing N N 85  
GLN CA  C    sing N N 86  
GLN CA  CB   sing N N 87  
GLN CA  HA   sing N N 88  
GLN C   O    doub N N 89  
GLN C   OXT  sing N N 90  
GLN CB  CG   sing N N 91  
GLN CB  HB2  sing N N 92  
GLN CB  HB3  sing N N 93  
GLN CG  CD   sing N N 94  
GLN CG  HG2  sing N N 95  
GLN CG  HG3  sing N N 96  
GLN CD  OE1  doub N N 97  
GLN CD  NE2  sing N N 98  
GLN NE2 HE21 sing N N 99  
GLN NE2 HE22 sing N N 100 
GLN OXT HXT  sing N N 101 
GLU N   CA   sing N N 102 
GLU N   H    sing N N 103 
GLU N   H2   sing N N 104 
GLU CA  C    sing N N 105 
GLU CA  CB   sing N N 106 
GLU CA  HA   sing N N 107 
GLU C   O    doub N N 108 
GLU C   OXT  sing N N 109 
GLU CB  CG   sing N N 110 
GLU CB  HB2  sing N N 111 
GLU CB  HB3  sing N N 112 
GLU CG  CD   sing N N 113 
GLU CG  HG2  sing N N 114 
GLU CG  HG3  sing N N 115 
GLU CD  OE1  doub N N 116 
GLU CD  OE2  sing N N 117 
GLU OE2 HE2  sing N N 118 
GLU OXT HXT  sing N N 119 
GLY N   CA   sing N N 120 
GLY N   H    sing N N 121 
GLY N   H2   sing N N 122 
GLY CA  C    sing N N 123 
GLY CA  HA2  sing N N 124 
GLY CA  HA3  sing N N 125 
GLY C   O    doub N N 126 
GLY C   OXT  sing N N 127 
GLY OXT HXT  sing N N 128 
HIS N   CA   sing N N 129 
HIS N   H    sing N N 130 
HIS N   H2   sing N N 131 
HIS CA  C    sing N N 132 
HIS CA  CB   sing N N 133 
HIS CA  HA   sing N N 134 
HIS C   O    doub N N 135 
HIS C   OXT  sing N N 136 
HIS CB  CG   sing N N 137 
HIS CB  HB2  sing N N 138 
HIS CB  HB3  sing N N 139 
HIS CG  ND1  sing Y N 140 
HIS CG  CD2  doub Y N 141 
HIS ND1 CE1  doub Y N 142 
HIS ND1 HD1  sing N N 143 
HIS CD2 NE2  sing Y N 144 
HIS CD2 HD2  sing N N 145 
HIS CE1 NE2  sing Y N 146 
HIS CE1 HE1  sing N N 147 
HIS NE2 HE2  sing N N 148 
HIS OXT HXT  sing N N 149 
ILE N   CA   sing N N 150 
ILE N   H    sing N N 151 
ILE N   H2   sing N N 152 
ILE CA  C    sing N N 153 
ILE CA  CB   sing N N 154 
ILE CA  HA   sing N N 155 
ILE C   O    doub N N 156 
ILE C   OXT  sing N N 157 
ILE CB  CG1  sing N N 158 
ILE CB  CG2  sing N N 159 
ILE CB  HB   sing N N 160 
ILE CG1 CD1  sing N N 161 
ILE CG1 HG12 sing N N 162 
ILE CG1 HG13 sing N N 163 
ILE CG2 HG21 sing N N 164 
ILE CG2 HG22 sing N N 165 
ILE CG2 HG23 sing N N 166 
ILE CD1 HD11 sing N N 167 
ILE CD1 HD12 sing N N 168 
ILE CD1 HD13 sing N N 169 
ILE OXT HXT  sing N N 170 
LEU N   CA   sing N N 171 
LEU N   H    sing N N 172 
LEU N   H2   sing N N 173 
LEU CA  C    sing N N 174 
LEU CA  CB   sing N N 175 
LEU CA  HA   sing N N 176 
LEU C   O    doub N N 177 
LEU C   OXT  sing N N 178 
LEU CB  CG   sing N N 179 
LEU CB  HB2  sing N N 180 
LEU CB  HB3  sing N N 181 
LEU CG  CD1  sing N N 182 
LEU CG  CD2  sing N N 183 
LEU CG  HG   sing N N 184 
LEU CD1 HD11 sing N N 185 
LEU CD1 HD12 sing N N 186 
LEU CD1 HD13 sing N N 187 
LEU CD2 HD21 sing N N 188 
LEU CD2 HD22 sing N N 189 
LEU CD2 HD23 sing N N 190 
LEU OXT HXT  sing N N 191 
LYS N   CA   sing N N 192 
LYS N   H    sing N N 193 
LYS N   H2   sing N N 194 
LYS CA  C    sing N N 195 
LYS CA  CB   sing N N 196 
LYS CA  HA   sing N N 197 
LYS C   O    doub N N 198 
LYS C   OXT  sing N N 199 
LYS CB  CG   sing N N 200 
LYS CB  HB2  sing N N 201 
LYS CB  HB3  sing N N 202 
LYS CG  CD   sing N N 203 
LYS CG  HG2  sing N N 204 
LYS CG  HG3  sing N N 205 
LYS CD  CE   sing N N 206 
LYS CD  HD2  sing N N 207 
LYS CD  HD3  sing N N 208 
LYS CE  NZ   sing N N 209 
LYS CE  HE2  sing N N 210 
LYS CE  HE3  sing N N 211 
LYS NZ  HZ1  sing N N 212 
LYS NZ  HZ2  sing N N 213 
LYS NZ  HZ3  sing N N 214 
LYS OXT HXT  sing N N 215 
MET N   CA   sing N N 216 
MET N   H    sing N N 217 
MET N   H2   sing N N 218 
MET CA  C    sing N N 219 
MET CA  CB   sing N N 220 
MET CA  HA   sing N N 221 
MET C   O    doub N N 222 
MET C   OXT  sing N N 223 
MET CB  CG   sing N N 224 
MET CB  HB2  sing N N 225 
MET CB  HB3  sing N N 226 
MET CG  SD   sing N N 227 
MET CG  HG2  sing N N 228 
MET CG  HG3  sing N N 229 
MET SD  CE   sing N N 230 
MET CE  HE1  sing N N 231 
MET CE  HE2  sing N N 232 
MET CE  HE3  sing N N 233 
MET OXT HXT  sing N N 234 
PHE N   CA   sing N N 235 
PHE N   H    sing N N 236 
PHE N   H2   sing N N 237 
PHE CA  C    sing N N 238 
PHE CA  CB   sing N N 239 
PHE CA  HA   sing N N 240 
PHE C   O    doub N N 241 
PHE C   OXT  sing N N 242 
PHE CB  CG   sing N N 243 
PHE CB  HB2  sing N N 244 
PHE CB  HB3  sing N N 245 
PHE CG  CD1  doub Y N 246 
PHE CG  CD2  sing Y N 247 
PHE CD1 CE1  sing Y N 248 
PHE CD1 HD1  sing N N 249 
PHE CD2 CE2  doub Y N 250 
PHE CD2 HD2  sing N N 251 
PHE CE1 CZ   doub Y N 252 
PHE CE1 HE1  sing N N 253 
PHE CE2 CZ   sing Y N 254 
PHE CE2 HE2  sing N N 255 
PHE CZ  HZ   sing N N 256 
PHE OXT HXT  sing N N 257 
PRO N   CA   sing N N 258 
PRO N   CD   sing N N 259 
PRO N   H    sing N N 260 
PRO CA  C    sing N N 261 
PRO CA  CB   sing N N 262 
PRO CA  HA   sing N N 263 
PRO C   O    doub N N 264 
PRO C   OXT  sing N N 265 
PRO CB  CG   sing N N 266 
PRO CB  HB2  sing N N 267 
PRO CB  HB3  sing N N 268 
PRO CG  CD   sing N N 269 
PRO CG  HG2  sing N N 270 
PRO CG  HG3  sing N N 271 
PRO CD  HD2  sing N N 272 
PRO CD  HD3  sing N N 273 
PRO OXT HXT  sing N N 274 
SER N   CA   sing N N 275 
SER N   H    sing N N 276 
SER N   H2   sing N N 277 
SER CA  C    sing N N 278 
SER CA  CB   sing N N 279 
SER CA  HA   sing N N 280 
SER C   O    doub N N 281 
SER C   OXT  sing N N 282 
SER CB  OG   sing N N 283 
SER CB  HB2  sing N N 284 
SER CB  HB3  sing N N 285 
SER OG  HG   sing N N 286 
SER OXT HXT  sing N N 287 
THR N   CA   sing N N 288 
THR N   H    sing N N 289 
THR N   H2   sing N N 290 
THR CA  C    sing N N 291 
THR CA  CB   sing N N 292 
THR CA  HA   sing N N 293 
THR C   O    doub N N 294 
THR C   OXT  sing N N 295 
THR CB  OG1  sing N N 296 
THR CB  CG2  sing N N 297 
THR CB  HB   sing N N 298 
THR OG1 HG1  sing N N 299 
THR CG2 HG21 sing N N 300 
THR CG2 HG22 sing N N 301 
THR CG2 HG23 sing N N 302 
THR OXT HXT  sing N N 303 
TRP N   CA   sing N N 304 
TRP N   H    sing N N 305 
TRP N   H2   sing N N 306 
TRP CA  C    sing N N 307 
TRP CA  CB   sing N N 308 
TRP CA  HA   sing N N 309 
TRP C   O    doub N N 310 
TRP C   OXT  sing N N 311 
TRP CB  CG   sing N N 312 
TRP CB  HB2  sing N N 313 
TRP CB  HB3  sing N N 314 
TRP CG  CD1  doub Y N 315 
TRP CG  CD2  sing Y N 316 
TRP CD1 NE1  sing Y N 317 
TRP CD1 HD1  sing N N 318 
TRP CD2 CE2  doub Y N 319 
TRP CD2 CE3  sing Y N 320 
TRP NE1 CE2  sing Y N 321 
TRP NE1 HE1  sing N N 322 
TRP CE2 CZ2  sing Y N 323 
TRP CE3 CZ3  doub Y N 324 
TRP CE3 HE3  sing N N 325 
TRP CZ2 CH2  doub Y N 326 
TRP CZ2 HZ2  sing N N 327 
TRP CZ3 CH2  sing Y N 328 
TRP CZ3 HZ3  sing N N 329 
TRP CH2 HH2  sing N N 330 
TRP OXT HXT  sing N N 331 
TYR N   CA   sing N N 332 
TYR N   H    sing N N 333 
TYR N   H2   sing N N 334 
TYR CA  C    sing N N 335 
TYR CA  CB   sing N N 336 
TYR CA  HA   sing N N 337 
TYR C   O    doub N N 338 
TYR C   OXT  sing N N 339 
TYR CB  CG   sing N N 340 
TYR CB  HB2  sing N N 341 
TYR CB  HB3  sing N N 342 
TYR CG  CD1  doub Y N 343 
TYR CG  CD2  sing Y N 344 
TYR CD1 CE1  sing Y N 345 
TYR CD1 HD1  sing N N 346 
TYR CD2 CE2  doub Y N 347 
TYR CD2 HD2  sing N N 348 
TYR CE1 CZ   doub Y N 349 
TYR CE1 HE1  sing N N 350 
TYR CE2 CZ   sing Y N 351 
TYR CE2 HE2  sing N N 352 
TYR CZ  OH   sing N N 353 
TYR OH  HH   sing N N 354 
TYR OXT HXT  sing N N 355 
VAL N   CA   sing N N 356 
VAL N   H    sing N N 357 
VAL N   H2   sing N N 358 
VAL CA  C    sing N N 359 
VAL CA  CB   sing N N 360 
VAL CA  HA   sing N N 361 
VAL C   O    doub N N 362 
VAL C   OXT  sing N N 363 
VAL CB  CG1  sing N N 364 
VAL CB  CG2  sing N N 365 
VAL CB  HB   sing N N 366 
VAL CG1 HG11 sing N N 367 
VAL CG1 HG12 sing N N 368 
VAL CG1 HG13 sing N N 369 
VAL CG2 HG21 sing N N 370 
VAL CG2 HG22 sing N N 371 
VAL CG2 HG23 sing N N 372 
VAL OXT HXT  sing N N 373 
# 
_atom_sites.entry_id                    1ML8 
_atom_sites.fract_transf_matrix[1][1]   -0.00634480 
_atom_sites.fract_transf_matrix[1][2]   -0.01328932 
_atom_sites.fract_transf_matrix[1][3]   -0.00344280 
_atom_sites.fract_transf_matrix[2][1]   0.00843524 
_atom_sites.fract_transf_matrix[2][2]   -0.01254767 
_atom_sites.fract_transf_matrix[2][3]   -0.00032824 
_atom_sites.fract_transf_matrix[3][1]   -0.00182571 
_atom_sites.fract_transf_matrix[3][2]   -0.00146310 
_atom_sites.fract_transf_matrix[3][3]   0.00901226 
_atom_sites.fract_transf_vector[1]      0.304432 
_atom_sites.fract_transf_vector[2]      0.319339 
_atom_sites.fract_transf_vector[3]      0.587230 
# 
loop_
_atom_type.symbol 
C 
N 
O 
S 
# 
loop_
_atom_site.group_PDB 
_atom_site.id 
_atom_site.type_symbol 
_atom_site.label_atom_id 
_atom_site.label_alt_id 
_atom_site.label_comp_id 
_atom_site.label_asym_id 
_atom_site.label_entity_id 
_atom_site.label_seq_id 
_atom_site.pdbx_PDB_ins_code 
_atom_site.Cartn_x 
_atom_site.Cartn_y 
_atom_site.Cartn_z 
_atom_site.occupancy 
_atom_site.B_iso_or_equiv 
_atom_site.pdbx_formal_charge 
_atom_site.auth_seq_id 
_atom_site.auth_comp_id 
_atom_site.auth_asym_id 
_atom_site.auth_atom_id 
_atom_site.pdbx_PDB_model_num 
ATOM 1   N N   . MET A 1 1   ? -18.312 -3.636  9.914   1.00 63.26 ? 1   MET A N   1 
ATOM 2   C CA  . MET A 1 1   ? -17.688 -2.976  11.103  1.00 63.00 ? 1   MET A CA  1 
ATOM 3   C C   . MET A 1 1   ? -17.077 -3.994  12.078  1.00 62.40 ? 1   MET A C   1 
ATOM 4   O O   . MET A 1 1   ? -16.177 -3.659  12.849  1.00 64.45 ? 1   MET A O   1 
ATOM 5   C CB  . MET A 1 1   ? -18.699 -2.054  11.812  1.00 62.83 ? 1   MET A CB  1 
ATOM 6   N N   . GLN A 1 2   ? -17.503 -5.253  11.979  1.00 59.82 ? 2   GLN A N   1 
ATOM 7   C CA  . GLN A 1 2   ? -17.136 -6.297  12.936  1.00 55.76 ? 2   GLN A CA  1 
ATOM 8   C C   . GLN A 1 2   ? -15.738 -6.924  12.707  1.00 52.49 ? 2   GLN A C   1 
ATOM 9   O O   . GLN A 1 2   ? -15.610 -8.133  12.447  1.00 52.76 ? 2   GLN A O   1 
ATOM 10  C CB  . GLN A 1 2   ? -18.252 -7.370  12.985  1.00 56.49 ? 2   GLN A CB  1 
ATOM 11  N N   . ALA A 1 3   ? -14.684 -6.127  12.869  1.00 46.34 ? 3   ALA A N   1 
ATOM 12  C CA  . ALA A 1 3   ? -13.346 -6.702  13.001  1.00 40.95 ? 3   ALA A CA  1 
ATOM 13  C C   . ALA A 1 3   ? -12.937 -6.981  14.440  1.00 37.25 ? 3   ALA A C   1 
ATOM 14  O O   . ALA A 1 3   ? -13.348 -6.263  15.343  1.00 36.60 ? 3   ALA A O   1 
ATOM 15  C CB  . ALA A 1 3   ? -12.337 -5.796  12.361  1.00 41.54 ? 3   ALA A CB  1 
ATOM 16  N N   . ARG A 1 4   ? -12.033 -7.930  14.657  1.00 32.83 ? 4   ARG A N   1 
ATOM 17  C CA  . ARG A 1 4   ? -11.530 -8.155  16.011  1.00 29.74 ? 4   ARG A CA  1 
ATOM 18  C C   . ARG A 1 4   ? -10.066 -8.537  16.069  1.00 28.41 ? 4   ARG A C   1 
ATOM 19  O O   . ARG A 1 4   ? -9.536  -9.098  15.109  1.00 28.24 ? 4   ARG A O   1 
ATOM 20  C CB  . ARG A 1 4   ? -12.336 -9.243  16.723  1.00 29.75 ? 4   ARG A CB  1 
ATOM 21  C CG  . ARG A 1 4   ? -12.379 -10.577 16.001  1.00 29.06 ? 4   ARG A CG  1 
ATOM 22  C CD  . ARG A 1 4   ? -13.352 -11.560 16.633  1.00 29.11 ? 4   ARG A CD  1 
ATOM 23  N NE  . ARG A 1 4   ? -12.789 -12.046 17.882  1.00 27.53 ? 4   ARG A NE  1 
ATOM 24  C CZ  . ARG A 1 4   ? -12.050 -13.149 17.970  1.00 28.49 ? 4   ARG A CZ  1 
ATOM 25  N NH1 . ARG A 1 4   ? -11.865 -13.886 16.879  1.00 24.22 ? 4   ARG A NH1 1 
ATOM 26  N NH2 . ARG A 1 4   ? -11.499 -13.518 19.129  1.00 19.80 ? 4   ARG A NH2 1 
ATOM 27  N N   . VAL A 1 5   ? -9.414  -8.283  17.201  1.00 25.71 ? 5   VAL A N   1 
ATOM 28  C CA  . VAL A 1 5   ? -8.117  -8.903  17.396  1.00 24.00 ? 5   VAL A CA  1 
ATOM 29  C C   . VAL A 1 5   ? -8.026  -9.678  18.699  1.00 22.78 ? 5   VAL A C   1 
ATOM 30  O O   . VAL A 1 5   ? -8.605  -9.287  19.687  1.00 23.30 ? 5   VAL A O   1 
ATOM 31  C CB  . VAL A 1 5   ? -6.916  -7.950  17.178  1.00 24.71 ? 5   VAL A CB  1 
ATOM 32  C CG1 . VAL A 1 5   ? -7.187  -6.944  16.085  1.00 22.84 ? 5   VAL A CG1 1 
ATOM 33  C CG2 . VAL A 1 5   ? -6.494  -7.267  18.445  1.00 24.80 ? 5   VAL A CG2 1 
ATOM 34  N N   . LYS A 1 6   ? -7.310  -10.792 18.681  1.00 23.54 ? 6   LYS A N   1 
ATOM 35  C CA  . LYS A 1 6   ? -7.191  -11.678 19.833  1.00 25.04 ? 6   LYS A CA  1 
ATOM 36  C C   . LYS A 1 6   ? -5.733  -11.964 20.148  1.00 25.42 ? 6   LYS A C   1 
ATOM 37  O O   . LYS A 1 6   ? -4.931  -12.277 19.267  1.00 24.71 ? 6   LYS A O   1 
ATOM 38  C CB  . LYS A 1 6   ? -7.896  -13.007 19.566  1.00 25.91 ? 6   LYS A CB  1 
ATOM 39  C CG  . LYS A 1 6   ? -8.515  -13.624 20.797  1.00 26.86 ? 6   LYS A CG  1 
ATOM 40  C CD  . LYS A 1 6   ? -8.092  -15.061 20.917  1.00 32.03 ? 6   LYS A CD  1 
ATOM 41  C CE  . LYS A 1 6   ? -8.417  -15.569 22.295  1.00 28.47 ? 6   LYS A CE  1 
ATOM 42  N NZ  . LYS A 1 6   ? -7.289  -15.186 23.183  1.00 31.18 ? 6   LYS A NZ  1 
ATOM 43  N N   . TRP A 1 7   ? -5.397  -11.818 21.424  1.00 26.71 ? 7   TRP A N   1 
ATOM 44  C CA  . TRP A 1 7   ? -4.082  -12.202 21.941  1.00 26.34 ? 7   TRP A CA  1 
ATOM 45  C C   . TRP A 1 7   ? -3.903  -13.708 21.852  1.00 25.66 ? 7   TRP A C   1 
ATOM 46  O O   . TRP A 1 7   ? -4.704  -14.458 22.396  1.00 25.55 ? 7   TRP A O   1 
ATOM 47  C CB  . TRP A 1 7   ? -4.000  -11.782 23.406  1.00 27.23 ? 7   TRP A CB  1 
ATOM 48  C CG  . TRP A 1 7   ? -2.651  -11.903 23.996  1.00 27.90 ? 7   TRP A CG  1 
ATOM 49  C CD1 . TRP A 1 7   ? -1.468  -11.971 23.325  1.00 24.54 ? 7   TRP A CD1 1 
ATOM 50  C CD2 . TRP A 1 7   ? -2.323  -11.867 25.393  1.00 31.21 ? 7   TRP A CD2 1 
ATOM 51  N NE1 . TRP A 1 7   ? -0.425  -12.063 24.215  1.00 23.22 ? 7   TRP A NE1 1 
ATOM 52  C CE2 . TRP A 1 7   ? -0.912  -11.998 25.492  1.00 30.03 ? 7   TRP A CE2 1 
ATOM 53  C CE3 . TRP A 1 7   ? -3.081  -11.791 26.578  1.00 28.79 ? 7   TRP A CE3 1 
ATOM 54  C CZ2 . TRP A 1 7   ? -0.236  -12.040 26.727  1.00 28.16 ? 7   TRP A CZ2 1 
ATOM 55  C CZ3 . TRP A 1 7   ? -2.410  -11.827 27.812  1.00 30.60 ? 7   TRP A CZ3 1 
ATOM 56  C CH2 . TRP A 1 7   ? -0.994  -11.954 27.867  1.00 28.59 ? 7   TRP A CH2 1 
ATOM 57  N N   . VAL A 1 8   ? -2.895  -14.153 21.112  1.00 24.83 ? 8   VAL A N   1 
ATOM 58  C CA  . VAL A 1 8   ? -2.614  -15.572 21.041  1.00 22.92 ? 8   VAL A CA  1 
ATOM 59  C C   . VAL A 1 8   ? -1.636  -16.004 22.121  1.00 23.13 ? 8   VAL A C   1 
ATOM 60  O O   . VAL A 1 8   ? -1.927  -16.926 22.856  1.00 24.60 ? 8   VAL A O   1 
ATOM 61  C CB  . VAL A 1 8   ? -2.077  -15.993 19.674  1.00 22.98 ? 8   VAL A CB  1 
ATOM 62  C CG1 . VAL A 1 8   ? -1.959  -17.504 19.611  1.00 22.81 ? 8   VAL A CG1 1 
ATOM 63  C CG2 . VAL A 1 8   ? -2.984  -15.515 18.590  1.00 17.82 ? 8   VAL A CG2 1 
ATOM 64  N N   . GLU A 1 9   ? -0.456  -15.393 22.162  1.00 22.58 ? 9   GLU A N   1 
ATOM 65  C CA  . GLU A 1 9   ? 0.616   -15.787 23.055  1.00 21.55 ? 9   GLU A CA  1 
ATOM 66  C C   . GLU A 1 9   ? 1.724   -14.777 22.830  1.00 23.07 ? 9   GLU A C   1 
ATOM 67  O O   . GLU A 1 9   ? 1.738   -14.109 21.795  1.00 23.50 ? 9   GLU A O   1 
ATOM 68  C CB  . GLU A 1 9   ? 1.132   -17.163 22.657  1.00 22.40 ? 9   GLU A CB  1 
ATOM 69  C CG  . GLU A 1 9   ? 1.599   -17.283 21.207  1.00 23.33 ? 9   GLU A CG  1 
ATOM 70  C CD  . GLU A 1 9   ? 1.882   -18.737 20.773  1.00 24.69 ? 9   GLU A CD  1 
ATOM 71  O OE1 . GLU A 1 9   ? 2.306   -18.981 19.610  1.00 22.23 ? 9   GLU A OE1 1 
ATOM 72  O OE2 . GLU A 1 9   ? 1.656   -19.657 21.586  1.00 19.03 ? 9   GLU A OE2 1 
ATOM 73  N N   . GLY A 1 10  ? 2.657   -14.657 23.775  1.00 23.76 ? 10  GLY A N   1 
ATOM 74  C CA  . GLY A 1 10  ? 3.792   -13.781 23.577  1.00 22.74 ? 10  GLY A CA  1 
ATOM 75  C C   . GLY A 1 10  ? 3.272   -12.428 23.151  1.00 23.37 ? 10  GLY A C   1 
ATOM 76  O O   . GLY A 1 10  ? 2.568   -11.783 23.909  1.00 25.40 ? 10  GLY A O   1 
ATOM 77  N N   . LEU A 1 11  ? 3.615   -11.963 21.963  1.00 23.28 ? 11  LEU A N   1 
ATOM 78  C CA  . LEU A 1 11  ? 3.071   -10.689 21.518  1.00 24.65 ? 11  LEU A CA  1 
ATOM 79  C C   . LEU A 1 11  ? 2.468   -10.984 20.149  1.00 25.69 ? 11  LEU A C   1 
ATOM 80  O O   . LEU A 1 11  ? 2.527   -10.200 19.208  1.00 27.00 ? 11  LEU A O   1 
ATOM 81  C CB  . LEU A 1 11  ? 4.153   -9.597  21.478  1.00 23.59 ? 11  LEU A CB  1 
ATOM 82  C CG  . LEU A 1 11  ? 4.594   -8.952  22.811  1.00 28.55 ? 11  LEU A CG  1 
ATOM 83  C CD1 . LEU A 1 11  ? 5.407   -7.649  22.683  1.00 25.60 ? 11  LEU A CD1 1 
ATOM 84  C CD2 . LEU A 1 11  ? 3.422   -8.683  23.741  1.00 27.38 ? 11  LEU A CD2 1 
ATOM 85  N N   . THR A 1 12  ? 1.962   -12.195 20.012  1.00 25.14 ? 12  THR A N   1 
ATOM 86  C CA  . THR A 1 12  ? 1.383   -12.573 18.753  1.00 25.37 ? 12  THR A CA  1 
ATOM 87  C C   . THR A 1 12  ? -0.107  -12.320 18.871  1.00 25.16 ? 12  THR A C   1 
ATOM 88  O O   . THR A 1 12  ? -0.740  -12.797 19.825  1.00 25.35 ? 12  THR A O   1 
ATOM 89  C CB  . THR A 1 12  ? 1.643   -14.057 18.500  1.00 24.76 ? 12  THR A CB  1 
ATOM 90  O OG1 . THR A 1 12  ? 2.977   -14.210 18.017  1.00 28.57 ? 12  THR A OG1 1 
ATOM 91  C CG2 . THR A 1 12  ? 0.773   -14.547 17.323  1.00 24.54 ? 12  THR A CG2 1 
ATOM 92  N N   . PHE A 1 13  ? -0.668  -11.595 17.910  1.00 24.16 ? 13  PHE A N   1 
ATOM 93  C CA  . PHE A 1 13  ? -2.108  -11.400 17.919  1.00 23.83 ? 13  PHE A CA  1 
ATOM 94  C C   . PHE A 1 13  ? -2.719  -11.868 16.625  1.00 24.85 ? 13  PHE A C   1 
ATOM 95  O O   . PHE A 1 13  ? -2.161  -11.655 15.545  1.00 24.70 ? 13  PHE A O   1 
ATOM 96  C CB  . PHE A 1 13  ? -2.450  -9.939  18.160  1.00 23.00 ? 13  PHE A CB  1 
ATOM 97  C CG  . PHE A 1 13  ? -2.087  -9.467  19.525  1.00 23.40 ? 13  PHE A CG  1 
ATOM 98  C CD1 . PHE A 1 13  ? -3.058  -9.283  20.487  1.00 24.45 ? 13  PHE A CD1 1 
ATOM 99  C CD2 . PHE A 1 13  ? -0.759  -9.277  19.879  1.00 27.50 ? 13  PHE A CD2 1 
ATOM 100 C CE1 . PHE A 1 13  ? -2.705  -8.875  21.769  1.00 25.26 ? 13  PHE A CE1 1 
ATOM 101 C CE2 . PHE A 1 13  ? -0.407  -8.892  21.165  1.00 23.89 ? 13  PHE A CE2 1 
ATOM 102 C CZ  . PHE A 1 13  ? -1.383  -8.702  22.111  1.00 19.64 ? 13  PHE A CZ  1 
ATOM 103 N N   . LEU A 1 14  ? -3.888  -12.484 16.762  1.00 26.47 ? 14  LEU A N   1 
ATOM 104 C CA  . LEU A 1 14  ? -4.750  -12.898 15.649  1.00 26.97 ? 14  LEU A CA  1 
ATOM 105 C C   . LEU A 1 14  ? -5.696  -11.753 15.300  1.00 27.91 ? 14  LEU A C   1 
ATOM 106 O O   . LEU A 1 14  ? -6.186  -11.033 16.181  1.00 28.00 ? 14  LEU A O   1 
ATOM 107 C CB  . LEU A 1 14  ? -5.570  -14.099 16.108  1.00 26.50 ? 14  LEU A CB  1 
ATOM 108 C CG  . LEU A 1 14  ? -6.655  -14.701 15.238  1.00 26.83 ? 14  LEU A CG  1 
ATOM 109 C CD1 . LEU A 1 14  ? -7.724  -13.668 14.927  1.00 26.66 ? 14  LEU A CD1 1 
ATOM 110 C CD2 . LEU A 1 14  ? -5.930  -15.089 14.009  1.00 34.72 ? 14  LEU A CD2 1 
ATOM 111 N N   . GLY A 1 15  ? -5.914  -11.546 14.007  1.00 28.21 ? 15  GLY A N   1 
ATOM 112 C CA  . GLY A 1 15  ? -6.698  -10.413 13.557  1.00 25.85 ? 15  GLY A CA  1 
ATOM 113 C C   . GLY A 1 15  ? -7.712  -11.002 12.627  1.00 26.55 ? 15  GLY A C   1 
ATOM 114 O O   . GLY A 1 15  ? -7.364  -11.836 11.790  1.00 28.02 ? 15  GLY A O   1 
ATOM 115 N N   . GLU A 1 16  ? -8.965  -10.610 12.799  1.00 26.52 ? 16  GLU A N   1 
ATOM 116 C CA  . GLU A 1 16  ? -10.037 -11.166 12.001  1.00 27.49 ? 16  GLU A CA  1 
ATOM 117 C C   . GLU A 1 16  ? -10.802 -10.048 11.313  1.00 28.17 ? 16  GLU A C   1 
ATOM 118 O O   . GLU A 1 16  ? -11.275 -9.112  11.958  1.00 28.82 ? 16  GLU A O   1 
ATOM 119 C CB  . GLU A 1 16  ? -10.976 -11.923 12.910  1.00 27.61 ? 16  GLU A CB  1 
ATOM 120 C CG  . GLU A 1 16  ? -11.919 -12.819 12.147  1.00 31.02 ? 16  GLU A CG  1 
ATOM 121 C CD  . GLU A 1 16  ? -12.894 -13.502 13.073  1.00 34.05 ? 16  GLU A CD  1 
ATOM 122 O OE1 . GLU A 1 16  ? -12.469 -13.993 14.138  1.00 32.29 ? 16  GLU A OE1 1 
ATOM 123 O OE2 . GLU A 1 16  ? -14.090 -13.513 12.727  1.00 37.30 ? 16  GLU A OE2 1 
ATOM 124 N N   . SER A 1 17  ? -10.892 -10.128 9.993   1.00 27.92 ? 17  SER A N   1 
ATOM 125 C CA  . SER A 1 17  ? -11.527 -9.079  9.210   1.00 28.39 ? 17  SER A CA  1 
ATOM 126 C C   . SER A 1 17  ? -13.008 -9.376  9.096   1.00 27.86 ? 17  SER A C   1 
ATOM 127 O O   . SER A 1 17  ? -13.443 -10.530 9.121   1.00 29.12 ? 17  SER A O   1 
ATOM 128 C CB  . SER A 1 17  ? -10.916 -9.020  7.808   1.00 28.67 ? 17  SER A CB  1 
ATOM 129 O OG  . SER A 1 17  ? -11.465 -10.037 6.989   1.00 32.17 ? 17  SER A OG  1 
ATOM 130 N N   . ALA A 1 18  ? -13.813 -8.357  8.875   1.00 27.10 ? 18  ALA A N   1 
ATOM 131 C CA  . ALA A 1 18  ? -15.222 -8.707  8.690   1.00 27.70 ? 18  ALA A CA  1 
ATOM 132 C C   . ALA A 1 18  ? -15.524 -9.306  7.330   1.00 26.98 ? 18  ALA A C   1 
ATOM 133 O O   . ALA A 1 18  ? -16.654 -9.696  7.059   1.00 26.61 ? 18  ALA A O   1 
ATOM 134 C CB  . ALA A 1 18  ? -16.144 -7.519  8.937   1.00 27.63 ? 18  ALA A CB  1 
ATOM 135 N N   . SER A 1 19  ? -14.531 -9.353  6.456   1.00 26.00 ? 19  SER A N   1 
ATOM 136 C CA  . SER A 1 19  ? -14.727 -10.042 5.199   1.00 24.91 ? 19  SER A CA  1 
ATOM 137 C C   . SER A 1 19  ? -14.491 -11.555 5.391   1.00 25.85 ? 19  SER A C   1 
ATOM 138 O O   . SER A 1 19  ? -14.522 -12.316 4.420   1.00 25.17 ? 19  SER A O   1 
ATOM 139 C CB  . SER A 1 19  ? -13.798 -9.423  4.159   1.00 23.74 ? 19  SER A CB  1 
ATOM 140 O OG  . SER A 1 19  ? -12.499 -9.328  4.706   1.00 19.91 ? 19  SER A OG  1 
ATOM 141 N N   . GLY A 1 20  ? -14.238 -11.972 6.639   1.00 27.07 ? 20  GLY A N   1 
ATOM 142 C CA  . GLY A 1 20  ? -14.166 -13.371 7.047   1.00 26.63 ? 20  GLY A CA  1 
ATOM 143 C C   . GLY A 1 20  ? -12.788 -13.993 6.899   1.00 27.99 ? 20  GLY A C   1 
ATOM 144 O O   . GLY A 1 20  ? -12.667 -15.185 6.624   1.00 29.48 ? 20  GLY A O   1 
ATOM 145 N N   . HIS A 1 21  ? -11.734 -13.195 7.020   1.00 26.70 ? 21  HIS A N   1 
ATOM 146 C CA  . HIS A 1 21  ? -10.389 -13.723 6.893   1.00 26.73 ? 21  HIS A CA  1 
ATOM 147 C C   . HIS A 1 21  ? -9.617  -13.412 8.160   1.00 28.62 ? 21  HIS A C   1 
ATOM 148 O O   . HIS A 1 21  ? -10.044 -12.565 8.958   1.00 30.12 ? 21  HIS A O   1 
ATOM 149 C CB  . HIS A 1 21  ? -9.707  -13.119 5.668   1.00 26.15 ? 21  HIS A CB  1 
ATOM 150 C CG  . HIS A 1 21  ? -10.457 -13.365 4.396   1.00 26.58 ? 21  HIS A CG  1 
ATOM 151 N ND1 . HIS A 1 21  ? -11.284 -12.419 3.826   1.00 24.43 ? 21  HIS A ND1 1 
ATOM 152 C CD2 . HIS A 1 21  ? -10.624 -14.499 3.673   1.00 25.54 ? 21  HIS A CD2 1 
ATOM 153 C CE1 . HIS A 1 21  ? -11.882 -12.944 2.772   1.00 21.84 ? 21  HIS A CE1 1 
ATOM 154 N NE2 . HIS A 1 21  ? -11.493 -14.203 2.652   1.00 23.38 ? 21  HIS A NE2 1 
ATOM 155 N N   . GLN A 1 22  ? -8.512  -14.124 8.367   1.00 28.32 ? 22  GLN A N   1 
ATOM 156 C CA  . GLN A 1 22  ? -7.685  -13.929 9.550   1.00 28.28 ? 22  GLN A CA  1 
ATOM 157 C C   . GLN A 1 22  ? -6.209  -13.683 9.230   1.00 29.56 ? 22  GLN A C   1 
ATOM 158 O O   . GLN A 1 22  ? -5.689  -14.127 8.218   1.00 30.63 ? 22  GLN A O   1 
ATOM 159 C CB  . GLN A 1 22  ? -7.852  -15.095 10.515  1.00 27.61 ? 22  GLN A CB  1 
ATOM 160 C CG  . GLN A 1 22  ? -9.260  -15.167 10.987  1.00 27.83 ? 22  GLN A CG  1 
ATOM 161 C CD  . GLN A 1 22  ? -9.476  -16.273 11.979  1.00 32.01 ? 22  GLN A CD  1 
ATOM 162 O OE1 . GLN A 1 22  ? -10.355 -16.171 12.856  1.00 31.38 ? 22  GLN A OE1 1 
ATOM 163 N NE2 . GLN A 1 22  ? -8.725  -17.361 11.813  1.00 28.18 ? 22  GLN A NE2 1 
ATOM 164 N N   . ILE A 1 23  ? -5.519  -12.924 10.065  1.00 29.94 ? 23  ILE A N   1 
ATOM 165 C CA  . ILE A 1 23  ? -4.097  -12.748 9.834   1.00 30.69 ? 23  ILE A CA  1 
ATOM 166 C C   . ILE A 1 23  ? -3.414  -12.760 11.190  1.00 31.11 ? 23  ILE A C   1 
ATOM 167 O O   . ILE A 1 23  ? -4.080  -12.827 12.232  1.00 34.55 ? 23  ILE A O   1 
ATOM 168 C CB  . ILE A 1 23  ? -3.873  -11.412 9.172   1.00 31.13 ? 23  ILE A CB  1 
ATOM 169 C CG1 . ILE A 1 23  ? -4.580  -10.337 9.996   1.00 33.48 ? 23  ILE A CG1 1 
ATOM 170 C CG2 . ILE A 1 23  ? -4.392  -11.456 7.771   1.00 27.86 ? 23  ILE A CG2 1 
ATOM 171 C CD1 . ILE A 1 23  ? -3.754  -9.102  10.153  1.00 36.75 ? 23  ILE A CD1 1 
ATOM 172 N N   . LEU A 1 24  ? -2.093  -12.698 11.184  1.00 28.25 ? 24  LEU A N   1 
ATOM 173 C CA  . LEU A 1 24  ? -1.337  -12.710 12.421  1.00 26.49 ? 24  LEU A CA  1 
ATOM 174 C C   . LEU A 1 24  ? -0.427  -11.479 12.446  1.00 26.40 ? 24  LEU A C   1 
ATOM 175 O O   . LEU A 1 24  ? 0.186   -11.131 11.443  1.00 26.53 ? 24  LEU A O   1 
ATOM 176 C CB  . LEU A 1 24  ? -0.536  -13.999 12.463  1.00 25.01 ? 24  LEU A CB  1 
ATOM 177 C CG  . LEU A 1 24  ? -0.918  -15.211 13.314  1.00 26.73 ? 24  LEU A CG  1 
ATOM 178 C CD1 . LEU A 1 24  ? -2.168  -15.057 14.190  1.00 24.42 ? 24  LEU A CD1 1 
ATOM 179 C CD2 . LEU A 1 24  ? -0.976  -16.435 12.435  1.00 26.99 ? 24  LEU A CD2 1 
ATOM 180 N N   . MET A 1 25  ? -0.440  -10.753 13.557  1.00 27.81 ? 25  MET A N   1 
ATOM 181 C CA  . MET A 1 25  ? 0.533   -9.696  13.834  1.00 28.50 ? 25  MET A CA  1 
ATOM 182 C C   . MET A 1 25  ? 1.465   -10.109 14.976  1.00 29.24 ? 25  MET A C   1 
ATOM 183 O O   . MET A 1 25  ? 1.042   -10.764 15.939  1.00 29.40 ? 25  MET A O   1 
ATOM 184 C CB  . MET A 1 25  ? -0.202  -8.393  14.157  1.00 27.78 ? 25  MET A CB  1 
ATOM 185 C CG  . MET A 1 25  ? -1.071  -7.932  12.992  1.00 28.76 ? 25  MET A CG  1 
ATOM 186 S SD  . MET A 1 25  ? -2.280  -6.706  13.417  1.00 21.43 ? 25  MET A SD  1 
ATOM 187 C CE  . MET A 1 25  ? -3.435  -7.758  14.235  1.00 19.95 ? 25  MET A CE  1 
ATOM 188 N N   . ASP A 1 26  ? 2.736   -9.731  14.860  1.00 30.67 ? 26  ASP A N   1 
ATOM 189 C CA  . ASP A 1 26  ? 3.741   -10.049 15.864  1.00 31.71 ? 26  ASP A CA  1 
ATOM 190 C C   . ASP A 1 26  ? 4.424   -8.794  16.366  1.00 31.59 ? 26  ASP A C   1 
ATOM 191 O O   . ASP A 1 26  ? 5.142   -8.134  15.625  1.00 32.81 ? 26  ASP A O   1 
ATOM 192 C CB  . ASP A 1 26  ? 4.803   -10.980 15.271  1.00 33.73 ? 26  ASP A CB  1 
ATOM 193 C CG  . ASP A 1 26  ? 5.837   -11.436 16.299  1.00 35.94 ? 26  ASP A CG  1 
ATOM 194 O OD1 . ASP A 1 26  ? 6.163   -10.663 17.237  1.00 36.17 ? 26  ASP A OD1 1 
ATOM 195 O OD2 . ASP A 1 26  ? 6.350   -12.573 16.244  1.00 38.05 ? 26  ASP A OD2 1 
ATOM 196 N N   . GLY A 1 27  ? 4.271   -8.507  17.650  1.00 31.36 ? 27  GLY A N   1 
ATOM 197 C CA  . GLY A 1 27  ? 4.830   -7.291  18.203  1.00 30.78 ? 27  GLY A CA  1 
ATOM 198 C C   . GLY A 1 27  ? 6.299   -7.383  18.593  1.00 31.65 ? 27  GLY A C   1 
ATOM 199 O O   . GLY A 1 27  ? 6.874   -6.409  19.066  1.00 30.64 ? 27  GLY A O   1 
ATOM 200 N N   . ASN A 1 28  ? 6.934   -8.538  18.420  1.00 31.92 ? 28  ASN A N   1 
ATOM 201 C CA  . ASN A 1 28  ? 8.389   -8.576  18.596  1.00 32.07 ? 28  ASN A CA  1 
ATOM 202 C C   . ASN A 1 28  ? 9.089   -8.212  17.292  1.00 31.97 ? 28  ASN A C   1 
ATOM 203 O O   . ASN A 1 28  ? 9.653   -9.082  16.640  1.00 32.02 ? 28  ASN A O   1 
ATOM 204 C CB  . ASN A 1 28  ? 8.860   -9.946  19.089  1.00 31.31 ? 28  ASN A CB  1 
ATOM 205 C CG  . ASN A 1 28  ? 8.222   -10.336 20.405  1.00 33.96 ? 28  ASN A CG  1 
ATOM 206 O OD1 . ASN A 1 28  ? 8.409   -9.652  21.399  1.00 39.90 ? 28  ASN A OD1 1 
ATOM 207 N ND2 . ASN A 1 28  ? 7.466   -11.426 20.424  1.00 34.93 ? 28  ASN A ND2 1 
ATOM 208 N N   . SER A 1 29  ? 8.993   -6.950  16.880  1.00 31.74 ? 29  SER A N   1 
ATOM 209 C CA  . SER A 1 29  ? 9.643   -6.474  15.658  1.00 31.52 ? 29  SER A CA  1 
ATOM 210 C C   . SER A 1 29  ? 9.303   -7.307  14.434  1.00 32.07 ? 29  SER A C   1 
ATOM 211 O O   . SER A 1 29  ? 10.167  -7.607  13.603  1.00 32.28 ? 29  SER A O   1 
ATOM 212 C CB  . SER A 1 29  ? 11.154  -6.422  15.843  1.00 30.49 ? 29  SER A CB  1 
ATOM 213 O OG  . SER A 1 29  ? 11.420  -5.507  16.879  1.00 32.50 ? 29  SER A OG  1 
ATOM 214 N N   . GLY A 1 30  ? 8.044   -7.722  14.362  1.00 32.17 ? 30  GLY A N   1 
ATOM 215 C CA  . GLY A 1 30  ? 7.601   -8.608  13.304  1.00 31.24 ? 30  GLY A CA  1 
ATOM 216 C C   . GLY A 1 30  ? 8.395   -9.890  13.204  1.00 30.15 ? 30  GLY A C   1 
ATOM 217 O O   . GLY A 1 30  ? 8.723   -10.320 12.116  1.00 32.19 ? 30  GLY A O   1 
ATOM 218 N N   . ASP A 1 31  ? 8.654   -10.543 14.323  1.00 30.29 ? 31  ASP A N   1 
ATOM 219 C CA  . ASP A 1 31  ? 9.497   -11.724 14.317  1.00 29.69 ? 31  ASP A CA  1 
ATOM 220 C C   . ASP A 1 31  ? 8.917   -12.847 13.462  1.00 30.30 ? 31  ASP A C   1 
ATOM 221 O O   . ASP A 1 31  ? 9.559   -13.312 12.522  1.00 30.62 ? 31  ASP A O   1 
ATOM 222 C CB  . ASP A 1 31  ? 9.669   -12.214 15.748  1.00 29.80 ? 31  ASP A CB  1 
ATOM 223 C CG  . ASP A 1 31  ? 10.735  -13.288 15.874  1.00 30.91 ? 31  ASP A CG  1 
ATOM 224 O OD1 . ASP A 1 31  ? 10.790  -13.941 16.937  1.00 37.38 ? 31  ASP A OD1 1 
ATOM 225 O OD2 . ASP A 1 31  ? 11.541  -13.575 14.969  1.00 27.08 ? 31  ASP A OD2 1 
ATOM 226 N N   . LYS A 1 32  ? 7.719   -13.308 13.810  1.00 30.85 ? 32  LYS A N   1 
ATOM 227 C CA  . LYS A 1 32  ? 7.130   -14.522 13.225  1.00 31.06 ? 32  LYS A CA  1 
ATOM 228 C C   . LYS A 1 32  ? 6.030   -14.152 12.198  1.00 29.29 ? 32  LYS A C   1 
ATOM 229 O O   . LYS A 1 32  ? 5.508   -14.985 11.446  1.00 28.32 ? 32  LYS A O   1 
ATOM 230 C CB  . LYS A 1 32  ? 6.590   -15.414 14.373  1.00 32.65 ? 32  LYS A CB  1 
ATOM 231 C CG  . LYS A 1 32  ? 7.439   -16.630 14.845  1.00 33.74 ? 32  LYS A CG  1 
ATOM 232 C CD  . LYS A 1 32  ? 8.927   -16.366 14.844  1.00 41.87 ? 32  LYS A CD  1 
ATOM 233 C CE  . LYS A 1 32  ? 9.732   -17.540 15.385  1.00 45.87 ? 32  LYS A CE  1 
ATOM 234 N NZ  . LYS A 1 32  ? 9.153   -17.943 16.694  1.00 50.87 ? 32  LYS A NZ  1 
ATOM 235 N N   . ALA A 1 33  ? 5.675   -12.874 12.192  1.00 28.43 ? 33  ALA A N   1 
ATOM 236 C CA  . ALA A 1 33  ? 4.679   -12.321 11.284  1.00 28.46 ? 33  ALA A CA  1 
ATOM 237 C C   . ALA A 1 33  ? 4.835   -10.796 11.309  1.00 28.51 ? 33  ALA A C   1 
ATOM 238 O O   . ALA A 1 33  ? 5.488   -10.251 12.197  1.00 30.07 ? 33  ALA A O   1 
ATOM 239 C CB  . ALA A 1 33  ? 3.284   -12.729 11.721  1.00 27.67 ? 33  ALA A CB  1 
ATOM 240 N N   . PRO A 1 34  ? 4.291   -10.094 10.326  1.00 26.60 ? 34  PRO A N   1 
ATOM 241 C CA  . PRO A 1 34  ? 4.497   -8.647  10.229  1.00 26.21 ? 34  PRO A CA  1 
ATOM 242 C C   . PRO A 1 34  ? 4.069   -7.945  11.507  1.00 26.54 ? 34  PRO A C   1 
ATOM 243 O O   . PRO A 1 34  ? 3.114   -8.361  12.153  1.00 27.10 ? 34  PRO A O   1 
ATOM 244 C CB  . PRO A 1 34  ? 3.532   -8.259  9.121   1.00 26.54 ? 34  PRO A CB  1 
ATOM 245 C CG  . PRO A 1 34  ? 3.464   -9.469  8.292   1.00 26.46 ? 34  PRO A CG  1 
ATOM 246 C CD  . PRO A 1 34  ? 3.445   -10.620 9.249   1.00 25.57 ? 34  PRO A CD  1 
ATOM 247 N N   . SER A 1 35  ? 4.759   -6.883  11.882  1.00 26.44 ? 35  SER A N   1 
ATOM 248 C CA  . SER A 1 35  ? 4.285   -6.023  12.962  1.00 27.23 ? 35  SER A CA  1 
ATOM 249 C C   . SER A 1 35  ? 3.103   -5.153  12.492  1.00 28.08 ? 35  SER A C   1 
ATOM 250 O O   . SER A 1 35  ? 2.971   -4.897  11.302  1.00 30.25 ? 35  SER A O   1 
ATOM 251 C CB  . SER A 1 35  ? 5.419   -5.104  13.382  1.00 26.25 ? 35  SER A CB  1 
ATOM 252 O OG  . SER A 1 35  ? 5.660   -4.196  12.320  1.00 30.10 ? 35  SER A OG  1 
ATOM 253 N N   . PRO A 1 36  ? 2.244   -4.671  13.386  1.00 26.64 ? 36  PRO A N   1 
ATOM 254 C CA  . PRO A 1 36  ? 1.190   -3.763  12.957  1.00 26.04 ? 36  PRO A CA  1 
ATOM 255 C C   . PRO A 1 36  ? 1.694   -2.641  12.049  1.00 27.61 ? 36  PRO A C   1 
ATOM 256 O O   . PRO A 1 36  ? 1.055   -2.343  11.024  1.00 28.21 ? 36  PRO A O   1 
ATOM 257 C CB  . PRO A 1 36  ? 0.664   -3.224  14.273  1.00 24.57 ? 36  PRO A CB  1 
ATOM 258 C CG  . PRO A 1 36  ? 0.807   -4.362  15.155  1.00 26.11 ? 36  PRO A CG  1 
ATOM 259 C CD  . PRO A 1 36  ? 2.138   -4.974  14.822  1.00 26.55 ? 36  PRO A CD  1 
ATOM 260 N N   . MET A 1 37  ? 2.834   -2.040  12.372  1.00 27.84 ? 37  MET A N   1 
ATOM 261 C CA  . MET A 1 37  ? 3.266   -0.920  11.545  1.00 28.51 ? 37  MET A CA  1 
ATOM 262 C C   . MET A 1 37  ? 3.594   -1.397  10.130  1.00 27.55 ? 37  MET A C   1 
ATOM 263 O O   . MET A 1 37  ? 3.361   -0.689  9.148   1.00 28.29 ? 37  MET A O   1 
ATOM 264 C CB  . MET A 1 37  ? 4.429   -0.141  12.181  1.00 30.44 ? 37  MET A CB  1 
ATOM 265 C CG  . MET A 1 37  ? 4.043   1.040   13.107  1.00 32.07 ? 37  MET A CG  1 
ATOM 266 S SD  . MET A 1 37  ? 5.461   2.163   13.395  1.00 37.66 ? 37  MET A SD  1 
ATOM 267 C CE  . MET A 1 37  ? 6.425   1.153   14.424  1.00 36.18 ? 37  MET A CE  1 
ATOM 268 N N   . GLU A 1 38  ? 4.103   -2.615  10.015  1.00 25.31 ? 38  GLU A N   1 
ATOM 269 C CA  . GLU A 1 38  ? 4.298   -3.189  8.697   1.00 24.39 ? 38  GLU A CA  1 
ATOM 270 C C   . GLU A 1 38  ? 2.990   -3.434  7.928   1.00 25.84 ? 38  GLU A C   1 
ATOM 271 O O   . GLU A 1 38  ? 2.912   -3.198  6.714   1.00 26.10 ? 38  GLU A O   1 
ATOM 272 C CB  . GLU A 1 38  ? 5.107   -4.463  8.833   1.00 24.22 ? 38  GLU A CB  1 
ATOM 273 C CG  . GLU A 1 38  ? 6.543   -4.198  9.242   1.00 20.41 ? 38  GLU A CG  1 
ATOM 274 C CD  . GLU A 1 38  ? 7.356   -5.480  9.323   1.00 20.39 ? 38  GLU A CD  1 
ATOM 275 O OE1 . GLU A 1 38  ? 8.481   -5.570  8.749   1.00 19.11 ? 38  GLU A OE1 1 
ATOM 276 O OE2 . GLU A 1 38  ? 6.861   -6.399  10.009  1.00 19.97 ? 38  GLU A OE2 1 
ATOM 277 N N   . MET A 1 39  ? 1.964   -3.900  8.640   1.00 27.29 ? 39  MET A N   1 
ATOM 278 C CA  . MET A 1 39  ? 0.610   -3.987  8.122   1.00 26.27 ? 39  MET A CA  1 
ATOM 279 C C   . MET A 1 39  ? 0.273   -2.638  7.490   1.00 26.73 ? 39  MET A C   1 
ATOM 280 O O   . MET A 1 39  ? -0.103  -2.593  6.318   1.00 27.17 ? 39  MET A O   1 
ATOM 281 C CB  . MET A 1 39  ? -0.394  -4.299  9.235   1.00 28.38 ? 39  MET A CB  1 
ATOM 282 C CG  . MET A 1 39  ? -0.631  -5.782  9.619   1.00 32.89 ? 39  MET A CG  1 
ATOM 283 S SD  . MET A 1 39  ? -0.194  -6.952  8.312   1.00 42.52 ? 39  MET A SD  1 
ATOM 284 C CE  . MET A 1 39  ? -0.122  -8.474  9.233   1.00 42.54 ? 39  MET A CE  1 
ATOM 285 N N   . VAL A 1 40  ? 0.432   -1.537  8.223   1.00 24.28 ? 40  VAL A N   1 
ATOM 286 C CA  . VAL A 1 40  ? 0.015   -0.247  7.682   1.00 23.80 ? 40  VAL A CA  1 
ATOM 287 C C   . VAL A 1 40  ? 0.757   0.117   6.396   1.00 25.28 ? 40  VAL A C   1 
ATOM 288 O O   . VAL A 1 40  ? 0.163   0.602   5.435   1.00 25.14 ? 40  VAL A O   1 
ATOM 289 C CB  . VAL A 1 40  ? 0.177   0.890   8.689   1.00 23.23 ? 40  VAL A CB  1 
ATOM 290 C CG1 . VAL A 1 40  ? -0.310  2.180   8.094   1.00 20.40 ? 40  VAL A CG1 1 
ATOM 291 C CG2 . VAL A 1 40  ? -0.593  0.579   9.955   1.00 25.72 ? 40  VAL A CG2 1 
ATOM 292 N N   . LEU A 1 41  ? 2.057   -0.145  6.360   1.00 26.14 ? 41  LEU A N   1 
ATOM 293 C CA  . LEU A 1 41  ? 2.869   0.239   5.213   1.00 27.23 ? 41  LEU A CA  1 
ATOM 294 C C   . LEU A 1 41  ? 2.382   -0.538  3.991   1.00 26.50 ? 41  LEU A C   1 
ATOM 295 O O   . LEU A 1 41  ? 2.216   0.002   2.900   1.00 26.57 ? 41  LEU A O   1 
ATOM 296 C CB  . LEU A 1 41  ? 4.328   -0.152  5.493   1.00 28.39 ? 41  LEU A CB  1 
ATOM 297 C CG  . LEU A 1 41  ? 5.465   0.817   5.191   1.00 27.60 ? 41  LEU A CG  1 
ATOM 298 C CD1 . LEU A 1 41  ? 6.774   0.142   5.485   1.00 25.59 ? 41  LEU A CD1 1 
ATOM 299 C CD2 . LEU A 1 41  ? 5.393   1.244   3.754   1.00 32.71 ? 41  LEU A CD2 1 
ATOM 300 N N   . MET A 1 42  ? 2.239   -1.842  4.176   1.00 25.61 ? 42  MET A N   1 
ATOM 301 C CA  . MET A 1 42  ? 1.784   -2.717  3.113   1.00 25.32 ? 42  MET A CA  1 
ATOM 302 C C   . MET A 1 42  ? 0.359   -2.345  2.644   1.00 26.63 ? 42  MET A C   1 
ATOM 303 O O   . MET A 1 42  ? 0.049   -2.384  1.452   1.00 29.58 ? 42  MET A O   1 
ATOM 304 C CB  . MET A 1 42  ? 1.910   -4.187  3.566   1.00 23.89 ? 42  MET A CB  1 
ATOM 305 C CG  . MET A 1 42  ? 3.354   -4.670  3.549   1.00 21.17 ? 42  MET A CG  1 
ATOM 306 S SD  . MET A 1 42  ? 3.694   -6.415  4.005   1.00 19.00 ? 42  MET A SD  1 
ATOM 307 C CE  . MET A 1 42  ? 2.687   -6.511  5.543   1.00 15.16 ? 42  MET A CE  1 
ATOM 308 N N   . ALA A 1 43  ? -0.507  -1.925  3.556   1.00 26.12 ? 43  ALA A N   1 
ATOM 309 C CA  . ALA A 1 43  ? -1.877  -1.625  3.169   1.00 25.86 ? 43  ALA A CA  1 
ATOM 310 C C   . ALA A 1 43  ? -1.859  -0.377  2.305   1.00 26.10 ? 43  ALA A C   1 
ATOM 311 O O   . ALA A 1 43  ? -2.587  -0.299  1.308   1.00 26.98 ? 43  ALA A O   1 
ATOM 312 C CB  . ALA A 1 43  ? -2.778  -1.450  4.389   1.00 25.13 ? 43  ALA A CB  1 
ATOM 313 N N   . ALA A 1 44  ? -0.985  0.564   2.639   1.00 24.52 ? 44  ALA A N   1 
ATOM 314 C CA  . ALA A 1 44  ? -0.861  1.759   1.820   1.00 23.92 ? 44  ALA A CA  1 
ATOM 315 C C   . ALA A 1 44  ? -0.368  1.354   0.428   1.00 25.77 ? 44  ALA A C   1 
ATOM 316 O O   . ALA A 1 44  ? -0.905  1.796   -0.604  1.00 27.90 ? 44  ALA A O   1 
ATOM 317 C CB  . ALA A 1 44  ? 0.088   2.732   2.459   1.00 22.51 ? 44  ALA A CB  1 
ATOM 318 N N   . GLY A 1 45  ? 0.644   0.492   0.376   1.00 26.26 ? 45  GLY A N   1 
ATOM 319 C CA  . GLY A 1 45  ? 1.115   0.018   -0.911  1.00 25.66 ? 45  GLY A CA  1 
ATOM 320 C C   . GLY A 1 45  ? -0.008  -0.654  -1.674  1.00 26.67 ? 45  GLY A C   1 
ATOM 321 O O   . GLY A 1 45  ? -0.111  -0.473  -2.879  1.00 27.52 ? 45  GLY A O   1 
ATOM 322 N N   . GLY A 1 46  ? -0.857  -1.413  -0.986  1.00 26.52 ? 46  GLY A N   1 
ATOM 323 C CA  . GLY A 1 46  ? -1.791  -2.280  -1.673  1.00 28.74 ? 46  GLY A CA  1 
ATOM 324 C C   . GLY A 1 46  ? -2.974  -1.496  -2.221  1.00 30.38 ? 46  GLY A C   1 
ATOM 325 O O   . GLY A 1 46  ? -3.428  -1.703  -3.353  1.00 29.92 ? 46  GLY A O   1 
ATOM 326 N N   . CYS A 1 47  ? -3.509  -0.634  -1.359  1.00 31.56 ? 47  CYS A N   1 
ATOM 327 C CA  . CYS A 1 47  ? -4.597  0.280   -1.687  1.00 31.13 ? 47  CYS A CA  1 
ATOM 328 C C   . CYS A 1 47  ? -4.185  1.140   -2.876  1.00 31.11 ? 47  CYS A C   1 
ATOM 329 O O   . CYS A 1 47  ? -4.902  1.208   -3.871  1.00 31.37 ? 47  CYS A O   1 
ATOM 330 C CB  . CYS A 1 47  ? -4.945  1.139   -0.462  1.00 31.52 ? 47  CYS A CB  1 
ATOM 331 S SG  . CYS A 1 47  ? -5.858  2.680   -0.734  1.00 29.18 ? 47  CYS A SG  1 
ATOM 332 N N   . SER A 1 48  ? -2.998  1.728   -2.804  1.00 30.20 ? 48  SER A N   1 
ATOM 333 C CA  . SER A 1 48  ? -2.453  2.447   -3.947  1.00 31.16 ? 48  SER A CA  1 
ATOM 334 C C   . SER A 1 48  ? -2.335  1.620   -5.216  1.00 29.46 ? 48  SER A C   1 
ATOM 335 O O   . SER A 1 48  ? -2.716  2.066   -6.298  1.00 29.92 ? 48  SER A O   1 
ATOM 336 C CB  . SER A 1 48  ? -1.092  3.051   -3.591  1.00 31.96 ? 48  SER A CB  1 
ATOM 337 O OG  . SER A 1 48  ? -1.314  4.335   -3.034  1.00 37.00 ? 48  SER A OG  1 
ATOM 338 N N   . ALA A 1 49  ? -1.746  0.439   -5.114  1.00 28.38 ? 49  ALA A N   1 
ATOM 339 C CA  . ALA A 1 49  ? -1.493  -0.314  -6.331  1.00 29.50 ? 49  ALA A CA  1 
ATOM 340 C C   . ALA A 1 49  ? -2.833  -0.697  -6.917  1.00 28.84 ? 49  ALA A C   1 
ATOM 341 O O   . ALA A 1 49  ? -3.013  -0.659  -8.130  1.00 29.84 ? 49  ALA A O   1 
ATOM 342 C CB  . ALA A 1 49  ? -0.655  -1.551  -6.053  1.00 30.33 ? 49  ALA A CB  1 
ATOM 343 N N   . ILE A 1 50  ? -3.799  -0.995  -6.056  1.00 29.23 ? 50  ILE A N   1 
ATOM 344 C CA  . ILE A 1 50  ? -5.126  -1.366  -6.547  1.00 28.44 ? 50  ILE A CA  1 
ATOM 345 C C   . ILE A 1 50  ? -5.673  -0.261  -7.432  1.00 28.92 ? 50  ILE A C   1 
ATOM 346 O O   . ILE A 1 50  ? -6.111  -0.521  -8.554  1.00 29.52 ? 50  ILE A O   1 
ATOM 347 C CB  . ILE A 1 50  ? -6.126  -1.664  -5.397  1.00 29.02 ? 50  ILE A CB  1 
ATOM 348 C CG1 . ILE A 1 50  ? -5.918  -3.077  -4.841  1.00 26.52 ? 50  ILE A CG1 1 
ATOM 349 C CG2 . ILE A 1 50  ? -7.580  -1.478  -5.876  1.00 24.49 ? 50  ILE A CG2 1 
ATOM 350 C CD1 . ILE A 1 50  ? -6.356  -3.217  -3.395  1.00 26.69 ? 50  ILE A CD1 1 
ATOM 351 N N   . ASP A 1 51  ? -5.683  0.962   -6.917  1.00 28.05 ? 51  ASP A N   1 
ATOM 352 C CA  . ASP A 1 51  ? -6.290  2.036   -7.665  1.00 30.24 ? 51  ASP A CA  1 
ATOM 353 C C   . ASP A 1 51  ? -5.497  2.295   -8.937  1.00 31.10 ? 51  ASP A C   1 
ATOM 354 O O   . ASP A 1 51  ? -6.063  2.700   -9.954  1.00 32.70 ? 51  ASP A O   1 
ATOM 355 C CB  . ASP A 1 51  ? -6.316  3.312   -6.842  1.00 31.62 ? 51  ASP A CB  1 
ATOM 356 C CG  . ASP A 1 51  ? -7.273  3.244   -5.668  1.00 35.10 ? 51  ASP A CG  1 
ATOM 357 O OD1 . ASP A 1 51  ? -8.311  2.536   -5.698  1.00 32.37 ? 51  ASP A OD1 1 
ATOM 358 O OD2 . ASP A 1 51  ? -7.057  3.949   -4.660  1.00 44.68 ? 51  ASP A OD2 1 
ATOM 359 N N   . VAL A 1 52  ? -4.178  2.131   -8.874  1.00 30.01 ? 52  VAL A N   1 
ATOM 360 C CA  . VAL A 1 52  ? -3.374  2.446   -10.044 1.00 28.31 ? 52  VAL A CA  1 
ATOM 361 C C   . VAL A 1 52  ? -3.720  1.483   -11.158 1.00 28.59 ? 52  VAL A C   1 
ATOM 362 O O   . VAL A 1 52  ? -3.923  1.903   -12.306 1.00 29.04 ? 52  VAL A O   1 
ATOM 363 C CB  . VAL A 1 52  ? -1.859  2.422   -9.772  1.00 28.04 ? 52  VAL A CB  1 
ATOM 364 C CG1 . VAL A 1 52  ? -1.082  2.260   -11.082 1.00 23.90 ? 52  VAL A CG1 1 
ATOM 365 C CG2 . VAL A 1 52  ? -1.457  3.686   -9.070  1.00 24.51 ? 52  VAL A CG2 1 
ATOM 366 N N   . VAL A 1 53  ? -3.811  0.196   -10.828 1.00 28.17 ? 53  VAL A N   1 
ATOM 367 C CA  . VAL A 1 53  ? -4.104  -0.742  -11.898 1.00 28.58 ? 53  VAL A CA  1 
ATOM 368 C C   . VAL A 1 53  ? -5.521  -0.574  -12.392 1.00 28.87 ? 53  VAL A C   1 
ATOM 369 O O   . VAL A 1 53  ? -5.740  -0.685  -13.599 1.00 31.28 ? 53  VAL A O   1 
ATOM 370 C CB  . VAL A 1 53  ? -3.673  -2.206  -11.680 1.00 28.08 ? 53  VAL A CB  1 
ATOM 371 C CG1 . VAL A 1 53  ? -2.353  -2.296  -10.925 1.00 28.19 ? 53  VAL A CG1 1 
ATOM 372 C CG2 . VAL A 1 53  ? -4.768  -3.046  -11.070 1.00 29.17 ? 53  VAL A CG2 1 
ATOM 373 N N   . SER A 1 54  ? -6.435  -0.171  -11.509 1.00 28.66 ? 54  SER A N   1 
ATOM 374 C CA  . SER A 1 54  ? -7.826  0.067   -11.910 1.00 29.89 ? 54  SER A CA  1 
ATOM 375 C C   . SER A 1 54  ? -8.030  1.180   -12.935 1.00 29.74 ? 54  SER A C   1 
ATOM 376 O O   . SER A 1 54  ? -8.720  0.963   -13.939 1.00 30.31 ? 54  SER A O   1 
ATOM 377 C CB  . SER A 1 54  ? -8.737  0.309   -10.712 1.00 29.79 ? 54  SER A CB  1 
ATOM 378 O OG  . SER A 1 54  ? -9.053  -0.916  -10.089 1.00 30.21 ? 54  SER A OG  1 
ATOM 379 N N   . ILE A 1 55  ? -7.448  2.349   -12.662 1.00 28.66 ? 55  ILE A N   1 
ATOM 380 C CA  . ILE A 1 55  ? -7.468  3.480   -13.580 1.00 29.48 ? 55  ILE A CA  1 
ATOM 381 C C   . ILE A 1 55  ? -6.945  3.124   -14.964 1.00 30.50 ? 55  ILE A C   1 
ATOM 382 O O   . ILE A 1 55  ? -7.565  3.445   -15.981 1.00 32.25 ? 55  ILE A O   1 
ATOM 383 C CB  . ILE A 1 55  ? -6.633  4.640   -13.029 1.00 30.36 ? 55  ILE A CB  1 
ATOM 384 C CG1 . ILE A 1 55  ? -6.869  4.830   -11.525 1.00 31.64 ? 55  ILE A CG1 1 
ATOM 385 C CG2 . ILE A 1 55  ? -6.899  5.908   -13.815 1.00 27.44 ? 55  ILE A CG2 1 
ATOM 386 C CD1 . ILE A 1 55  ? -8.289  5.162   -11.174 1.00 35.68 ? 55  ILE A CD1 1 
ATOM 387 N N   . LEU A 1 56  ? -5.793  2.471   -15.012 1.00 31.41 ? 56  LEU A N   1 
ATOM 388 C CA  . LEU A 1 56  ? -5.260  2.006   -16.289 1.00 31.93 ? 56  LEU A CA  1 
ATOM 389 C C   . LEU A 1 56  ? -6.157  0.996   -17.036 1.00 32.01 ? 56  LEU A C   1 
ATOM 390 O O   . LEU A 1 56  ? -6.291  1.046   -18.257 1.00 31.97 ? 56  LEU A O   1 
ATOM 391 C CB  . LEU A 1 56  ? -3.802  1.539   -16.129 1.00 31.12 ? 56  LEU A CB  1 
ATOM 392 C CG  . LEU A 1 56  ? -2.861  2.599   -15.537 1.00 28.85 ? 56  LEU A CG  1 
ATOM 393 C CD1 . LEU A 1 56  ? -1.571  1.962   -15.015 1.00 23.55 ? 56  LEU A CD1 1 
ATOM 394 C CD2 . LEU A 1 56  ? -2.548  3.712   -16.558 1.00 22.29 ? 56  LEU A CD2 1 
ATOM 395 N N   . GLN A 1 57  ? -6.790  0.073   -16.324 1.00 33.55 ? 57  GLN A N   1 
ATOM 396 C CA  . GLN A 1 57  ? -7.666  -0.867  -17.019 1.00 34.50 ? 57  GLN A CA  1 
ATOM 397 C C   . GLN A 1 57  ? -8.913  -0.187  -17.562 1.00 34.98 ? 57  GLN A C   1 
ATOM 398 O O   . GLN A 1 57  ? -9.191  -0.313  -18.748 1.00 35.40 ? 57  GLN A O   1 
ATOM 399 C CB  . GLN A 1 57  ? -7.985  -2.085  -16.161 1.00 34.62 ? 57  GLN A CB  1 
ATOM 400 C CG  . GLN A 1 57  ? -6.744  -2.903  -15.813 1.00 33.84 ? 57  GLN A CG  1 
ATOM 401 C CD  . GLN A 1 57  ? -7.086  -4.086  -14.941 1.00 33.17 ? 57  GLN A CD  1 
ATOM 402 O OE1 . GLN A 1 57  ? -6.639  -5.207  -15.194 1.00 31.89 ? 57  GLN A OE1 1 
ATOM 403 N NE2 . GLN A 1 57  ? -7.915  -3.848  -13.930 1.00 31.99 ? 57  GLN A NE2 1 
ATOM 404 N N   . LYS A 1 58  ? -9.561  0.652   -16.755 1.00 35.99 ? 58  LYS A N   1 
ATOM 405 C CA  . LYS A 1 58  ? -10.615 1.535   -17.264 1.00 38.40 ? 58  LYS A CA  1 
ATOM 406 C C   . LYS A 1 58  ? -10.245 2.404   -18.465 1.00 37.59 ? 58  LYS A C   1 
ATOM 407 O O   . LYS A 1 58  ? -11.072 2.626   -19.337 1.00 38.03 ? 58  LYS A O   1 
ATOM 408 C CB  . LYS A 1 58  ? -11.200 2.414   -16.157 1.00 39.14 ? 58  LYS A CB  1 
ATOM 409 C CG  . LYS A 1 58  ? -12.165 1.656   -15.270 1.00 45.93 ? 58  LYS A CG  1 
ATOM 410 C CD  . LYS A 1 58  ? -12.221 2.234   -13.856 1.00 56.28 ? 58  LYS A CD  1 
ATOM 411 C CE  . LYS A 1 58  ? -12.559 1.169   -12.796 1.00 59.56 ? 58  LYS A CE  1 
ATOM 412 N NZ  . LYS A 1 58  ? -13.237 1.746   -11.600 1.00 60.43 ? 58  LYS A NZ  1 
ATOM 413 N N   . GLY A 1 59  ? -9.031  2.936   -18.488 1.00 37.42 ? 59  GLY A N   1 
ATOM 414 C CA  . GLY A 1 59  ? -8.587  3.745   -19.605 1.00 36.12 ? 59  GLY A CA  1 
ATOM 415 C C   . GLY A 1 59  ? -8.113  2.880   -20.754 1.00 36.17 ? 59  GLY A C   1 
ATOM 416 O O   . GLY A 1 59  ? -7.409  3.360   -21.647 1.00 35.44 ? 59  GLY A O   1 
ATOM 417 N N   . ARG A 1 60  ? -8.490  1.605   -20.722 1.00 36.42 ? 60  ARG A N   1 
ATOM 418 C CA  . ARG A 1 60  ? -8.118  0.645   -21.761 1.00 38.19 ? 60  ARG A CA  1 
ATOM 419 C C   . ARG A 1 60  ? -6.595  0.450   -21.967 1.00 38.81 ? 60  ARG A C   1 
ATOM 420 O O   . ARG A 1 60  ? -6.170  -0.104  -22.984 1.00 39.89 ? 60  ARG A O   1 
ATOM 421 C CB  . ARG A 1 60  ? -8.855  0.955   -23.093 1.00 37.60 ? 60  ARG A CB  1 
ATOM 422 N N   . GLN A 1 61  ? -5.772  0.867   -21.003 1.00 38.34 ? 61  GLN A N   1 
ATOM 423 C CA  . GLN A 1 61  ? -4.317  0.726   -21.112 1.00 37.36 ? 61  GLN A CA  1 
ATOM 424 C C   . GLN A 1 61  ? -3.884  -0.691  -20.764 1.00 36.59 ? 61  GLN A C   1 
ATOM 425 O O   . GLN A 1 61  ? -4.402  -1.279  -19.813 1.00 37.07 ? 61  GLN A O   1 
ATOM 426 C CB  . GLN A 1 61  ? -3.603  1.726   -20.206 1.00 37.05 ? 61  GLN A CB  1 
ATOM 427 C CG  . GLN A 1 61  ? -3.732  3.175   -20.641 1.00 41.43 ? 61  GLN A CG  1 
ATOM 428 C CD  . GLN A 1 61  ? -2.874  3.489   -21.861 1.00 49.46 ? 61  GLN A CD  1 
ATOM 429 O OE1 . GLN A 1 61  ? -2.780  2.669   -22.778 1.00 54.88 ? 61  GLN A OE1 1 
ATOM 430 N NE2 . GLN A 1 61  ? -2.226  4.655   -21.867 1.00 47.49 ? 61  GLN A NE2 1 
ATOM 431 N N   . ASP A 1 62  ? -2.975  -1.261  -21.549 1.00 35.37 ? 62  ASP A N   1 
ATOM 432 C CA  . ASP A 1 62  ? -2.637  -2.671  -21.380 1.00 34.68 ? 62  ASP A CA  1 
ATOM 433 C C   . ASP A 1 62  ? -1.618  -2.921  -20.264 1.00 34.12 ? 62  ASP A C   1 
ATOM 434 O O   . ASP A 1 62  ? -0.459  -3.281  -20.509 1.00 34.55 ? 62  ASP A O   1 
ATOM 435 C CB  . ASP A 1 62  ? -2.171  -3.277  -22.700 1.00 35.16 ? 62  ASP A CB  1 
ATOM 436 C CG  . ASP A 1 62  ? -1.979  -4.782  -22.609 1.00 39.33 ? 62  ASP A CG  1 
ATOM 437 O OD1 . ASP A 1 62  ? -1.065  -5.314  -23.278 1.00 43.29 ? 62  ASP A OD1 1 
ATOM 438 O OD2 . ASP A 1 62  ? -2.672  -5.519  -21.872 1.00 43.64 ? 62  ASP A OD2 1 
ATOM 439 N N   . VAL A 1 63  ? -2.032  -2.689  -19.024 1.00 32.14 ? 63  VAL A N   1 
ATOM 440 C CA  . VAL A 1 63  ? -1.118  -2.855  -17.905 1.00 29.57 ? 63  VAL A CA  1 
ATOM 441 C C   . VAL A 1 63  ? -0.950  -4.338  -17.601 1.00 29.21 ? 63  VAL A C   1 
ATOM 442 O O   . VAL A 1 63  ? -1.921  -5.060  -17.476 1.00 30.59 ? 63  VAL A O   1 
ATOM 443 C CB  . VAL A 1 63  ? -1.591  -2.072  -16.668 1.00 29.00 ? 63  VAL A CB  1 
ATOM 444 C CG1 . VAL A 1 63  ? -2.954  -2.528  -16.209 1.00 25.06 ? 63  VAL A CG1 1 
ATOM 445 C CG2 . VAL A 1 63  ? -0.560  -2.171  -15.548 1.00 30.52 ? 63  VAL A CG2 1 
ATOM 446 N N   . VAL A 1 64  ? 0.289   -4.797  -17.528 1.00 28.76 ? 64  VAL A N   1 
ATOM 447 C CA  . VAL A 1 64  ? 0.613   -6.212  -17.444 1.00 29.01 ? 64  VAL A CA  1 
ATOM 448 C C   . VAL A 1 64  ? 1.182   -6.519  -16.074 1.00 28.79 ? 64  VAL A C   1 
ATOM 449 O O   . VAL A 1 64  ? 1.148   -7.653  -15.610 1.00 27.89 ? 64  VAL A O   1 
ATOM 450 C CB  . VAL A 1 64  ? 1.732   -6.547  -18.438 1.00 30.54 ? 64  VAL A CB  1 
ATOM 451 C CG1 . VAL A 1 64  ? 2.358   -7.930  -18.164 1.00 32.58 ? 64  VAL A CG1 1 
ATOM 452 C CG2 . VAL A 1 64  ? 1.213   -6.417  -19.870 1.00 31.27 ? 64  VAL A CG2 1 
ATOM 453 N N   . ASP A 1 65  ? 1.793   -5.524  -15.446 1.00 28.40 ? 65  ASP A N   1 
ATOM 454 C CA  . ASP A 1 65  ? 2.304   -5.765  -14.111 1.00 26.97 ? 65  ASP A CA  1 
ATOM 455 C C   . ASP A 1 65  ? 2.453   -4.524  -13.276 1.00 25.93 ? 65  ASP A C   1 
ATOM 456 O O   . ASP A 1 65  ? 2.608   -3.424  -13.786 1.00 27.96 ? 65  ASP A O   1 
ATOM 457 C CB  . ASP A 1 65  ? 3.638   -6.480  -14.161 1.00 27.01 ? 65  ASP A CB  1 
ATOM 458 C CG  . ASP A 1 65  ? 3.908   -7.272  -12.907 1.00 32.53 ? 65  ASP A CG  1 
ATOM 459 O OD1 . ASP A 1 65  ? 3.265   -7.044  -11.845 1.00 28.87 ? 65  ASP A OD1 1 
ATOM 460 O OD2 . ASP A 1 65  ? 4.762   -8.179  -12.926 1.00 39.76 ? 65  ASP A OD2 1 
ATOM 461 N N   . CYS A 1 66  ? 2.433   -4.706  -11.969 1.00 24.00 ? 66  CYS A N   1 
ATOM 462 C CA  . CYS A 1 66  ? 2.483   -3.552  -11.120 1.00 23.67 ? 66  CYS A CA  1 
ATOM 463 C C   . CYS A 1 66  ? 3.181   -3.938  -9.826  1.00 24.54 ? 66  CYS A C   1 
ATOM 464 O O   . CYS A 1 66  ? 2.819   -4.943  -9.172  1.00 25.11 ? 66  CYS A O   1 
ATOM 465 C CB  . CYS A 1 66  ? 1.076   -3.082  -10.868 1.00 21.88 ? 66  CYS A CB  1 
ATOM 466 S SG  . CYS A 1 66  ? 1.241   -1.564  -9.995  1.00 29.92 ? 66  CYS A SG  1 
ATOM 467 N N   . GLU A 1 67  ? 4.214   -3.172  -9.489  1.00 23.21 ? 67  GLU A N   1 
ATOM 468 C CA  . GLU A 1 67  ? 4.956   -3.431  -8.272  1.00 24.89 ? 67  GLU A CA  1 
ATOM 469 C C   . GLU A 1 67  ? 5.144   -2.139  -7.507  1.00 24.81 ? 67  GLU A C   1 
ATOM 470 O O   . GLU A 1 67  ? 5.275   -1.082  -8.105  1.00 23.52 ? 67  GLU A O   1 
ATOM 471 C CB  . GLU A 1 67  ? 6.312   -4.034  -8.603  1.00 24.36 ? 67  GLU A CB  1 
ATOM 472 C CG  . GLU A 1 67  ? 6.914   -4.742  -7.412  1.00 30.02 ? 67  GLU A CG  1 
ATOM 473 C CD  . GLU A 1 67  ? 8.348   -5.153  -7.653  1.00 39.13 ? 67  GLU A CD  1 
ATOM 474 O OE1 . GLU A 1 67  ? 8.965   -4.648  -8.608  1.00 44.76 ? 67  GLU A OE1 1 
ATOM 475 O OE2 . GLU A 1 67  ? 8.879   -5.958  -6.866  1.00 46.86 ? 67  GLU A OE2 1 
ATOM 476 N N   . VAL A 1 68  ? 5.169   -2.208  -6.183  1.00 25.72 ? 68  VAL A N   1 
ATOM 477 C CA  . VAL A 1 68  ? 5.375   -0.979  -5.431  1.00 26.64 ? 68  VAL A CA  1 
ATOM 478 C C   . VAL A 1 68  ? 6.509   -1.205  -4.466  1.00 28.56 ? 68  VAL A C   1 
ATOM 479 O O   . VAL A 1 68  ? 6.431   -2.091  -3.609  1.00 29.72 ? 68  VAL A O   1 
ATOM 480 C CB  . VAL A 1 68  ? 4.161   -0.501  -4.616  1.00 25.80 ? 68  VAL A CB  1 
ATOM 481 C CG1 . VAL A 1 68  ? 4.396   0.936   -4.158  1.00 22.92 ? 68  VAL A CG1 1 
ATOM 482 C CG2 . VAL A 1 68  ? 2.887   -0.611  -5.424  1.00 27.44 ? 68  VAL A CG2 1 
ATOM 483 N N   . LYS A 1 69  ? 7.548   -0.395  -4.639  1.00 28.88 ? 69  LYS A N   1 
ATOM 484 C CA  . LYS A 1 69  ? 8.662   -0.326  -3.720  1.00 30.91 ? 69  LYS A CA  1 
ATOM 485 C C   . LYS A 1 69  ? 8.359   0.712   -2.637  1.00 29.78 ? 69  LYS A C   1 
ATOM 486 O O   . LYS A 1 69  ? 8.196   1.890   -2.926  1.00 30.56 ? 69  LYS A O   1 
ATOM 487 C CB  . LYS A 1 69  ? 9.947   0.005   -4.502  1.00 32.85 ? 69  LYS A CB  1 
ATOM 488 C CG  . LYS A 1 69  ? 10.375  -1.113  -5.481  1.00 38.69 ? 69  LYS A CG  1 
ATOM 489 C CD  . LYS A 1 69  ? 10.754  -2.382  -4.693  1.00 50.28 ? 69  LYS A CD  1 
ATOM 490 C CE  . LYS A 1 69  ? 11.217  -3.568  -5.545  1.00 55.40 ? 69  LYS A CE  1 
ATOM 491 N NZ  . LYS A 1 69  ? 12.315  -3.255  -6.510  1.00 57.59 ? 69  LYS A NZ  1 
ATOM 492 N N   . LEU A 1 70  ? 8.215   0.261   -1.397  1.00 28.74 ? 70  LEU A N   1 
ATOM 493 C CA  . LEU A 1 70  ? 7.918   1.158   -0.299  1.00 27.85 ? 70  LEU A CA  1 
ATOM 494 C C   . LEU A 1 70  ? 9.159   1.457   0.543   1.00 28.03 ? 70  LEU A C   1 
ATOM 495 O O   . LEU A 1 70  ? 9.878   0.557   0.984   1.00 26.87 ? 70  LEU A O   1 
ATOM 496 C CB  . LEU A 1 70  ? 6.815   0.565   0.572   1.00 28.28 ? 70  LEU A CB  1 
ATOM 497 C CG  . LEU A 1 70  ? 5.492   0.322   -0.156  1.00 29.24 ? 70  LEU A CG  1 
ATOM 498 C CD1 . LEU A 1 70  ? 4.986   -1.021  0.245   1.00 30.07 ? 70  LEU A CD1 1 
ATOM 499 C CD2 . LEU A 1 70  ? 4.485   1.350   0.258   1.00 26.01 ? 70  LEU A CD2 1 
ATOM 500 N N   . THR A 1 71  ? 9.440   2.735   0.753   1.00 27.85 ? 71  THR A N   1 
ATOM 501 C CA  . THR A 1 71  ? 10.457  3.060   1.739   1.00 29.92 ? 71  THR A CA  1 
ATOM 502 C C   . THR A 1 71  ? 9.836   4.002   2.752   1.00 30.82 ? 71  THR A C   1 
ATOM 503 O O   . THR A 1 71  ? 8.811   4.635   2.480   1.00 33.09 ? 71  THR A O   1 
ATOM 504 C CB  . THR A 1 71  ? 11.735  3.654   1.078   1.00 29.56 ? 71  THR A CB  1 
ATOM 505 O OG1 . THR A 1 71  ? 11.401  4.812   0.296   1.00 34.45 ? 71  THR A OG1 1 
ATOM 506 C CG2 . THR A 1 71  ? 12.304  2.673   0.073   1.00 24.57 ? 71  THR A CG2 1 
ATOM 507 N N   . SER A 1 72  ? 10.402  4.040   3.947   1.00 30.85 ? 72  SER A N   1 
ATOM 508 C CA  . SER A 1 72  ? 9.801   4.832   5.010   1.00 31.01 ? 72  SER A CA  1 
ATOM 509 C C   . SER A 1 72  ? 10.870  5.196   6.028   1.00 31.67 ? 72  SER A C   1 
ATOM 510 O O   . SER A 1 72  ? 11.840  4.441   6.230   1.00 31.08 ? 72  SER A O   1 
ATOM 511 C CB  . SER A 1 72  ? 8.691   4.027   5.699   1.00 30.46 ? 72  SER A CB  1 
ATOM 512 O OG  . SER A 1 72  ? 9.211   2.827   6.253   1.00 29.26 ? 72  SER A OG  1 
ATOM 513 N N   . GLU A 1 73  ? 10.676  6.330   6.697   1.00 33.16 ? 73  GLU A N   1 
ATOM 514 C CA  . GLU A 1 73  ? 11.411  6.583   7.943   1.00 35.45 ? 73  GLU A CA  1 
ATOM 515 C C   . GLU A 1 73  ? 10.505  6.856   9.140   1.00 35.07 ? 73  GLU A C   1 
ATOM 516 O O   . GLU A 1 73  ? 9.342   7.234   8.993   1.00 33.62 ? 73  GLU A O   1 
ATOM 517 C CB  . GLU A 1 73  ? 12.552  7.608   7.780   1.00 35.23 ? 73  GLU A CB  1 
ATOM 518 C CG  . GLU A 1 73  ? 12.394  8.646   6.667   1.00 40.81 ? 73  GLU A CG  1 
ATOM 519 C CD  . GLU A 1 73  ? 12.711  8.174   5.245   1.00 43.16 ? 73  GLU A CD  1 
ATOM 520 O OE1 . GLU A 1 73  ? 12.552  9.021   4.352   1.00 44.41 ? 73  GLU A OE1 1 
ATOM 521 O OE2 . GLU A 1 73  ? 13.105  7.013   4.967   1.00 40.62 ? 73  GLU A OE2 1 
ATOM 522 N N   . ARG A 1 74  ? 11.020  6.578   10.326  1.00 36.89 ? 74  ARG A N   1 
ATOM 523 C CA  . ARG A 1 74  ? 10.188  6.665   11.515  1.00 38.86 ? 74  ARG A CA  1 
ATOM 524 C C   . ARG A 1 74  ? 11.028  7.178   12.661  1.00 39.24 ? 74  ARG A C   1 
ATOM 525 O O   . ARG A 1 74  ? 12.244  7.071   12.619  1.00 38.42 ? 74  ARG A O   1 
ATOM 526 C CB  . ARG A 1 74  ? 9.512   5.322   11.838  1.00 39.18 ? 74  ARG A CB  1 
ATOM 527 C CG  . ARG A 1 74  ? 10.468  4.179   12.143  1.00 41.94 ? 74  ARG A CG  1 
ATOM 528 C CD  . ARG A 1 74  ? 9.842   2.930   12.741  1.00 45.63 ? 74  ARG A CD  1 
ATOM 529 N NE  . ARG A 1 74  ? 10.834  1.857   12.755  1.00 51.57 ? 74  ARG A NE  1 
ATOM 530 C CZ  . ARG A 1 74  ? 10.835  0.792   13.556  1.00 54.60 ? 74  ARG A CZ  1 
ATOM 531 N NH1 . ARG A 1 74  ? 9.919   0.634   14.504  1.00 57.68 ? 74  ARG A NH1 1 
ATOM 532 N NH2 . ARG A 1 74  ? 11.793  -0.115  13.430  1.00 55.74 ? 74  ARG A NH2 1 
ATOM 533 N N   . ARG A 1 75  ? 10.378  7.805   13.635  1.00 42.00 ? 75  ARG A N   1 
ATOM 534 C CA  . ARG A 1 75  ? 11.064  8.373   14.794  1.00 44.35 ? 75  ARG A CA  1 
ATOM 535 C C   . ARG A 1 75  ? 11.886  7.319   15.550  1.00 44.50 ? 75  ARG A C   1 
ATOM 536 O O   . ARG A 1 75  ? 11.503  6.146   15.660  1.00 43.98 ? 75  ARG A O   1 
ATOM 537 C CB  . ARG A 1 75  ? 10.069  9.067   15.739  1.00 45.21 ? 75  ARG A CB  1 
ATOM 538 C CG  . ARG A 1 75  ? 9.215   10.185  15.131  1.00 49.22 ? 75  ARG A CG  1 
ATOM 539 C CD  . ARG A 1 75  ? 9.621   11.607  15.542  1.00 59.90 ? 75  ARG A CD  1 
ATOM 540 N NE  . ARG A 1 75  ? 8.741   12.612  14.941  1.00 65.50 ? 75  ARG A NE  1 
ATOM 541 C CZ  . ARG A 1 75  ? 9.141   13.801  14.493  1.00 66.73 ? 75  ARG A CZ  1 
ATOM 542 N NH1 . ARG A 1 75  ? 10.410  14.163  14.606  1.00 67.55 ? 75  ARG A NH1 1 
ATOM 543 N NH2 . ARG A 1 75  ? 8.272   14.636  13.935  1.00 66.91 ? 75  ARG A NH2 1 
ATOM 544 N N   . GLU A 1 76  ? 13.046  7.741   16.043  1.00 45.10 ? 76  GLU A N   1 
ATOM 545 C CA  . GLU A 1 76  ? 13.818  6.866   16.899  1.00 45.88 ? 76  GLU A CA  1 
ATOM 546 C C   . GLU A 1 76  ? 13.241  6.845   18.306  1.00 45.27 ? 76  GLU A C   1 
ATOM 547 O O   . GLU A 1 76  ? 12.869  5.786   18.799  1.00 44.62 ? 76  GLU A O   1 
ATOM 548 C CB  . GLU A 1 76  ? 15.271  7.303   16.941  1.00 46.62 ? 76  GLU A CB  1 
ATOM 549 C CG  . GLU A 1 76  ? 16.022  6.574   18.042  1.00 51.62 ? 76  GLU A CG  1 
ATOM 550 C CD  . GLU A 1 76  ? 17.507  6.500   17.763  1.00 56.98 ? 76  GLU A CD  1 
ATOM 551 O OE1 . GLU A 1 76  ? 17.855  6.319   16.568  1.00 58.50 ? 76  GLU A OE1 1 
ATOM 552 O OE2 . GLU A 1 76  ? 18.295  6.638   18.731  1.00 56.81 ? 76  GLU A OE2 1 
ATOM 553 N N   . ARG A 1 80  ? 7.327   6.013   17.849  1.00 34.18 ? 80  ARG A N   1 
ATOM 554 C CA  . ARG A 1 80  ? 8.055   5.551   16.662  1.00 35.87 ? 80  ARG A CA  1 
ATOM 555 C C   . ARG A 1 80  ? 7.282   5.812   15.363  1.00 33.70 ? 80  ARG A C   1 
ATOM 556 O O   . ARG A 1 80  ? 7.266   4.962   14.483  1.00 33.50 ? 80  ARG A O   1 
ATOM 557 C CB  . ARG A 1 80  ? 8.323   4.034   16.729  1.00 38.06 ? 80  ARG A CB  1 
ATOM 558 C CG  . ARG A 1 80  ? 9.293   3.528   17.788  1.00 43.31 ? 80  ARG A CG  1 
ATOM 559 C CD  . ARG A 1 80  ? 10.765  3.549   17.362  1.00 54.46 ? 80  ARG A CD  1 
ATOM 560 N NE  . ARG A 1 80  ? 11.588  3.070   18.472  1.00 67.71 ? 80  ARG A NE  1 
ATOM 561 C CZ  . ARG A 1 80  ? 12.325  1.960   18.454  1.00 73.08 ? 80  ARG A CZ  1 
ATOM 562 N NH1 . ARG A 1 80  ? 12.407  1.247   17.332  1.00 73.41 ? 80  ARG A NH1 1 
ATOM 563 N NH2 . ARG A 1 80  ? 12.995  1.579   19.548  1.00 73.03 ? 80  ARG A NH2 1 
ATOM 564 N N   . LEU A 1 81  ? 6.597   6.943   15.248  1.00 32.04 ? 81  LEU A N   1 
ATOM 565 C CA  . LEU A 1 81  ? 5.686   7.159   14.129  1.00 30.11 ? 81  LEU A CA  1 
ATOM 566 C C   . LEU A 1 81  ? 6.454   7.266   12.820  1.00 28.46 ? 81  LEU A C   1 
ATOM 567 O O   . LEU A 1 81  ? 7.575   7.776   12.821  1.00 26.67 ? 81  LEU A O   1 
ATOM 568 C CB  . LEU A 1 81  ? 4.920   8.464   14.321  1.00 31.42 ? 81  LEU A CB  1 
ATOM 569 C CG  . LEU A 1 81  ? 4.281   8.714   15.689  1.00 35.47 ? 81  LEU A CG  1 
ATOM 570 C CD1 . LEU A 1 81  ? 3.685   10.127  15.757  1.00 33.52 ? 81  LEU A CD1 1 
ATOM 571 C CD2 . LEU A 1 81  ? 3.219   7.637   15.894  1.00 40.01 ? 81  LEU A CD2 1 
ATOM 572 N N   . PHE A 1 82  ? 5.827   6.846   11.719  1.00 26.34 ? 82  PHE A N   1 
ATOM 573 C CA  . PHE A 1 82  ? 6.363   7.077   10.382  1.00 25.86 ? 82  PHE A CA  1 
ATOM 574 C C   . PHE A 1 82  ? 6.413   8.574   10.160  1.00 26.07 ? 82  PHE A C   1 
ATOM 575 O O   . PHE A 1 82  ? 5.402   9.249   10.302  1.00 26.16 ? 82  PHE A O   1 
ATOM 576 C CB  . PHE A 1 82  ? 5.457   6.520   9.288   1.00 25.53 ? 82  PHE A CB  1 
ATOM 577 C CG  . PHE A 1 82  ? 5.484   5.027   9.156   1.00 28.33 ? 82  PHE A CG  1 
ATOM 578 C CD1 . PHE A 1 82  ? 4.295   4.308   9.042   1.00 29.32 ? 82  PHE A CD1 1 
ATOM 579 C CD2 . PHE A 1 82  ? 6.687   4.334   9.111   1.00 27.77 ? 82  PHE A CD2 1 
ATOM 580 C CE1 . PHE A 1 82  ? 4.308   2.917   8.902   1.00 30.64 ? 82  PHE A CE1 1 
ATOM 581 C CE2 . PHE A 1 82  ? 6.705   2.943   8.975   1.00 28.09 ? 82  PHE A CE2 1 
ATOM 582 C CZ  . PHE A 1 82  ? 5.516   2.235   8.846   1.00 29.84 ? 82  PHE A CZ  1 
ATOM 583 N N   . THR A 1 83  ? 7.578   9.083   9.777   1.00 26.40 ? 83  THR A N   1 
ATOM 584 C CA  . THR A 1 83  ? 7.692   10.480  9.395   1.00 26.37 ? 83  THR A CA  1 
ATOM 585 C C   . THR A 1 83  ? 7.442   10.601  7.888   1.00 26.59 ? 83  THR A C   1 
ATOM 586 O O   . THR A 1 83  ? 6.876   11.585  7.421   1.00 27.83 ? 83  THR A O   1 
ATOM 587 C CB  . THR A 1 83  ? 9.065   11.058  9.802   1.00 25.54 ? 83  THR A CB  1 
ATOM 588 O OG1 . THR A 1 83  ? 10.101  10.266  9.213   1.00 27.07 ? 83  THR A OG1 1 
ATOM 589 C CG2 . THR A 1 83  ? 9.330   10.875  11.288  1.00 21.93 ? 83  THR A CG2 1 
ATOM 590 N N   . HIS A 1 84  ? 7.774   9.566   7.129   1.00 26.67 ? 84  HIS A N   1 
ATOM 591 C CA  . HIS A 1 84  ? 7.703   9.657   5.672   1.00 26.86 ? 84  HIS A CA  1 
ATOM 592 C C   . HIS A 1 84  ? 7.570   8.283   5.030   1.00 26.98 ? 84  HIS A C   1 
ATOM 593 O O   . HIS A 1 84  ? 8.267   7.329   5.390   1.00 27.89 ? 84  HIS A O   1 
ATOM 594 C CB  . HIS A 1 84  ? 8.937   10.392  5.149   1.00 25.97 ? 84  HIS A CB  1 
ATOM 595 C CG  . HIS A 1 84  ? 9.256   10.153  3.703   1.00 27.43 ? 84  HIS A CG  1 
ATOM 596 N ND1 . HIS A 1 84  ? 8.587   10.776  2.671   1.00 30.50 ? 84  HIS A ND1 1 
ATOM 597 C CD2 . HIS A 1 84  ? 10.280  9.480   3.126   1.00 28.16 ? 84  HIS A CD2 1 
ATOM 598 C CE1 . HIS A 1 84  ? 9.168   10.474  1.523   1.00 29.05 ? 84  HIS A CE1 1 
ATOM 599 N NE2 . HIS A 1 84  ? 10.202  9.693   1.772   1.00 26.73 ? 84  HIS A NE2 1 
ATOM 600 N N   . ILE A 1 85  ? 6.623   8.176   4.112   1.00 27.13 ? 85  ILE A N   1 
ATOM 601 C CA  . ILE A 1 85  ? 6.497   6.990   3.287   1.00 27.35 ? 85  ILE A CA  1 
ATOM 602 C C   . ILE A 1 85  ? 6.598   7.393   1.825   1.00 30.49 ? 85  ILE A C   1 
ATOM 603 O O   . ILE A 1 85  ? 5.909   8.318   1.365   1.00 31.87 ? 85  ILE A O   1 
ATOM 604 C CB  . ILE A 1 85  ? 5.172   6.283   3.533   1.00 26.22 ? 85  ILE A CB  1 
ATOM 605 C CG1 . ILE A 1 85  ? 5.095   5.855   5.001   1.00 23.76 ? 85  ILE A CG1 1 
ATOM 606 C CG2 . ILE A 1 85  ? 5.048   5.074   2.582   1.00 23.81 ? 85  ILE A CG2 1 
ATOM 607 C CD1 . ILE A 1 85  ? 3.780   5.261   5.384   1.00 21.35 ? 85  ILE A CD1 1 
ATOM 608 N N   . ASN A 1 86  ? 7.491   6.716   1.105   1.00 31.61 ? 86  ASN A N   1 
ATOM 609 C CA  . ASN A 1 86  ? 7.534   6.856   -0.339  1.00 32.01 ? 86  ASN A CA  1 
ATOM 610 C C   . ASN A 1 86  ? 6.963   5.643   -1.089  1.00 31.00 ? 86  ASN A C   1 
ATOM 611 O O   . ASN A 1 86  ? 7.455   4.528   -0.932  1.00 30.98 ? 86  ASN A O   1 
ATOM 612 C CB  . ASN A 1 86  ? 8.934   7.217   -0.832  1.00 31.81 ? 86  ASN A CB  1 
ATOM 613 C CG  . ASN A 1 86  ? 9.022   7.160   -2.336  1.00 35.03 ? 86  ASN A CG  1 
ATOM 614 O OD1 . ASN A 1 86  ? 8.495   8.033   -3.037  1.00 36.33 ? 86  ASN A OD1 1 
ATOM 615 N ND2 . ASN A 1 86  ? 9.511   6.028   -2.839  1.00 43.05 ? 86  ASN A ND2 1 
ATOM 616 N N   . LEU A 1 87  ? 5.901   5.863   -1.853  1.00 28.80 ? 87  LEU A N   1 
ATOM 617 C CA  . LEU A 1 87  ? 5.460   4.860   -2.803  1.00 30.07 ? 87  LEU A CA  1 
ATOM 618 C C   . LEU A 1 87  ? 6.085   4.991   -4.212  1.00 31.33 ? 87  LEU A C   1 
ATOM 619 O O   . LEU A 1 87  ? 5.773   5.917   -4.994  1.00 30.51 ? 87  LEU A O   1 
ATOM 620 C CB  . LEU A 1 87  ? 3.944   4.858   -2.881  1.00 29.21 ? 87  LEU A CB  1 
ATOM 621 C CG  . LEU A 1 87  ? 3.255   5.272   -1.589  1.00 30.17 ? 87  LEU A CG  1 
ATOM 622 C CD1 . LEU A 1 87  ? 1.790   5.548   -1.882  1.00 29.88 ? 87  LEU A CD1 1 
ATOM 623 C CD2 . LEU A 1 87  ? 3.384   4.174   -0.597  1.00 27.62 ? 87  LEU A CD2 1 
ATOM 624 N N   . HIS A 1 88  ? 6.994   4.068   -4.521  1.00 30.42 ? 88  HIS A N   1 
ATOM 625 C CA  . HIS A 1 88  ? 7.517   3.955   -5.873  1.00 29.84 ? 88  HIS A CA  1 
ATOM 626 C C   . HIS A 1 88  ? 6.802   2.877   -6.705  1.00 29.59 ? 88  HIS A C   1 
ATOM 627 O O   . HIS A 1 88  ? 7.024   1.676   -6.483  1.00 30.01 ? 88  HIS A O   1 
ATOM 628 C CB  . HIS A 1 88  ? 9.028   3.741   -5.879  1.00 27.59 ? 88  HIS A CB  1 
ATOM 629 C CG  . HIS A 1 88  ? 9.612   3.755   -7.254  1.00 30.64 ? 88  HIS A CG  1 
ATOM 630 N ND1 . HIS A 1 88  ? 9.645   4.895   -8.037  1.00 31.35 ? 88  HIS A ND1 1 
ATOM 631 C CD2 . HIS A 1 88  ? 10.107  2.752   -8.021  1.00 31.18 ? 88  HIS A CD2 1 
ATOM 632 C CE1 . HIS A 1 88  ? 10.159  4.594   -9.218  1.00 34.18 ? 88  HIS A CE1 1 
ATOM 633 N NE2 . HIS A 1 88  ? 10.445  3.300   -9.235  1.00 34.32 ? 88  HIS A NE2 1 
ATOM 634 N N   . PHE A 1 89  ? 5.984   3.313   -7.671  1.00 27.66 ? 89  PHE A N   1 
ATOM 635 C CA  . PHE A 1 89  ? 5.339   2.403   -8.628  1.00 26.75 ? 89  PHE A CA  1 
ATOM 636 C C   . PHE A 1 89  ? 6.186   1.938   -9.810  1.00 26.90 ? 89  PHE A C   1 
ATOM 637 O O   . PHE A 1 89  ? 6.764   2.748   -10.536 1.00 28.64 ? 89  PHE A O   1 
ATOM 638 C CB  . PHE A 1 89  ? 4.049   3.020   -9.127  1.00 25.00 ? 89  PHE A CB  1 
ATOM 639 C CG  . PHE A 1 89  ? 3.100   3.316   -8.026  1.00 27.01 ? 89  PHE A CG  1 
ATOM 640 C CD1 . PHE A 1 89  ? 3.160   4.510   -7.351  1.00 26.77 ? 89  PHE A CD1 1 
ATOM 641 C CD2 . PHE A 1 89  ? 2.248   2.344   -7.559  1.00 28.28 ? 89  PHE A CD2 1 
ATOM 642 C CE1 . PHE A 1 89  ? 2.309   4.771   -6.292  1.00 22.53 ? 89  PHE A CE1 1 
ATOM 643 C CE2 . PHE A 1 89  ? 1.422   2.600   -6.496  1.00 28.87 ? 89  PHE A CE2 1 
ATOM 644 C CZ  . PHE A 1 89  ? 1.447   3.824   -5.877  1.00 24.88 ? 89  PHE A CZ  1 
ATOM 645 N N   . ILE A 1 90  ? 6.205   0.633   -10.057 1.00 27.33 ? 90  ILE A N   1 
ATOM 646 C CA  . ILE A 1 90  ? 6.809   0.114   -11.286 1.00 26.81 ? 90  ILE A CA  1 
ATOM 647 C C   . ILE A 1 90  ? 5.716   -0.521  -12.127 1.00 28.56 ? 90  ILE A C   1 
ATOM 648 O O   . ILE A 1 90  ? 5.220   -1.615  -11.822 1.00 30.74 ? 90  ILE A O   1 
ATOM 649 C CB  . ILE A 1 90  ? 7.937   -0.885  -10.991 1.00 25.45 ? 90  ILE A CB  1 
ATOM 650 C CG1 . ILE A 1 90  ? 8.951   -0.234  -10.052 1.00 27.90 ? 90  ILE A CG1 1 
ATOM 651 C CG2 . ILE A 1 90  ? 8.607   -1.338  -12.273 1.00 21.88 ? 90  ILE A CG2 1 
ATOM 652 C CD1 . ILE A 1 90  ? 10.232  -0.992  -9.909  1.00 31.12 ? 90  ILE A CD1 1 
ATOM 653 N N   . VAL A 1 91  ? 5.296   0.208   -13.154 1.00 27.92 ? 91  VAL A N   1 
ATOM 654 C CA  . VAL A 1 91  ? 4.180   -0.235  -13.967 1.00 26.85 ? 91  VAL A CA  1 
ATOM 655 C C   . VAL A 1 91  ? 4.727   -0.836  -15.238 1.00 26.62 ? 91  VAL A C   1 
ATOM 656 O O   . VAL A 1 91  ? 5.560   -0.234  -15.926 1.00 27.61 ? 91  VAL A O   1 
ATOM 657 C CB  . VAL A 1 91  ? 3.266   0.934   -14.293 1.00 27.35 ? 91  VAL A CB  1 
ATOM 658 C CG1 . VAL A 1 91  ? 1.995   0.436   -14.909 1.00 26.08 ? 91  VAL A CG1 1 
ATOM 659 C CG2 . VAL A 1 91  ? 2.998   1.739   -13.018 1.00 28.29 ? 91  VAL A CG2 1 
ATOM 660 N N   . THR A 1 92  ? 4.302   -2.054  -15.519 1.00 26.15 ? 92  THR A N   1 
ATOM 661 C CA  . THR A 1 92  ? 4.711   -2.699  -16.754 1.00 26.93 ? 92  THR A CA  1 
ATOM 662 C C   . THR A 1 92  ? 3.553   -2.858  -17.736 1.00 28.53 ? 92  THR A C   1 
ATOM 663 O O   . THR A 1 92  ? 2.453   -3.244  -17.357 1.00 29.05 ? 92  THR A O   1 
ATOM 664 C CB  . THR A 1 92  ? 5.294   -4.069  -16.446 1.00 26.44 ? 92  THR A CB  1 
ATOM 665 O OG1 . THR A 1 92  ? 6.431   -3.914  -15.596 1.00 20.82 ? 92  THR A OG1 1 
ATOM 666 C CG2 . THR A 1 92  ? 5.851   -4.695  -17.716 1.00 27.45 ? 92  THR A CG2 1 
ATOM 667 N N   . GLY A 1 93  ? 3.813   -2.600  -19.006 1.00 29.23 ? 93  GLY A N   1 
ATOM 668 C CA  . GLY A 1 93  ? 2.782   -2.783  -19.998 1.00 32.52 ? 93  GLY A CA  1 
ATOM 669 C C   . GLY A 1 93  ? 3.309   -2.651  -21.412 1.00 35.26 ? 93  GLY A C   1 
ATOM 670 O O   . GLY A 1 93  ? 4.524   -2.727  -21.659 1.00 33.51 ? 93  GLY A O   1 
ATOM 671 N N   . ARG A 1 94  ? 2.356   -2.471  -22.329 1.00 38.17 ? 94  ARG A N   1 
ATOM 672 C CA  . ARG A 1 94  ? 2.605   -2.523  -23.762 1.00 41.58 ? 94  ARG A CA  1 
ATOM 673 C C   . ARG A 1 94  ? 2.691   -1.102  -24.330 1.00 44.07 ? 94  ARG A C   1 
ATOM 674 O O   . ARG A 1 94  ? 3.786   -0.623  -24.664 1.00 45.12 ? 94  ARG A O   1 
ATOM 675 C CB  . ARG A 1 94  ? 1.546   -3.375  -24.479 1.00 40.69 ? 94  ARG A CB  1 
ATOM 676 N N   . ASP A 1 95  ? 1.567   -0.397  -24.388 1.00 46.13 ? 95  ASP A N   1 
ATOM 677 C CA  . ASP A 1 95  ? 1.594   0.890   -25.075 1.00 48.75 ? 95  ASP A CA  1 
ATOM 678 C C   . ASP A 1 95  ? 1.270   2.003   -24.095 1.00 48.65 ? 95  ASP A C   1 
ATOM 679 O O   . ASP A 1 95  ? 0.769   3.056   -24.479 1.00 49.87 ? 95  ASP A O   1 
ATOM 680 C CB  . ASP A 1 95  ? 0.633   0.917   -26.275 1.00 49.78 ? 95  ASP A CB  1 
ATOM 681 C CG  . ASP A 1 95  ? 1.256   0.349   -27.544 1.00 53.41 ? 95  ASP A CG  1 
ATOM 682 O OD1 . ASP A 1 95  ? 2.369   0.783   -27.921 1.00 56.85 ? 95  ASP A OD1 1 
ATOM 683 O OD2 . ASP A 1 95  ? 0.691   -0.528  -28.238 1.00 57.61 ? 95  ASP A OD2 1 
ATOM 684 N N   . LEU A 1 96  ? 1.515   1.756   -22.817 1.00 48.18 ? 96  LEU A N   1 
ATOM 685 C CA  . LEU A 1 96  ? 1.047   2.694   -21.807 1.00 47.95 ? 96  LEU A CA  1 
ATOM 686 C C   . LEU A 1 96  ? 1.781   3.988   -22.047 1.00 47.23 ? 96  LEU A C   1 
ATOM 687 O O   . LEU A 1 96  ? 2.993   3.961   -22.260 1.00 49.04 ? 96  LEU A O   1 
ATOM 688 C CB  . LEU A 1 96  ? 1.373   2.208   -20.395 1.00 47.83 ? 96  LEU A CB  1 
ATOM 689 C CG  . LEU A 1 96  ? 1.644   0.720   -20.209 1.00 48.37 ? 96  LEU A CG  1 
ATOM 690 C CD1 . LEU A 1 96  ? 2.346   0.558   -18.893 1.00 46.08 ? 96  LEU A CD1 1 
ATOM 691 C CD2 . LEU A 1 96  ? 0.342   -0.095  -20.242 1.00 51.28 ? 96  LEU A CD2 1 
ATOM 692 N N   . LYS A 1 97  ? 1.054   5.102   -21.998 1.00 45.56 ? 97  LYS A N   1 
ATOM 693 C CA  . LYS A 1 97  ? 1.665   6.419   -22.132 1.00 43.61 ? 97  LYS A CA  1 
ATOM 694 C C   . LYS A 1 97  ? 1.991   7.034   -20.801 1.00 41.81 ? 97  LYS A C   1 
ATOM 695 O O   . LYS A 1 97  ? 1.336   6.779   -19.798 1.00 42.82 ? 97  LYS A O   1 
ATOM 696 C CB  . LYS A 1 97  ? 0.770   7.360   -22.917 1.00 44.03 ? 97  LYS A CB  1 
ATOM 697 N N   . ASP A 1 98  ? 3.004   7.884   -20.821 1.00 40.57 ? 98  ASP A N   1 
ATOM 698 C CA  . ASP A 1 98  ? 3.471   8.508   -19.597 1.00 38.41 ? 98  ASP A CA  1 
ATOM 699 C C   . ASP A 1 98  ? 2.314   9.268   -18.956 1.00 36.22 ? 98  ASP A C   1 
ATOM 700 O O   . ASP A 1 98  ? 2.097   9.235   -17.742 1.00 37.13 ? 98  ASP A O   1 
ATOM 701 C CB  . ASP A 1 98  ? 4.629   9.470   -19.871 1.00 37.14 ? 98  ASP A CB  1 
ATOM 702 C CG  . ASP A 1 98  ? 5.228   9.955   -18.600 1.00 34.34 ? 98  ASP A CG  1 
ATOM 703 O OD1 . ASP A 1 98  ? 5.590   9.035   -17.804 1.00 27.34 ? 98  ASP A OD1 1 
ATOM 704 O OD2 . ASP A 1 98  ? 5.146   11.167  -18.276 1.00 26.01 ? 98  ASP A OD2 1 
ATOM 705 N N   . ALA A 1 99  ? 1.572   9.980   -19.783 1.00 33.29 ? 99  ALA A N   1 
ATOM 706 C CA  . ALA A 1 99  ? 0.562   10.849  -19.219 1.00 31.07 ? 99  ALA A CA  1 
ATOM 707 C C   . ALA A 1 99  ? -0.465  9.997   -18.459 1.00 29.90 ? 99  ALA A C   1 
ATOM 708 O O   . ALA A 1 99  ? -0.984  10.393  -17.420 1.00 26.52 ? 99  ALA A O   1 
ATOM 709 C CB  . ALA A 1 99  ? -0.072  11.644  -20.324 1.00 31.39 ? 99  ALA A CB  1 
ATOM 710 N N   . ALA A 1 100 ? -0.736  8.801   -18.965 1.00 29.99 ? 100 ALA A N   1 
ATOM 711 C CA  . ALA A 1 100 ? -1.744  7.963   -18.351 1.00 30.14 ? 100 ALA A CA  1 
ATOM 712 C C   . ALA A 1 100 ? -1.208  7.400   -17.037 1.00 30.90 ? 100 ALA A C   1 
ATOM 713 O O   . ALA A 1 100 ? -1.964  7.278   -16.058 1.00 32.09 ? 100 ALA A O   1 
ATOM 714 C CB  . ALA A 1 100 ? -2.166  6.849   -19.298 1.00 30.68 ? 100 ALA A CB  1 
ATOM 715 N N   . VAL A 1 101 ? 0.074   7.045   -17.004 1.00 29.40 ? 101 VAL A N   1 
ATOM 716 C CA  . VAL A 1 101 ? 0.601   6.469   -15.780 1.00 28.90 ? 101 VAL A CA  1 
ATOM 717 C C   . VAL A 1 101 ? 0.707   7.556   -14.723 1.00 28.79 ? 101 VAL A C   1 
ATOM 718 O O   . VAL A 1 101 ? 0.348   7.333   -13.573 1.00 31.06 ? 101 VAL A O   1 
ATOM 719 C CB  . VAL A 1 101 ? 1.884   5.673   -16.034 1.00 30.09 ? 101 VAL A CB  1 
ATOM 720 C CG1 . VAL A 1 101 ? 2.594   5.308   -14.713 1.00 30.51 ? 101 VAL A CG1 1 
ATOM 721 C CG2 . VAL A 1 101 ? 1.548   4.437   -16.893 1.00 26.05 ? 101 VAL A CG2 1 
ATOM 722 N N   . ALA A 1 102 ? 1.059   8.769   -15.126 1.00 28.35 ? 102 ALA A N   1 
ATOM 723 C CA  . ALA A 1 102 ? 1.179   9.859   -14.157 1.00 28.48 ? 102 ALA A CA  1 
ATOM 724 C C   . ALA A 1 102 ? -0.181  10.143  -13.524 1.00 28.01 ? 102 ALA A C   1 
ATOM 725 O O   . ALA A 1 102 ? -0.321  10.144  -12.304 1.00 28.81 ? 102 ALA A O   1 
ATOM 726 C CB  . ALA A 1 102 ? 1.794   11.124  -14.791 1.00 27.04 ? 102 ALA A CB  1 
ATOM 727 N N   . ARG A 1 103 ? -1.183  10.319  -14.371 1.00 28.02 ? 103 ARG A N   1 
ATOM 728 C CA  . ARG A 1 103 ? -2.568  10.451  -13.944 1.00 29.78 ? 103 ARG A CA  1 
ATOM 729 C C   . ARG A 1 103 ? -2.926  9.357   -12.930 1.00 28.88 ? 103 ARG A C   1 
ATOM 730 O O   . ARG A 1 103 ? -3.308  9.650   -11.798 1.00 29.23 ? 103 ARG A O   1 
ATOM 731 C CB  . ARG A 1 103 ? -3.471  10.377  -15.188 1.00 31.55 ? 103 ARG A CB  1 
ATOM 732 C CG  . ARG A 1 103 ? -4.892  10.869  -15.019 1.00 35.27 ? 103 ARG A CG  1 
ATOM 733 C CD  . ARG A 1 103 ? -5.930  10.190  -15.927 1.00 41.83 ? 103 ARG A CD  1 
ATOM 734 N NE  . ARG A 1 103 ? -7.274  10.489  -15.426 1.00 45.77 ? 103 ARG A NE  1 
ATOM 735 C CZ  . ARG A 1 103 ? -7.818  11.704  -15.444 1.00 49.27 ? 103 ARG A CZ  1 
ATOM 736 N NH1 . ARG A 1 103 ? -7.185  12.707  -16.039 1.00 52.37 ? 103 ARG A NH1 1 
ATOM 737 N NH2 . ARG A 1 103 ? -9.018  11.920  -14.924 1.00 50.02 ? 103 ARG A NH2 1 
ATOM 738 N N   . ALA A 1 104 ? -2.776  8.093   -13.312 1.00 27.27 ? 104 ALA A N   1 
ATOM 739 C CA  . ALA A 1 104 ? -3.164  7.001   -12.435 1.00 25.69 ? 104 ALA A CA  1 
ATOM 740 C C   . ALA A 1 104 ? -2.449  7.007   -11.082 1.00 26.04 ? 104 ALA A C   1 
ATOM 741 O O   . ALA A 1 104 ? -3.057  6.742   -10.042 1.00 26.47 ? 104 ALA A O   1 
ATOM 742 C CB  . ALA A 1 104 ? -2.954  5.690   -13.141 1.00 26.64 ? 104 ALA A CB  1 
ATOM 743 N N   . VAL A 1 105 ? -1.153  7.300   -11.080 1.00 25.18 ? 105 VAL A N   1 
ATOM 744 C CA  . VAL A 1 105 ? -0.396  7.330   -9.837  1.00 23.90 ? 105 VAL A CA  1 
ATOM 745 C C   . VAL A 1 105 ? -0.853  8.551   -9.040  1.00 24.92 ? 105 VAL A C   1 
ATOM 746 O O   . VAL A 1 105 ? -1.045  8.522   -7.831  1.00 23.57 ? 105 VAL A O   1 
ATOM 747 C CB  . VAL A 1 105 ? 1.116   7.375   -10.161 1.00 24.37 ? 105 VAL A CB  1 
ATOM 748 C CG1 . VAL A 1 105 ? 1.985   7.583   -8.916  1.00 22.42 ? 105 VAL A CG1 1 
ATOM 749 C CG2 . VAL A 1 105 ? 1.519   6.112   -10.862 1.00 19.55 ? 105 VAL A CG2 1 
ATOM 750 N N   . ASP A 1 106 ? -1.090  9.640   -9.742  1.00 27.63 ? 106 ASP A N   1 
ATOM 751 C CA  . ASP A 1 106 ? -1.569  10.841  -9.073  1.00 31.66 ? 106 ASP A CA  1 
ATOM 752 C C   . ASP A 1 106 ? -2.898  10.713  -8.337  1.00 31.91 ? 106 ASP A C   1 
ATOM 753 O O   . ASP A 1 106 ? -3.018  11.068  -7.164  1.00 32.16 ? 106 ASP A O   1 
ATOM 754 C CB  . ASP A 1 106 ? -1.653  11.995  -10.064 1.00 32.14 ? 106 ASP A CB  1 
ATOM 755 C CG  . ASP A 1 106 ? -0.687  13.080  -9.718  1.00 38.96 ? 106 ASP A CG  1 
ATOM 756 O OD1 . ASP A 1 106 ? 0.542   12.858  -9.886  1.00 38.17 ? 106 ASP A OD1 1 
ATOM 757 O OD2 . ASP A 1 106 ? -1.091  14.110  -9.129  1.00 48.43 ? 106 ASP A OD2 1 
ATOM 758 N N   . LEU A 1 107 ? -3.914  10.272  -9.073  1.00 33.10 ? 107 LEU A N   1 
ATOM 759 C CA  . LEU A 1 107 ? -5.272  10.180  -8.560  1.00 33.33 ? 107 LEU A CA  1 
ATOM 760 C C   . LEU A 1 107 ? -5.315  9.128   -7.472  1.00 33.84 ? 107 LEU A C   1 
ATOM 761 O O   . LEU A 1 107 ? -5.995  9.284   -6.460  1.00 34.25 ? 107 LEU A O   1 
ATOM 762 C CB  . LEU A 1 107 ? -6.241  9.800   -9.677  1.00 32.51 ? 107 LEU A CB  1 
ATOM 763 C CG  . LEU A 1 107 ? -6.368  10.828  -10.797 1.00 30.44 ? 107 LEU A CG  1 
ATOM 764 C CD1 . LEU A 1 107 ? -7.190  10.167  -11.888 1.00 28.88 ? 107 LEU A CD1 1 
ATOM 765 C CD2 . LEU A 1 107 ? -7.011  12.121  -10.313 1.00 25.12 ? 107 LEU A CD2 1 
ATOM 766 N N   . SER A 1 108 ? -4.552  8.067   -7.682  1.00 34.62 ? 108 SER A N   1 
ATOM 767 C CA  . SER A 1 108 ? -4.466  7.015   -6.696  1.00 35.66 ? 108 SER A CA  1 
ATOM 768 C C   . SER A 1 108 ? -3.930  7.568   -5.389  1.00 34.74 ? 108 SER A C   1 
ATOM 769 O O   . SER A 1 108 ? -4.599  7.484   -4.363  1.00 34.85 ? 108 SER A O   1 
ATOM 770 C CB  . SER A 1 108 ? -3.600  5.877   -7.208  1.00 36.09 ? 108 SER A CB  1 
ATOM 771 O OG  . SER A 1 108 ? -3.455  4.927   -6.171  1.00 43.08 ? 108 SER A OG  1 
ATOM 772 N N   . ALA A 1 109 ? -2.765  8.199   -5.439  1.00 35.25 ? 109 ALA A N   1 
ATOM 773 C CA  . ALA A 1 109 ? -2.099  8.649   -4.218  1.00 35.66 ? 109 ALA A CA  1 
ATOM 774 C C   . ALA A 1 109 ? -2.749  9.839   -3.519  1.00 35.47 ? 109 ALA A C   1 
ATOM 775 O O   . ALA A 1 109 ? -2.606  9.973   -2.301  1.00 36.33 ? 109 ALA A O   1 
ATOM 776 C CB  . ALA A 1 109 ? -0.630  8.916   -4.471  1.00 36.72 ? 109 ALA A CB  1 
ATOM 777 N N   . GLU A 1 110 ? -3.450  10.692  -4.261  1.00 34.57 ? 110 GLU A N   1 
ATOM 778 C CA  . GLU A 1 110 ? -3.969  11.923  -3.672  1.00 35.38 ? 110 GLU A CA  1 
ATOM 779 C C   . GLU A 1 110 ? -5.489  12.076  -3.707  1.00 34.69 ? 110 GLU A C   1 
ATOM 780 O O   . GLU A 1 110 ? -6.034  13.004  -3.109  1.00 34.74 ? 110 GLU A O   1 
ATOM 781 C CB  . GLU A 1 110 ? -3.312  13.163  -4.297  1.00 37.64 ? 110 GLU A CB  1 
ATOM 782 C CG  . GLU A 1 110 ? -1.903  13.489  -3.807  1.00 39.94 ? 110 GLU A CG  1 
ATOM 783 C CD  . GLU A 1 110 ? -1.045  14.013  -4.935  1.00 45.33 ? 110 GLU A CD  1 
ATOM 784 O OE1 . GLU A 1 110 ? -1.593  14.741  -5.803  1.00 46.78 ? 110 GLU A OE1 1 
ATOM 785 O OE2 . GLU A 1 110 ? 0.150   13.644  -4.974  1.00 46.18 ? 110 GLU A OE2 1 
ATOM 786 N N   . LYS A 1 111 ? -6.178  11.176  -4.397  1.00 33.32 ? 111 LYS A N   1 
ATOM 787 C CA  . LYS A 1 111 ? -7.626  11.240  -4.435  1.00 31.97 ? 111 LYS A CA  1 
ATOM 788 C C   . LYS A 1 111 ? -8.369  9.938   -4.124  1.00 32.10 ? 111 LYS A C   1 
ATOM 789 O O   . LYS A 1 111 ? -9.445  9.995   -3.549  1.00 31.93 ? 111 LYS A O   1 
ATOM 790 C CB  . LYS A 1 111 ? -8.091  11.837  -5.756  1.00 32.19 ? 111 LYS A CB  1 
ATOM 791 C CG  . LYS A 1 111 ? -9.558  12.174  -5.800  1.00 33.76 ? 111 LYS A CG  1 
ATOM 792 C CD  . LYS A 1 111 ? -9.884  12.864  -7.099  1.00 36.91 ? 111 LYS A CD  1 
ATOM 793 C CE  . LYS A 1 111 ? -11.351 12.717  -7.447  1.00 39.37 ? 111 LYS A CE  1 
ATOM 794 N NZ  . LYS A 1 111 ? -11.562 13.169  -8.852  1.00 39.79 ? 111 LYS A NZ  1 
ATOM 795 N N   . TYR A 1 112 ? -7.841  8.772   -4.485  1.00 31.84 ? 112 TYR A N   1 
ATOM 796 C CA  . TYR A 1 112 ? -8.645  7.547   -4.406  1.00 32.00 ? 112 TYR A CA  1 
ATOM 797 C C   . TYR A 1 112 ? -8.267  6.543   -3.318  1.00 31.29 ? 112 TYR A C   1 
ATOM 798 O O   . TYR A 1 112 ? -9.053  5.640   -3.005  1.00 30.74 ? 112 TYR A O   1 
ATOM 799 C CB  . TYR A 1 112 ? -8.745  6.828   -5.759  1.00 32.39 ? 112 TYR A CB  1 
ATOM 800 C CG  . TYR A 1 112 ? -9.609  7.568   -6.749  1.00 38.01 ? 112 TYR A CG  1 
ATOM 801 C CD1 . TYR A 1 112 ? -9.104  8.659   -7.454  1.00 38.61 ? 112 TYR A CD1 1 
ATOM 802 C CD2 . TYR A 1 112 ? -10.949 7.220   -6.931  1.00 43.80 ? 112 TYR A CD2 1 
ATOM 803 C CE1 . TYR A 1 112 ? -9.894  9.391   -8.315  1.00 41.32 ? 112 TYR A CE1 1 
ATOM 804 C CE2 . TYR A 1 112 ? -11.758 7.950   -7.808  1.00 46.31 ? 112 TYR A CE2 1 
ATOM 805 C CZ  . TYR A 1 112 ? -11.214 9.037   -8.496  1.00 46.02 ? 112 TYR A CZ  1 
ATOM 806 O OH  . TYR A 1 112 ? -11.963 9.790   -9.373  1.00 46.66 ? 112 TYR A OH  1 
ATOM 807 N N   . CYS A 1 113 ? -7.043  6.642   -2.809  1.00 30.19 ? 113 CYS A N   1 
ATOM 808 C CA  . CYS A 1 113 ? -6.522  5.637   -1.897  1.00 28.29 ? 113 CYS A CA  1 
ATOM 809 C C   . CYS A 1 113 ? -6.794  6.094   -0.487  1.00 27.07 ? 113 CYS A C   1 
ATOM 810 O O   . CYS A 1 113 ? -6.165  7.013   0.024   1.00 25.26 ? 113 CYS A O   1 
ATOM 811 C CB  . CYS A 1 113 ? -5.029  5.382   -2.086  1.00 28.10 ? 113 CYS A CB  1 
ATOM 812 S SG  . CYS A 1 113 ? -4.421  4.132   -0.922  1.00 35.75 ? 113 CYS A SG  1 
ATOM 813 N N   . SER A 1 114 ? -7.748  5.425   0.140   1.00 27.98 ? 114 SER A N   1 
ATOM 814 C CA  . SER A 1 114 ? -8.222  5.861   1.437   1.00 28.47 ? 114 SER A CA  1 
ATOM 815 C C   . SER A 1 114 ? -7.077  5.787   2.449   1.00 28.43 ? 114 SER A C   1 
ATOM 816 O O   . SER A 1 114 ? -6.890  6.696   3.262   1.00 28.36 ? 114 SER A O   1 
ATOM 817 C CB  . SER A 1 114 ? -9.458  5.064   1.861   1.00 28.95 ? 114 SER A CB  1 
ATOM 818 O OG  . SER A 1 114 ? -9.117  3.781   2.361   1.00 31.08 ? 114 SER A OG  1 
ATOM 819 N N   . VAL A 1 115 ? -6.261  4.739   2.348   1.00 27.99 ? 115 VAL A N   1 
ATOM 820 C CA  . VAL A 1 115 ? -5.230  4.487   3.340   1.00 25.38 ? 115 VAL A CA  1 
ATOM 821 C C   . VAL A 1 115 ? -4.216  5.611   3.235   1.00 27.59 ? 115 VAL A C   1 
ATOM 822 O O   . VAL A 1 115 ? -3.673  6.081   4.234   1.00 26.66 ? 115 VAL A O   1 
ATOM 823 C CB  . VAL A 1 115 ? -4.525  3.166   3.051   1.00 25.77 ? 115 VAL A CB  1 
ATOM 824 C CG1 . VAL A 1 115 ? -3.304  2.989   3.977   1.00 22.04 ? 115 VAL A CG1 1 
ATOM 825 C CG2 . VAL A 1 115 ? -5.505  2.000   3.155   1.00 21.80 ? 115 VAL A CG2 1 
ATOM 826 N N   . ALA A 1 116 ? -3.940  6.021   2.000   1.00 29.58 ? 116 ALA A N   1 
ATOM 827 C CA  . ALA A 1 116 ? -2.926  7.035   1.743   1.00 31.61 ? 116 ALA A CA  1 
ATOM 828 C C   . ALA A 1 116 ? -3.441  8.322   2.340   1.00 32.06 ? 116 ALA A C   1 
ATOM 829 O O   . ALA A 1 116 ? -2.730  9.009   3.071   1.00 32.11 ? 116 ALA A O   1 
ATOM 830 C CB  . ALA A 1 116 ? -2.709  7.231   0.243   1.00 32.24 ? 116 ALA A CB  1 
ATOM 831 N N   . LEU A 1 117 ? -4.702  8.609   2.048   1.00 32.16 ? 117 LEU A N   1 
ATOM 832 C CA  . LEU A 1 117 ? -5.276  9.883   2.420   1.00 33.62 ? 117 LEU A CA  1 
ATOM 833 C C   . LEU A 1 117 ? -5.444  10.032  3.924   1.00 33.31 ? 117 LEU A C   1 
ATOM 834 O O   . LEU A 1 117 ? -5.407  11.147  4.427   1.00 33.79 ? 117 LEU A O   1 
ATOM 835 C CB  . LEU A 1 117 ? -6.610  10.075  1.709   1.00 34.33 ? 117 LEU A CB  1 
ATOM 836 C CG  . LEU A 1 117 ? -6.499  10.566  0.261   1.00 38.32 ? 117 LEU A CG  1 
ATOM 837 C CD1 . LEU A 1 117 ? -7.841  10.361  -0.463  1.00 40.41 ? 117 LEU A CD1 1 
ATOM 838 C CD2 . LEU A 1 117 ? -6.081  12.039  0.238   1.00 37.55 ? 117 LEU A CD2 1 
ATOM 839 N N   . MET A 1 118 ? -5.647  8.922   4.632   1.00 33.39 ? 118 MET A N   1 
ATOM 840 C CA  . MET A 1 118 ? -5.765  8.955   6.089   1.00 32.81 ? 118 MET A CA  1 
ATOM 841 C C   . MET A 1 118 ? -4.378  9.264   6.683   1.00 33.12 ? 118 MET A C   1 
ATOM 842 O O   . MET A 1 118 ? -4.212  10.065  7.597   1.00 33.83 ? 118 MET A O   1 
ATOM 843 C CB  . MET A 1 118 ? -6.379  7.640   6.629   1.00 32.09 ? 118 MET A CB  1 
ATOM 844 C CG  . MET A 1 118 ? -7.854  7.426   6.255   1.00 27.44 ? 118 MET A CG  1 
ATOM 845 S SD  . MET A 1 118 ? -8.716  5.997   7.014   1.00 26.13 ? 118 MET A SD  1 
ATOM 846 C CE  . MET A 1 118 ? -7.777  4.518   6.347   1.00 26.26 ? 118 MET A CE  1 
ATOM 847 N N   . LEU A 1 119 ? -3.349  8.672   6.105   1.00 33.23 ? 119 LEU A N   1 
ATOM 848 C CA  . LEU A 1 119 ? -2.037  8.779   6.691   1.00 32.55 ? 119 LEU A CA  1 
ATOM 849 C C   . LEU A 1 119 ? -1.506  10.162  6.437   1.00 34.38 ? 119 LEU A C   1 
ATOM 850 O O   . LEU A 1 119 ? -0.910  10.749  7.341   1.00 35.48 ? 119 LEU A O   1 
ATOM 851 C CB  . LEU A 1 119 ? -1.121  7.708   6.114   1.00 31.72 ? 119 LEU A CB  1 
ATOM 852 C CG  . LEU A 1 119 ? -1.463  6.316   6.643   1.00 27.40 ? 119 LEU A CG  1 
ATOM 853 C CD1 . LEU A 1 119 ? -0.514  5.295   6.079   1.00 26.96 ? 119 LEU A CD1 1 
ATOM 854 C CD2 . LEU A 1 119 ? -1.492  6.245   8.161   1.00 25.60 ? 119 LEU A CD2 1 
ATOM 855 N N   . GLU A 1 120 ? -1.815  10.707  5.259   1.00 35.62 ? 120 GLU A N   1 
ATOM 856 C CA  . GLU A 1 120 ? -1.308  12.017  4.829   1.00 37.77 ? 120 GLU A CA  1 
ATOM 857 C C   . GLU A 1 120 ? -1.447  13.095  5.885   1.00 35.94 ? 120 GLU A C   1 
ATOM 858 O O   . GLU A 1 120 ? -0.664  14.023  5.912   1.00 34.47 ? 120 GLU A O   1 
ATOM 859 C CB  . GLU A 1 120 ? -1.970  12.519  3.535   1.00 39.46 ? 120 GLU A CB  1 
ATOM 860 C CG  . GLU A 1 120 ? -1.132  12.255  2.290   1.00 50.28 ? 120 GLU A CG  1 
ATOM 861 C CD  . GLU A 1 120 ? -1.750  12.781  1.002   1.00 62.22 ? 120 GLU A CD  1 
ATOM 862 O OE1 . GLU A 1 120 ? -2.816  12.271  0.581   1.00 65.59 ? 120 GLU A OE1 1 
ATOM 863 O OE2 . GLU A 1 120 ? -1.134  13.682  0.385   1.00 67.18 ? 120 GLU A OE2 1 
ATOM 864 N N   . LYS A 1 121 ? -2.462  12.997  6.736   1.00 36.37 ? 121 LYS A N   1 
ATOM 865 C CA  . LYS A 1 121 ? -2.696  14.061  7.711   1.00 36.59 ? 121 LYS A CA  1 
ATOM 866 C C   . LYS A 1 121 ? -1.703  13.984  8.877   1.00 35.63 ? 121 LYS A C   1 
ATOM 867 O O   . LYS A 1 121 ? -1.678  14.884  9.708   1.00 35.05 ? 121 LYS A O   1 
ATOM 868 C CB  . LYS A 1 121 ? -4.177  14.095  8.189   1.00 35.25 ? 121 LYS A CB  1 
ATOM 869 N N   . ALA A 1 122 ? -0.862  12.944  8.898   1.00 34.42 ? 122 ALA A N   1 
ATOM 870 C CA  . ALA A 1 122 ? 0.083   12.707  9.991   1.00 32.69 ? 122 ALA A CA  1 
ATOM 871 C C   . ALA A 1 122 ? 1.476   12.315  9.517   1.00 31.76 ? 122 ALA A C   1 
ATOM 872 O O   . ALA A 1 122 ? 2.438   12.416  10.274  1.00 30.62 ? 122 ALA A O   1 
ATOM 873 C CB  . ALA A 1 122 ? -0.439  11.623  10.892  1.00 33.33 ? 122 ALA A CB  1 
ATOM 874 N N   . VAL A 1 123 ? 1.552   11.790  8.299   1.00 30.68 ? 123 VAL A N   1 
ATOM 875 C CA  . VAL A 1 123 ? 2.797   11.349  7.685   1.00 29.87 ? 123 VAL A CA  1 
ATOM 876 C C   . VAL A 1 123 ? 3.053   12.060  6.353   1.00 30.18 ? 123 VAL A C   1 
ATOM 877 O O   . VAL A 1 123 ? 2.127   12.327  5.570   1.00 29.66 ? 123 VAL A O   1 
ATOM 878 C CB  . VAL A 1 123 ? 2.776   9.832   7.419   1.00 30.21 ? 123 VAL A CB  1 
ATOM 879 C CG1 . VAL A 1 123 ? 4.061   9.390   6.734   1.00 28.80 ? 123 VAL A CG1 1 
ATOM 880 C CG2 . VAL A 1 123 ? 2.549   9.051   8.716   1.00 30.87 ? 123 VAL A CG2 1 
ATOM 881 N N   . ASN A 1 124 ? 4.325   12.345  6.091   1.00 29.98 ? 124 ASN A N   1 
ATOM 882 C CA  . ASN A 1 124 ? 4.719   12.819  4.774   1.00 31.25 ? 124 ASN A CA  1 
ATOM 883 C C   . ASN A 1 124 ? 4.734   11.700  3.732   1.00 31.78 ? 124 ASN A C   1 
ATOM 884 O O   . ASN A 1 124 ? 5.689   10.924  3.669   1.00 31.50 ? 124 ASN A O   1 
ATOM 885 C CB  . ASN A 1 124 ? 6.056   13.565  4.834   1.00 30.51 ? 124 ASN A CB  1 
ATOM 886 C CG  . ASN A 1 124 ? 6.440   14.170  3.493   1.00 30.31 ? 124 ASN A CG  1 
ATOM 887 O OD1 . ASN A 1 124 ? 5.589   14.359  2.621   1.00 26.69 ? 124 ASN A OD1 1 
ATOM 888 N ND2 . ASN A 1 124 ? 7.732   14.444  3.306   1.00 30.29 ? 124 ASN A ND2 1 
ATOM 889 N N   . ILE A 1 125 ? 3.685   11.635  2.914   1.00 32.83 ? 125 ILE A N   1 
ATOM 890 C CA  . ILE A 1 125 ? 3.603   10.626  1.853   1.00 35.90 ? 125 ILE A CA  1 
ATOM 891 C C   . ILE A 1 125 ? 3.922   11.122  0.442   1.00 37.36 ? 125 ILE A C   1 
ATOM 892 O O   . ILE A 1 125 ? 3.209   11.961  -0.121  1.00 37.51 ? 125 ILE A O   1 
ATOM 893 C CB  . ILE A 1 125 ? 2.225   9.932   1.864   1.00 36.93 ? 125 ILE A CB  1 
ATOM 894 C CG1 . ILE A 1 125 ? 1.968   9.368   3.261   1.00 38.13 ? 125 ILE A CG1 1 
ATOM 895 C CG2 . ILE A 1 125 ? 2.190   8.798   0.832   1.00 37.83 ? 125 ILE A CG2 1 
ATOM 896 C CD1 . ILE A 1 125 ? 0.776   8.517   3.355   1.00 40.90 ? 125 ILE A CD1 1 
ATOM 897 N N   . THR A 1 126 ? 4.997   10.589  -0.133  1.00 38.77 ? 126 THR A N   1 
ATOM 898 C CA  . THR A 1 126 ? 5.407   10.951  -1.484  1.00 39.83 ? 126 THR A CA  1 
ATOM 899 C C   . THR A 1 126 ? 5.279   9.768   -2.446  1.00 39.79 ? 126 THR A C   1 
ATOM 900 O O   . THR A 1 126 ? 5.485   8.609   -2.056  1.00 42.24 ? 126 THR A O   1 
ATOM 901 C CB  . THR A 1 126 ? 6.865   11.386  -1.456  1.00 40.33 ? 126 THR A CB  1 
ATOM 902 O OG1 . THR A 1 126 ? 7.656   10.313  -0.930  1.00 43.28 ? 126 THR A OG1 1 
ATOM 903 C CG2 . THR A 1 126 ? 7.056   12.517  -0.455  1.00 41.80 ? 126 THR A CG2 1 
ATOM 904 N N   . HIS A 1 127 ? 5.006   10.053  -3.716  1.00 37.05 ? 127 HIS A N   1 
ATOM 905 C CA  . HIS A 1 127 ? 4.984   8.992   -4.717  1.00 33.09 ? 127 HIS A CA  1 
ATOM 906 C C   . HIS A 1 127 ? 5.927   9.208   -5.908  1.00 31.83 ? 127 HIS A C   1 
ATOM 907 O O   . HIS A 1 127 ? 6.377   10.324  -6.161  1.00 29.38 ? 127 HIS A O   1 
ATOM 908 C CB  . HIS A 1 127 ? 3.554   8.784   -5.197  1.00 33.25 ? 127 HIS A CB  1 
ATOM 909 C CG  . HIS A 1 127 ? 2.941   10.009  -5.787  1.00 30.51 ? 127 HIS A CG  1 
ATOM 910 N ND1 . HIS A 1 127 ? 2.186   10.892  -5.047  1.00 33.56 ? 127 HIS A ND1 1 
ATOM 911 C CD2 . HIS A 1 127 ? 2.993   10.510  -7.042  1.00 33.35 ? 127 HIS A CD2 1 
ATOM 912 C CE1 . HIS A 1 127 ? 1.816   11.899  -5.819  1.00 36.27 ? 127 HIS A CE1 1 
ATOM 913 N NE2 . HIS A 1 127 ? 2.275   11.681  -7.039  1.00 36.17 ? 127 HIS A NE2 1 
ATOM 914 N N   . SER A 1 128 ? 6.225   8.135   -6.640  1.00 29.53 ? 128 SER A N   1 
ATOM 915 C CA  . SER A 1 128 ? 7.035   8.230   -7.849  1.00 27.79 ? 128 SER A CA  1 
ATOM 916 C C   . SER A 1 128 ? 6.775   6.990   -8.702  1.00 27.62 ? 128 SER A C   1 
ATOM 917 O O   . SER A 1 128 ? 6.206   6.018   -8.193  1.00 29.39 ? 128 SER A O   1 
ATOM 918 C CB  . SER A 1 128 ? 8.518   8.369   -7.487  1.00 27.72 ? 128 SER A CB  1 
ATOM 919 O OG  . SER A 1 128 ? 9.088   7.133   -7.105  1.00 30.92 ? 128 SER A OG  1 
ATOM 920 N N   . TYR A 1 129 ? 7.121   7.002   -9.989  1.00 24.56 ? 129 TYR A N   1 
ATOM 921 C CA  . TYR A 1 129 ? 6.817   5.829   -10.792 1.00 22.40 ? 129 TYR A CA  1 
ATOM 922 C C   . TYR A 1 129 ? 7.821   5.638   -11.896 1.00 21.85 ? 129 TYR A C   1 
ATOM 923 O O   . TYR A 1 129 ? 8.499   6.572   -12.285 1.00 20.04 ? 129 TYR A O   1 
ATOM 924 C CB  . TYR A 1 129 ? 5.417   5.931   -11.405 1.00 22.07 ? 129 TYR A CB  1 
ATOM 925 C CG  . TYR A 1 129 ? 5.292   6.970   -12.514 1.00 22.86 ? 129 TYR A CG  1 
ATOM 926 C CD1 . TYR A 1 129 ? 5.398   6.615   -13.856 1.00 24.36 ? 129 TYR A CD1 1 
ATOM 927 C CD2 . TYR A 1 129 ? 5.112   8.318   -12.217 1.00 20.55 ? 129 TYR A CD2 1 
ATOM 928 C CE1 . TYR A 1 129 ? 5.288   7.572   -14.869 1.00 20.71 ? 129 TYR A CE1 1 
ATOM 929 C CE2 . TYR A 1 129 ? 4.984   9.264   -13.211 1.00 19.32 ? 129 TYR A CE2 1 
ATOM 930 C CZ  . TYR A 1 129 ? 5.099   8.893   -14.534 1.00 20.98 ? 129 TYR A CZ  1 
ATOM 931 O OH  . TYR A 1 129 ? 5.033   9.872   -15.500 1.00 15.18 ? 129 TYR A OH  1 
ATOM 932 N N   . GLU A 1 130 ? 7.828   4.445   -12.473 1.00 22.00 ? 130 GLU A N   1 
ATOM 933 C CA  . GLU A 1 130 ? 8.549   4.199   -13.715 1.00 23.10 ? 130 GLU A CA  1 
ATOM 934 C C   . GLU A 1 130 ? 7.754   3.226   -14.560 1.00 24.86 ? 130 GLU A C   1 
ATOM 935 O O   . GLU A 1 130 ? 6.878   2.505   -14.045 1.00 28.64 ? 130 GLU A O   1 
ATOM 936 C CB  . GLU A 1 130 ? 9.955   3.649   -13.474 1.00 22.57 ? 130 GLU A CB  1 
ATOM 937 C CG  . GLU A 1 130 ? 10.065  2.300   -12.767 1.00 28.10 ? 130 GLU A CG  1 
ATOM 938 C CD  . GLU A 1 130 ? 11.505  1.933   -12.439 1.00 33.48 ? 130 GLU A CD  1 
ATOM 939 O OE1 . GLU A 1 130 ? 12.251  1.564   -13.369 1.00 36.08 ? 130 GLU A OE1 1 
ATOM 940 O OE2 . GLU A 1 130 ? 11.919  2.029   -11.258 1.00 38.39 ? 130 GLU A OE2 1 
ATOM 941 N N   . VAL A 1 131 ? 8.038   3.208   -15.857 1.00 23.65 ? 131 VAL A N   1 
ATOM 942 C CA  . VAL A 1 131 ? 7.248   2.410   -16.774 1.00 23.02 ? 131 VAL A CA  1 
ATOM 943 C C   . VAL A 1 131 ? 8.176   1.452   -17.501 1.00 23.70 ? 131 VAL A C   1 
ATOM 944 O O   . VAL A 1 131 ? 9.141   1.870   -18.086 1.00 24.38 ? 131 VAL A O   1 
ATOM 945 C CB  . VAL A 1 131 ? 6.512   3.315   -17.769 1.00 22.60 ? 131 VAL A CB  1 
ATOM 946 C CG1 . VAL A 1 131 ? 5.619   2.485   -18.672 1.00 19.61 ? 131 VAL A CG1 1 
ATOM 947 C CG2 . VAL A 1 131 ? 5.682   4.314   -17.003 1.00 20.93 ? 131 VAL A CG2 1 
ATOM 948 N N   . VAL A 1 132 ? 7.880   0.162   -17.487 1.00 25.48 ? 132 VAL A N   1 
ATOM 949 C CA  . VAL A 1 132 ? 8.724   -0.821  -18.147 1.00 25.97 ? 132 VAL A CA  1 
ATOM 950 C C   . VAL A 1 132 ? 7.908   -1.452  -19.277 1.00 27.92 ? 132 VAL A C   1 
ATOM 951 O O   . VAL A 1 132 ? 6.728   -1.775  -19.107 1.00 28.94 ? 132 VAL A O   1 
ATOM 952 C CB  . VAL A 1 132 ? 9.129   -1.875  -17.103 1.00 25.93 ? 132 VAL A CB  1 
ATOM 953 C CG1 . VAL A 1 132 ? 9.797   -3.078  -17.718 1.00 23.75 ? 132 VAL A CG1 1 
ATOM 954 C CG2 . VAL A 1 132 ? 10.028  -1.235  -16.066 1.00 27.07 ? 132 VAL A CG2 1 
ATOM 955 N N   . ALA A 1 133 ? 8.522   -1.625  -20.441 1.00 29.61 ? 133 ALA A N   1 
ATOM 956 C CA  . ALA A 1 133 ? 7.897   -2.395  -21.521 1.00 30.73 ? 133 ALA A CA  1 
ATOM 957 C C   . ALA A 1 133 ? 7.785   -3.877  -21.145 1.00 31.19 ? 133 ALA A C   1 
ATOM 958 O O   . ALA A 1 133 ? 8.680   -4.415  -20.507 1.00 32.68 ? 133 ALA A O   1 
ATOM 959 C CB  . ALA A 1 133 ? 8.726   -2.227  -22.791 1.00 30.39 ? 133 ALA A CB  1 
ATOM 960 N N   . ALA A 1 134 ? 6.723   -4.575  -21.527 1.00 32.27 ? 134 ALA A N   1 
ATOM 961 C CA  . ALA A 1 134 ? 6.723   -6.026  -21.297 1.00 33.20 ? 134 ALA A CA  1 
ATOM 962 C C   . ALA A 1 134 ? 7.451   -6.932  -22.317 1.00 33.40 ? 134 ALA A C   1 
ATOM 963 O O   . ALA A 1 134 ? 7.508   -6.670  -23.525 1.00 34.43 ? 134 ALA A O   1 
ATOM 964 C CB  . ALA A 1 134 ? 5.319   -6.531  -21.002 1.00 33.22 ? 134 ALA A CB  1 
# 
